data_3RSY
#
_entry.id   3RSY
#
_cell.length_a   86.100
_cell.length_b   103.780
_cell.length_c   99.150
_cell.angle_alpha   90.000
_cell.angle_beta   96.570
_cell.angle_gamma   90.000
#
_symmetry.space_group_name_H-M   'P 1 21 1'
#
loop_
_entity.id
_entity.type
_entity.pdbx_description
1 polymer 'Cellobiose phosphorylase'
2 non-polymer 'SULFATE ION'
3 non-polymer GLYCEROL
4 water water
#
_entity_poly.entity_id   1
_entity_poly.type   'polypeptide(L)'
_entity_poly.pdbx_seq_one_letter_code
;MRYGHFDDEAREYVITTPHTPYPWINYLGSEQFFSLLSHQAGGYSFYRDAKMRRLTRYRYNNIPADAGGRYLYVNDGGDV
WTPSWLPVKADLDHFEARHGLGYSTITGERNGVRVETLFFVPVGENAEVQKVTVTNTSDSYKSLTLFSFVEFCLWNAQDD
QTNYQRNLSIGEVEVEQESPHGSAIYHRTEYRERRDHYAVFAVNTQAEGFDTDRDTFVGAYNSLGEAAVPLKGESANSVA
SGWYPIGSHSVAVSLAPGESRELVYVLGYVENPDEEKWADDAKQVVNKERAHALLSRFATSEQTDAAFAALKDYWTDLLS
TYSVSSNDEKLDRMVNIWNQYQCMVTFNMSRSASFFETGIGRGMGFRDSNQDLLGFVHLIPERARERIIDIASTQFADGS
AYHQYQPLTKRGNNDIGSGFNDDPLWLIAGTAAYIKETGDFSILDEPVPFDNEPGSEVPLFEHLTRSFEFTVTHRGPHGL
PLIGRADWNDCLNLNCFSTTPGESFQTTENQAGGVAESTFIAAQFVLYGEQYAELAARRGLADVADRARGHVAEMRDALL
TDGWDGSWFLRAYDYYGNPIGTDAHDEGKIWIEPQGFAVMAGVGVGEGPQDTDAPAIKALDSVNEMLATDHGMVLQYPAY
TTYQVHMGEVSTYPPGYKENGGIFCHNNPWVIIAETVVGRGGRAFDYYKRITPAYREDISDVHRLEPYVYAQMIAGKEAV
RHGEAKNSWLTGTAAWNFVTVSQYLLGVRPEYDGLVVDPQIGPDVPSFTVTRVARGATYEITVTNSGTDGSRGRLVVDGT
PVEGNLVPYAPAGSTVRVDVTL
;
_entity_poly.pdbx_strand_id   A,B
#
loop_
_chem_comp.id
_chem_comp.type
_chem_comp.name
_chem_comp.formula
GOL non-polymer GLYCEROL 'C3 H8 O3'
SO4 non-polymer 'SULFATE ION' 'O4 S -2'
#
# COMPACT_ATOMS: atom_id res chain seq x y z
N MET A 1 -5.75 -28.67 21.35
CA MET A 1 -5.49 -27.60 22.33
C MET A 1 -6.35 -26.37 22.10
N ARG A 2 -6.82 -25.81 23.21
CA ARG A 2 -7.62 -24.57 23.24
C ARG A 2 -6.85 -23.44 23.90
N TYR A 3 -7.24 -22.20 23.62
CA TYR A 3 -6.54 -21.04 24.14
C TYR A 3 -7.56 -20.15 24.90
N GLY A 4 -8.66 -20.77 25.31
CA GLY A 4 -9.77 -20.05 25.92
C GLY A 4 -11.00 -20.94 25.95
N HIS A 5 -12.15 -20.32 26.20
CA HIS A 5 -13.41 -21.05 26.29
C HIS A 5 -14.58 -20.09 26.12
N PHE A 6 -15.71 -20.64 25.67
CA PHE A 6 -16.93 -19.84 25.54
C PHE A 6 -17.58 -19.63 26.90
N ASP A 7 -18.09 -18.42 27.12
CA ASP A 7 -18.90 -18.13 28.31
C ASP A 7 -20.28 -17.81 27.78
N ASP A 8 -21.13 -18.82 27.71
CA ASP A 8 -22.40 -18.71 27.02
C ASP A 8 -23.35 -17.73 27.72
N GLU A 9 -23.37 -17.80 29.02
CA GLU A 9 -24.19 -16.89 29.78
C GLU A 9 -23.85 -15.42 29.45
N ALA A 10 -22.58 -15.13 29.35
CA ALA A 10 -22.09 -13.79 29.04
C ALA A 10 -22.09 -13.46 27.54
N ARG A 11 -22.27 -14.45 26.66
CA ARG A 11 -22.19 -14.21 25.23
CA ARG A 11 -22.22 -14.22 25.23
C ARG A 11 -20.83 -13.60 24.83
N GLU A 12 -19.78 -14.24 25.36
CA GLU A 12 -18.36 -13.88 25.15
C GLU A 12 -17.50 -15.10 24.85
N TYR A 13 -16.41 -14.89 24.10
CA TYR A 13 -15.32 -15.88 24.05
C TYR A 13 -14.22 -15.42 25.00
N VAL A 14 -13.74 -16.32 25.85
CA VAL A 14 -12.78 -15.93 26.88
C VAL A 14 -11.41 -16.46 26.57
N ILE A 15 -10.49 -15.55 26.21
CA ILE A 15 -9.17 -15.92 25.82
C ILE A 15 -8.25 -15.85 27.03
N THR A 16 -7.74 -16.98 27.45
CA THR A 16 -7.01 -17.04 28.73
C THR A 16 -5.48 -16.96 28.65
N THR A 17 -4.98 -16.58 27.50
CA THR A 17 -3.55 -16.39 27.34
C THR A 17 -3.31 -15.41 26.19
N PRO A 18 -2.20 -14.68 26.24
CA PRO A 18 -1.85 -13.78 25.11
C PRO A 18 -1.31 -14.56 23.95
N HIS A 19 -0.87 -15.79 24.24
CA HIS A 19 -0.16 -16.64 23.27
C HIS A 19 -1.10 -17.52 22.45
N THR A 20 -1.92 -16.86 21.65
CA THR A 20 -2.71 -17.51 20.66
C THR A 20 -1.88 -17.83 19.41
N PRO A 21 -2.35 -18.83 18.64
N PRO A 21 -2.32 -18.82 18.61
CA PRO A 21 -1.69 -19.19 17.38
CA PRO A 21 -1.62 -19.17 17.36
C PRO A 21 -1.69 -18.04 16.36
C PRO A 21 -1.65 -18.02 16.36
N TYR A 22 -2.55 -17.06 16.61
CA TYR A 22 -2.67 -15.90 15.72
C TYR A 22 -3.50 -14.81 16.43
N PRO A 23 -3.42 -13.59 15.95
CA PRO A 23 -4.21 -12.54 16.61
C PRO A 23 -5.68 -12.79 16.39
N TRP A 24 -6.43 -12.72 17.46
CA TRP A 24 -7.86 -13.03 17.35
C TRP A 24 -8.67 -11.78 17.65
N ILE A 25 -9.52 -11.43 16.70
CA ILE A 25 -10.19 -10.15 16.75
C ILE A 25 -11.69 -10.16 16.99
N ASN A 26 -12.17 -8.98 17.39
CA ASN A 26 -13.58 -8.64 17.49
C ASN A 26 -13.86 -7.35 16.68
N TYR A 27 -15.12 -7.09 16.30
CA TYR A 27 -15.53 -5.86 15.64
C TYR A 27 -16.47 -5.04 16.56
N LEU A 28 -16.15 -3.76 16.74
CA LEU A 28 -16.98 -2.83 17.52
C LEU A 28 -17.70 -1.90 16.58
N GLY A 29 -18.89 -1.47 16.95
CA GLY A 29 -19.63 -0.58 16.06
C GLY A 29 -20.75 -1.31 15.34
N SER A 30 -21.91 -0.69 15.34
CA SER A 30 -23.09 -1.25 14.71
C SER A 30 -23.75 -0.31 13.74
N GLU A 31 -23.20 0.89 13.52
CA GLU A 31 -23.93 1.79 12.63
C GLU A 31 -23.05 2.43 11.57
N GLN A 32 -22.24 3.41 11.95
CA GLN A 32 -21.33 3.95 10.96
C GLN A 32 -19.88 4.08 11.41
N PHE A 33 -19.61 3.87 12.69
CA PHE A 33 -18.27 3.94 13.18
C PHE A 33 -17.83 2.57 13.59
N PHE A 34 -16.73 2.11 13.03
CA PHE A 34 -16.26 0.77 13.32
C PHE A 34 -14.80 0.66 13.76
N SER A 35 -14.54 -0.33 14.63
CA SER A 35 -13.20 -0.65 15.15
C SER A 35 -12.86 -2.12 14.97
N LEU A 36 -11.62 -2.41 14.57
CA LEU A 36 -11.10 -3.77 14.71
C LEU A 36 -10.30 -3.84 15.98
N LEU A 37 -10.52 -4.88 16.78
CA LEU A 37 -9.84 -4.96 18.08
C LEU A 37 -9.31 -6.37 18.33
N SER A 38 -8.00 -6.53 18.39
CA SER A 38 -7.50 -7.87 18.70
C SER A 38 -7.48 -8.13 20.20
N HIS A 39 -7.13 -9.36 20.58
CA HIS A 39 -7.06 -9.69 21.99
C HIS A 39 -5.82 -9.11 22.62
N GLN A 40 -5.07 -8.36 21.83
CA GLN A 40 -3.94 -7.63 22.36
C GLN A 40 -4.12 -6.15 22.10
N ALA A 41 -5.36 -5.75 21.85
CA ALA A 41 -5.70 -4.33 21.75
C ALA A 41 -5.25 -3.70 20.44
N GLY A 42 -4.83 -4.55 19.53
CA GLY A 42 -4.38 -4.10 18.23
C GLY A 42 -5.54 -3.83 17.31
N GLY A 43 -5.28 -3.02 16.31
CA GLY A 43 -6.32 -2.76 15.38
C GLY A 43 -6.40 -1.29 15.11
N TYR A 44 -7.53 -0.95 14.51
CA TYR A 44 -7.79 0.43 14.17
C TYR A 44 -9.28 0.73 14.02
N SER A 45 -9.59 2.00 13.79
CA SER A 45 -10.95 2.47 13.71
C SER A 45 -11.11 3.40 12.55
N PHE A 46 -12.35 3.52 12.09
CA PHE A 46 -12.66 4.37 10.90
C PHE A 46 -14.13 4.74 10.92
N TYR A 47 -14.46 5.80 10.21
CA TYR A 47 -15.84 6.23 10.09
C TYR A 47 -16.32 5.98 8.67
N ARG A 48 -17.18 4.97 8.52
CA ARG A 48 -17.81 4.55 7.25
C ARG A 48 -16.86 3.91 6.24
N ASP A 49 -15.76 4.59 5.99
CA ASP A 49 -14.88 4.27 4.85
C ASP A 49 -13.50 3.99 5.43
N ALA A 50 -13.09 2.72 5.40
CA ALA A 50 -11.80 2.33 5.97
C ALA A 50 -10.62 2.74 5.12
N LYS A 51 -10.88 3.15 3.89
CA LYS A 51 -9.81 3.64 3.04
C LYS A 51 -9.62 5.15 3.20
N MET A 52 -10.73 5.87 3.32
CA MET A 52 -10.70 7.33 3.22
C MET A 52 -11.10 8.09 4.50
N ARG A 53 -11.53 7.39 5.57
CA ARG A 53 -11.65 8.02 6.90
C ARG A 53 -11.11 7.18 8.04
N ARG A 54 -9.88 6.71 7.95
CA ARG A 54 -9.36 5.90 9.03
C ARG A 54 -8.74 6.82 10.09
N LEU A 55 -9.15 6.64 11.34
CA LEU A 55 -8.65 7.51 12.36
C LEU A 55 -7.26 7.20 12.79
N THR A 56 -7.01 5.90 12.88
CA THR A 56 -5.77 5.36 13.46
C THR A 56 -5.06 4.35 12.55
N ARG A 57 -3.74 4.30 12.72
CA ARG A 57 -2.83 3.54 11.86
C ARG A 57 -2.58 2.16 12.39
N TYR A 58 -2.56 1.19 11.48
CA TYR A 58 -2.25 -0.18 11.80
C TYR A 58 -1.42 -0.78 10.69
N ARG A 59 -0.41 -1.55 11.11
CA ARG A 59 0.55 -2.13 10.18
C ARG A 59 0.22 -3.60 9.99
N TYR A 60 -0.16 -3.99 8.77
CA TYR A 60 -0.30 -5.42 8.47
C TYR A 60 1.06 -6.02 8.19
N ASN A 61 1.25 -7.28 8.53
CA ASN A 61 2.51 -7.97 8.34
C ASN A 61 3.62 -7.28 9.10
N ASN A 62 3.31 -6.88 10.32
CA ASN A 62 4.29 -6.35 11.24
C ASN A 62 5.07 -7.50 11.91
N ILE A 63 6.32 -7.21 12.29
CA ILE A 63 7.10 -8.15 13.03
C ILE A 63 7.39 -7.51 14.35
N PRO A 64 6.69 -7.98 15.41
N PRO A 64 6.69 -7.96 15.40
CA PRO A 64 5.71 -9.07 15.27
CA PRO A 64 5.77 -9.08 15.25
C PRO A 64 4.36 -8.60 14.79
C PRO A 64 4.39 -8.60 14.77
N ALA A 65 3.47 -9.52 14.51
CA ALA A 65 2.12 -9.38 14.02
C ALA A 65 1.37 -8.58 15.05
N ASP A 66 0.61 -7.59 14.57
CA ASP A 66 -0.37 -6.94 15.44
C ASP A 66 0.22 -6.18 16.60
N ALA A 67 1.26 -5.41 16.39
CA ALA A 67 1.90 -4.78 17.52
C ALA A 67 1.71 -3.27 17.51
N GLY A 68 0.50 -2.83 17.22
CA GLY A 68 0.14 -1.44 17.38
C GLY A 68 -1.35 -1.40 17.64
N GLY A 69 -1.73 -0.65 18.65
CA GLY A 69 -3.13 -0.58 18.98
C GLY A 69 -3.35 0.50 20.01
N ARG A 70 -4.35 0.27 20.85
CA ARG A 70 -4.71 1.18 21.92
C ARG A 70 -4.02 0.76 23.17
N TYR A 71 -2.90 1.38 23.50
CA TYR A 71 -2.11 0.94 24.62
C TYR A 71 -2.19 1.83 25.89
N LEU A 72 -1.95 1.21 27.03
CA LEU A 72 -1.91 1.94 28.28
C LEU A 72 -0.65 1.46 28.99
N TYR A 73 0.39 2.25 28.93
CA TYR A 73 1.64 1.94 29.59
C TYR A 73 1.52 2.22 31.08
N VAL A 74 1.78 1.23 31.91
CA VAL A 74 1.74 1.42 33.36
C VAL A 74 3.16 1.54 33.89
N ASN A 75 3.41 2.64 34.57
CA ASN A 75 4.69 2.84 35.25
C ASN A 75 4.46 2.70 36.76
N ASP A 76 4.95 1.60 37.34
CA ASP A 76 4.82 1.34 38.78
C ASP A 76 6.22 1.41 39.37
N GLY A 77 6.57 2.55 39.96
CA GLY A 77 7.93 2.78 40.45
C GLY A 77 9.07 2.52 39.46
N GLY A 78 8.82 2.79 38.19
CA GLY A 78 9.86 2.62 37.18
C GLY A 78 9.72 1.40 36.29
N ASP A 79 8.98 0.40 36.76
CA ASP A 79 8.69 -0.79 35.99
C ASP A 79 7.58 -0.41 35.06
N VAL A 80 7.73 -0.72 33.78
CA VAL A 80 6.71 -0.32 32.79
C VAL A 80 6.15 -1.56 32.16
N TRP A 81 4.83 -1.63 32.09
CA TRP A 81 4.18 -2.79 31.52
C TRP A 81 2.87 -2.42 30.82
N THR A 82 2.39 -3.30 29.97
CA THR A 82 1.10 -3.05 29.37
C THR A 82 0.20 -4.26 29.62
N PRO A 83 -1.08 -3.98 30.02
N PRO A 83 -1.06 -3.98 29.98
CA PRO A 83 -2.03 -5.05 30.37
CA PRO A 83 -1.98 -5.04 30.36
C PRO A 83 -2.38 -5.91 29.17
C PRO A 83 -2.34 -5.92 29.16
N SER A 84 -2.28 -5.34 27.98
CA SER A 84 -2.51 -6.08 26.74
C SER A 84 -1.37 -7.07 26.38
N TRP A 85 -0.48 -7.26 27.35
CA TRP A 85 0.81 -7.94 27.18
C TRP A 85 1.66 -7.18 26.17
N LEU A 86 1.37 -7.38 24.91
CA LEU A 86 2.03 -6.58 23.89
C LEU A 86 1.71 -5.11 24.15
N PRO A 87 2.63 -4.19 23.76
CA PRO A 87 3.88 -4.47 23.07
C PRO A 87 5.07 -4.70 23.99
N VAL A 88 4.89 -4.48 25.27
CA VAL A 88 6.03 -4.50 26.17
C VAL A 88 6.45 -5.95 26.49
N LYS A 89 5.46 -6.84 26.55
CA LYS A 89 5.66 -8.27 26.84
C LYS A 89 6.36 -8.53 28.17
N ALA A 90 5.94 -7.77 29.17
CA ALA A 90 6.35 -8.00 30.54
C ALA A 90 5.54 -9.13 31.13
N ASP A 91 6.16 -9.87 32.04
CA ASP A 91 5.46 -11.04 32.61
C ASP A 91 4.30 -10.55 33.46
N LEU A 92 3.12 -11.11 33.18
CA LEU A 92 1.91 -10.73 33.91
C LEU A 92 1.52 -11.87 34.86
N ASP A 93 0.97 -11.52 36.01
CA ASP A 93 0.46 -12.54 36.93
C ASP A 93 -0.85 -13.08 36.42
N HIS A 94 -1.59 -12.25 35.68
CA HIS A 94 -2.88 -12.67 35.16
C HIS A 94 -3.15 -11.97 33.85
N PHE A 95 -3.81 -12.70 32.96
CA PHE A 95 -4.24 -12.14 31.68
C PHE A 95 -5.54 -12.75 31.23
N GLU A 96 -6.41 -11.92 30.69
CA GLU A 96 -7.66 -12.42 30.09
C GLU A 96 -8.19 -11.39 29.12
N ALA A 97 -8.70 -11.89 28.01
CA ALA A 97 -9.38 -11.06 27.05
C ALA A 97 -10.76 -11.69 26.82
N ARG A 98 -11.80 -10.87 26.81
CA ARG A 98 -13.15 -11.39 26.54
C ARG A 98 -13.71 -10.64 25.37
N HIS A 99 -14.04 -11.37 24.32
CA HIS A 99 -14.66 -10.80 23.13
C HIS A 99 -16.14 -11.07 23.16
N GLY A 100 -16.93 -10.02 23.28
CA GLY A 100 -18.37 -10.14 23.38
C GLY A 100 -19.01 -9.43 22.25
N LEU A 101 -20.29 -9.15 22.34
CA LEU A 101 -20.98 -8.66 21.14
C LEU A 101 -20.86 -7.13 20.99
N GLY A 102 -19.87 -6.70 20.23
CA GLY A 102 -19.69 -5.27 20.00
C GLY A 102 -18.86 -4.61 21.10
N TYR A 103 -18.27 -5.45 21.94
CA TYR A 103 -17.44 -4.99 23.01
C TYR A 103 -16.43 -6.08 23.33
N SER A 104 -15.33 -5.67 23.96
CA SER A 104 -14.37 -6.63 24.48
C SER A 104 -13.81 -6.03 25.77
N THR A 105 -13.29 -6.89 26.63
CA THR A 105 -12.54 -6.42 27.78
C THR A 105 -11.17 -7.08 27.72
N ILE A 106 -10.16 -6.38 28.20
CA ILE A 106 -8.83 -6.94 28.34
C ILE A 106 -8.29 -6.59 29.70
N THR A 107 -7.77 -7.61 30.38
CA THR A 107 -7.39 -7.45 31.75
C THR A 107 -5.97 -7.97 31.89
N GLY A 108 -5.13 -7.23 32.60
CA GLY A 108 -3.78 -7.66 32.85
C GLY A 108 -3.36 -7.26 34.23
N GLU A 109 -2.56 -8.08 34.88
CA GLU A 109 -2.13 -7.77 36.25
C GLU A 109 -0.65 -8.09 36.43
N ARG A 110 0.08 -7.20 37.10
CA ARG A 110 1.50 -7.40 37.30
C ARG A 110 1.92 -6.69 38.62
N ASN A 111 2.59 -7.43 39.49
CA ASN A 111 3.07 -6.85 40.72
C ASN A 111 2.04 -6.03 41.53
N GLY A 112 0.85 -6.56 41.76
CA GLY A 112 -0.05 -5.92 42.70
C GLY A 112 -0.94 -4.85 42.09
N VAL A 113 -0.93 -4.75 40.77
CA VAL A 113 -1.73 -3.76 40.05
C VAL A 113 -2.51 -4.41 38.92
N ARG A 114 -3.82 -4.29 38.93
CA ARG A 114 -4.67 -4.86 37.90
C ARG A 114 -5.29 -3.75 37.05
N VAL A 115 -5.35 -3.97 35.74
CA VAL A 115 -5.98 -3.01 34.83
C VAL A 115 -6.98 -3.72 33.93
N GLU A 116 -8.24 -3.28 33.97
CA GLU A 116 -9.27 -3.86 33.13
C GLU A 116 -9.78 -2.80 32.18
N THR A 117 -9.69 -3.07 30.88
CA THR A 117 -10.16 -2.13 29.92
C THR A 117 -11.33 -2.67 29.15
N LEU A 118 -12.46 -2.01 29.28
CA LEU A 118 -13.63 -2.26 28.45
C LEU A 118 -13.58 -1.36 27.22
N PHE A 119 -13.64 -1.96 26.03
CA PHE A 119 -13.63 -1.25 24.75
C PHE A 119 -14.99 -1.44 24.08
N PHE A 120 -15.58 -0.35 23.62
CA PHE A 120 -16.81 -0.44 22.88
C PHE A 120 -17.15 0.79 22.08
N VAL A 121 -17.94 0.63 21.01
CA VAL A 121 -18.50 1.76 20.27
C VAL A 121 -19.96 1.86 20.67
N PRO A 122 -20.32 2.96 21.31
CA PRO A 122 -21.68 3.13 21.86
C PRO A 122 -22.68 3.35 20.75
N VAL A 123 -23.93 2.97 20.96
CA VAL A 123 -24.96 3.20 19.97
C VAL A 123 -25.20 4.67 19.86
N GLY A 124 -25.45 5.13 18.65
CA GLY A 124 -25.70 6.53 18.46
C GLY A 124 -24.45 7.40 18.53
N GLU A 125 -23.24 6.83 18.76
CA GLU A 125 -21.98 7.65 18.77
C GLU A 125 -20.95 7.16 17.74
N ASN A 126 -20.25 8.10 17.14
CA ASN A 126 -19.12 7.78 16.31
C ASN A 126 -17.87 7.90 17.15
N ALA A 127 -17.61 6.88 17.96
CA ALA A 127 -16.53 6.96 18.90
C ALA A 127 -16.18 5.62 19.49
N GLU A 128 -14.91 5.44 19.83
CA GLU A 128 -14.51 4.26 20.57
C GLU A 128 -14.21 4.68 22.01
N VAL A 129 -14.89 4.05 22.95
CA VAL A 129 -14.77 4.40 24.34
C VAL A 129 -14.05 3.29 25.06
N GLN A 130 -13.21 3.66 26.03
CA GLN A 130 -12.48 2.73 26.88
C GLN A 130 -12.71 3.07 28.33
N LYS A 131 -13.34 2.16 29.07
CA LYS A 131 -13.47 2.28 30.53
C LYS A 131 -12.37 1.45 31.22
N VAL A 132 -11.46 2.13 31.85
CA VAL A 132 -10.35 1.52 32.50
C VAL A 132 -10.49 1.50 34.03
N THR A 133 -10.42 0.30 34.60
CA THR A 133 -10.46 0.12 35.99
C THR A 133 -9.08 -0.35 36.43
N VAL A 134 -8.48 0.40 37.35
CA VAL A 134 -7.17 0.09 37.88
C VAL A 134 -7.36 -0.30 39.32
N THR A 135 -6.74 -1.41 39.74
CA THR A 135 -6.94 -1.90 41.10
C THR A 135 -5.65 -2.28 41.81
N ASN A 136 -5.51 -1.81 43.03
CA ASN A 136 -4.36 -2.16 43.84
C ASN A 136 -4.69 -3.47 44.57
N THR A 137 -4.08 -4.57 44.13
CA THR A 137 -4.38 -5.87 44.70
C THR A 137 -3.33 -6.31 45.71
N SER A 138 -2.39 -5.42 46.02
CA SER A 138 -1.29 -5.73 46.91
C SER A 138 -1.64 -5.31 48.34
N ASP A 139 -0.70 -5.56 49.25
CA ASP A 139 -0.84 -5.09 50.65
C ASP A 139 -0.06 -3.80 50.85
N SER A 140 0.43 -3.24 49.75
CA SER A 140 1.14 -1.96 49.82
C SER A 140 0.54 -0.84 48.96
N TYR A 141 0.92 0.39 49.28
CA TYR A 141 0.42 1.55 48.60
C TYR A 141 1.13 1.71 47.27
N LYS A 142 0.37 2.15 46.27
CA LYS A 142 0.88 2.28 44.90
C LYS A 142 0.73 3.70 44.43
N SER A 143 1.76 4.21 43.78
CA SER A 143 1.63 5.48 43.07
C SER A 143 2.11 5.27 41.65
N LEU A 144 1.17 5.39 40.72
CA LEU A 144 1.40 5.04 39.32
C LEU A 144 1.19 6.25 38.42
N THR A 145 1.79 6.16 37.25
CA THR A 145 1.47 7.06 36.17
C THR A 145 1.08 6.17 35.00
N LEU A 146 -0.06 6.49 34.36
CA LEU A 146 -0.52 5.67 33.23
C LEU A 146 -0.43 6.50 31.97
N PHE A 147 0.19 5.96 30.93
CA PHE A 147 0.31 6.72 29.69
C PHE A 147 -0.54 6.06 28.60
N SER A 148 -1.55 6.79 28.14
CA SER A 148 -2.36 6.27 27.07
C SER A 148 -1.59 6.46 25.79
N PHE A 149 -2.00 5.74 24.75
CA PHE A 149 -1.28 5.84 23.50
C PHE A 149 -2.13 5.38 22.35
N VAL A 150 -2.15 6.20 21.31
CA VAL A 150 -2.74 5.74 20.06
C VAL A 150 -2.09 6.46 18.89
N GLU A 151 -1.88 5.75 17.78
CA GLU A 151 -1.23 6.33 16.63
C GLU A 151 -2.24 6.76 15.56
N PHE A 152 -2.18 8.03 15.17
CA PHE A 152 -3.17 8.49 14.22
C PHE A 152 -2.80 8.12 12.80
N CYS A 153 -3.82 7.93 11.96
CA CYS A 153 -3.64 7.78 10.51
C CYS A 153 -3.99 9.10 9.90
N LEU A 154 -3.49 9.36 8.71
CA LEU A 154 -3.83 10.63 8.02
C LEU A 154 -5.02 10.47 7.14
N TRP A 155 -6.01 9.76 7.69
CA TRP A 155 -7.35 9.71 7.13
C TRP A 155 -7.45 8.85 5.89
N ASN A 156 -6.72 9.21 4.85
CA ASN A 156 -6.67 8.35 3.64
C ASN A 156 -5.54 7.38 3.87
N ALA A 157 -5.89 6.11 4.11
CA ALA A 157 -4.92 5.16 4.52
C ALA A 157 -3.97 4.75 3.37
N GLN A 158 -4.45 4.88 2.14
CA GLN A 158 -3.62 4.58 1.00
C GLN A 158 -2.49 5.59 0.89
N ASP A 159 -2.87 6.85 0.80
CA ASP A 159 -1.92 7.96 0.84
C ASP A 159 -0.97 7.79 2.02
N ASP A 160 -1.55 7.58 3.20
CA ASP A 160 -0.80 7.51 4.45
C ASP A 160 0.44 6.59 4.31
N GLN A 161 0.29 5.48 3.60
CA GLN A 161 1.33 4.48 3.48
C GLN A 161 2.19 4.63 2.24
N THR A 162 1.93 5.65 1.45
CA THR A 162 2.59 5.75 0.15
C THR A 162 3.18 7.14 -0.19
N ASN A 163 2.43 8.20 0.04
CA ASN A 163 2.78 9.52 -0.43
C ASN A 163 3.55 10.31 0.63
N TYR A 164 4.56 9.70 1.21
CA TYR A 164 5.36 10.34 2.24
C TYR A 164 5.97 11.67 1.76
N GLN A 165 6.24 11.78 0.47
CA GLN A 165 6.86 13.00 -0.08
C GLN A 165 5.97 14.24 0.19
N ARG A 166 4.68 14.04 0.34
CA ARG A 166 3.80 15.12 0.81
C ARG A 166 3.55 14.98 2.29
N ASN A 167 3.18 13.77 2.70
CA ASN A 167 2.40 13.66 3.91
C ASN A 167 3.20 13.64 5.20
N LEU A 168 4.55 13.62 5.11
CA LEU A 168 5.33 13.75 6.36
C LEU A 168 5.41 15.21 6.80
N SER A 169 4.84 16.10 5.97
CA SER A 169 4.84 17.54 6.27
C SER A 169 3.45 18.08 6.66
N ILE A 170 2.41 17.23 6.70
CA ILE A 170 1.07 17.80 6.89
C ILE A 170 0.40 17.49 8.22
N GLY A 171 1.01 16.62 9.04
CA GLY A 171 0.40 16.24 10.30
C GLY A 171 0.21 17.44 11.21
N GLU A 172 -1.02 17.68 11.64
CA GLU A 172 -1.30 18.76 12.61
C GLU A 172 -2.22 18.31 13.73
N VAL A 173 -1.97 18.89 14.90
CA VAL A 173 -2.77 18.68 16.08
C VAL A 173 -3.07 19.99 16.77
N GLU A 174 -3.99 19.96 17.73
CA GLU A 174 -4.13 20.97 18.75
C GLU A 174 -4.20 20.24 20.06
N VAL A 175 -3.73 20.89 21.12
CA VAL A 175 -3.73 20.35 22.46
C VAL A 175 -4.56 21.22 23.44
N GLU A 176 -5.36 20.54 24.28
CA GLU A 176 -6.29 21.14 25.22
C GLU A 176 -6.13 20.40 26.50
N GLN A 177 -5.15 20.78 27.31
CA GLN A 177 -4.88 20.12 28.58
C GLN A 177 -5.96 20.47 29.63
N GLU A 178 -6.60 21.61 29.44
CA GLU A 178 -7.69 22.03 30.34
C GLU A 178 -8.99 21.99 29.56
N SER A 179 -9.44 20.77 29.34
CA SER A 179 -10.70 20.50 28.64
C SER A 179 -11.83 20.46 29.71
N PRO A 180 -13.09 20.67 29.29
CA PRO A 180 -14.12 20.86 30.33
C PRO A 180 -14.27 19.68 31.29
N HIS A 181 -13.97 18.46 30.85
CA HIS A 181 -14.06 17.34 31.77
C HIS A 181 -12.79 16.54 31.86
N GLY A 182 -11.67 17.12 31.45
CA GLY A 182 -10.42 16.41 31.56
C GLY A 182 -9.34 16.99 30.64
N SER A 183 -8.81 16.17 29.75
CA SER A 183 -7.80 16.61 28.83
C SER A 183 -7.99 15.95 27.48
N ALA A 184 -7.70 16.71 26.43
CA ALA A 184 -8.06 16.26 25.08
C ALA A 184 -6.99 16.67 24.06
N ILE A 185 -6.79 15.82 23.06
CA ILE A 185 -5.97 16.07 21.92
C ILE A 185 -6.82 15.97 20.66
N TYR A 186 -6.57 16.88 19.73
CA TYR A 186 -7.31 16.87 18.47
C TYR A 186 -6.35 16.60 17.30
N HIS A 187 -6.69 15.58 16.50
CA HIS A 187 -5.95 15.35 15.29
C HIS A 187 -6.69 15.99 14.13
N ARG A 188 -6.07 17.00 13.53
CA ARG A 188 -6.77 17.83 12.56
C ARG A 188 -6.05 17.95 11.21
N THR A 189 -5.35 16.90 10.80
CA THR A 189 -4.54 16.96 9.58
C THR A 189 -5.46 17.31 8.44
N GLU A 190 -5.07 18.31 7.64
CA GLU A 190 -5.81 18.68 6.44
C GLU A 190 -7.18 19.31 6.73
N TYR A 191 -7.43 19.66 8.00
CA TYR A 191 -8.65 20.42 8.32
C TYR A 191 -8.49 21.83 7.75
N ARG A 192 -7.27 22.30 7.64
CA ARG A 192 -7.06 23.67 7.08
C ARG A 192 -7.51 23.75 5.63
N GLU A 193 -7.59 22.61 5.00
CA GLU A 193 -7.97 22.59 3.62
C GLU A 193 -9.36 22.01 3.45
N ARG A 194 -9.43 20.86 2.80
CA ARG A 194 -10.72 20.35 2.33
C ARG A 194 -11.52 19.51 3.33
N ARG A 195 -10.88 19.09 4.44
CA ARG A 195 -11.57 18.21 5.40
C ARG A 195 -12.42 18.97 6.40
N ASP A 196 -13.66 18.50 6.58
CA ASP A 196 -14.57 19.11 7.51
C ASP A 196 -14.65 18.31 8.81
N HIS A 197 -13.68 17.43 9.01
CA HIS A 197 -13.69 16.48 10.14
C HIS A 197 -12.35 16.50 10.84
N TYR A 198 -12.37 16.14 12.12
CA TYR A 198 -11.15 15.93 12.87
C TYR A 198 -11.40 14.76 13.85
N ALA A 199 -10.33 14.29 14.51
CA ALA A 199 -10.45 13.27 15.57
C ALA A 199 -10.13 13.85 16.93
N VAL A 200 -10.85 13.39 17.96
CA VAL A 200 -10.52 13.78 19.35
C VAL A 200 -10.12 12.56 20.21
N PHE A 201 -9.11 12.76 21.05
CA PHE A 201 -8.61 11.71 21.93
C PHE A 201 -8.49 12.30 23.32
N ALA A 202 -9.25 11.75 24.27
CA ALA A 202 -9.49 12.45 25.53
C ALA A 202 -9.62 11.47 26.69
N VAL A 203 -9.40 12.01 27.90
CA VAL A 203 -9.57 11.26 29.14
C VAL A 203 -10.38 12.14 30.10
N ASN A 204 -11.18 11.52 30.96
CA ASN A 204 -12.11 12.31 31.80
C ASN A 204 -11.52 12.76 33.13
N THR A 205 -10.25 13.14 33.08
CA THR A 205 -9.62 13.69 34.27
C THR A 205 -8.45 14.57 33.79
N GLN A 206 -7.93 15.38 34.71
CA GLN A 206 -6.84 16.27 34.37
C GLN A 206 -5.61 15.45 34.13
N ALA A 207 -5.05 15.54 32.93
CA ALA A 207 -3.82 14.82 32.64
C ALA A 207 -2.62 15.59 33.22
N GLU A 208 -1.65 14.87 33.73
CA GLU A 208 -0.41 15.48 34.17
C GLU A 208 0.33 16.11 32.99
N GLY A 209 0.32 15.44 31.84
CA GLY A 209 1.01 15.90 30.66
C GLY A 209 0.46 15.23 29.42
N PHE A 210 1.11 15.44 28.29
CA PHE A 210 0.64 14.92 27.00
C PHE A 210 1.81 14.67 26.01
N ASP A 211 1.51 13.99 24.90
CA ASP A 211 2.48 13.88 23.81
C ASP A 211 1.70 13.63 22.57
N THR A 212 2.08 14.32 21.52
CA THR A 212 1.45 14.18 20.22
C THR A 212 2.42 13.85 19.09
N ASP A 213 3.69 13.71 19.43
CA ASP A 213 4.69 13.33 18.44
C ASP A 213 5.26 11.93 18.71
N ARG A 214 5.04 10.99 17.78
CA ARG A 214 5.44 9.63 18.01
C ARG A 214 6.90 9.52 18.39
N ASP A 215 7.77 10.14 17.59
CA ASP A 215 9.20 9.91 17.77
C ASP A 215 9.69 10.42 19.08
N THR A 216 9.00 11.43 19.61
CA THR A 216 9.33 11.92 20.96
C THR A 216 8.89 10.90 22.03
N PHE A 217 7.60 10.57 22.04
CA PHE A 217 7.08 9.55 22.93
C PHE A 217 7.92 8.26 22.87
N VAL A 218 8.11 7.75 21.67
CA VAL A 218 8.65 6.41 21.58
C VAL A 218 10.16 6.44 21.71
N GLY A 219 10.78 7.44 21.09
CA GLY A 219 12.25 7.53 21.07
C GLY A 219 12.88 6.93 19.84
N ALA A 220 13.94 7.57 19.37
CA ALA A 220 14.73 7.07 18.24
C ALA A 220 15.17 5.62 18.47
N TYR A 221 15.13 4.80 17.42
CA TYR A 221 15.73 3.45 17.50
C TYR A 221 14.89 2.47 18.36
N ASN A 222 13.77 2.96 18.94
CA ASN A 222 12.90 2.09 19.76
C ASN A 222 11.59 1.59 19.15
N SER A 223 11.17 0.42 19.61
CA SER A 223 9.89 -0.13 19.27
C SER A 223 8.87 0.36 20.29
N LEU A 224 7.59 0.10 20.03
CA LEU A 224 6.57 0.48 21.02
C LEU A 224 6.78 -0.24 22.36
N GLY A 225 7.35 -1.42 22.31
CA GLY A 225 7.61 -2.15 23.57
C GLY A 225 8.67 -1.53 24.43
N GLU A 226 9.30 -0.49 23.90
CA GLU A 226 10.52 0.10 24.49
C GLU A 226 10.38 1.62 24.64
N ALA A 227 9.16 2.13 24.50
CA ALA A 227 8.88 3.57 24.49
C ALA A 227 9.58 4.32 25.61
N ALA A 228 10.26 5.40 25.22
CA ALA A 228 11.09 6.20 26.12
C ALA A 228 10.32 6.97 27.17
N VAL A 229 9.22 7.57 26.75
CA VAL A 229 8.54 8.48 27.68
C VAL A 229 7.98 7.71 28.88
N PRO A 230 7.25 6.62 28.63
CA PRO A 230 6.78 5.84 29.80
C PRO A 230 7.90 5.38 30.71
N LEU A 231 9.05 5.00 30.14
CA LEU A 231 10.17 4.54 30.97
C LEU A 231 10.79 5.70 31.76
N LYS A 232 10.73 6.91 31.20
CA LYS A 232 11.22 8.09 31.90
C LYS A 232 10.28 8.46 33.06
N GLY A 233 8.98 8.25 32.85
CA GLY A 233 8.01 8.38 33.93
C GLY A 233 7.29 9.70 33.88
N GLU A 234 7.50 10.47 32.81
CA GLU A 234 6.82 11.77 32.67
C GLU A 234 6.67 12.11 31.18
N SER A 235 5.52 12.62 30.81
CA SER A 235 5.31 13.09 29.45
C SER A 235 6.26 14.17 29.01
N ALA A 236 6.49 14.20 27.69
CA ALA A 236 7.37 15.20 27.09
C ALA A 236 6.64 16.42 26.62
N ASN A 237 5.31 16.35 26.60
CA ASN A 237 4.48 17.48 26.16
C ASN A 237 4.82 17.96 24.74
N SER A 238 5.15 16.96 23.91
CA SER A 238 5.48 17.17 22.50
C SER A 238 4.30 17.64 21.66
N VAL A 239 4.57 18.66 20.84
CA VAL A 239 3.61 19.16 19.88
C VAL A 239 4.05 18.84 18.44
N ALA A 240 3.24 18.05 17.76
CA ALA A 240 3.63 17.54 16.42
C ALA A 240 3.64 18.63 15.38
N SER A 241 4.58 18.49 14.45
CA SER A 241 4.66 19.35 13.29
C SER A 241 5.16 18.44 12.16
N GLY A 242 4.22 17.83 11.45
CA GLY A 242 4.59 16.83 10.46
C GLY A 242 4.84 15.50 11.13
N TRP A 243 5.45 14.61 10.37
CA TRP A 243 5.88 13.30 10.85
C TRP A 243 4.66 12.54 11.39
N TYR A 244 4.76 11.92 12.58
CA TYR A 244 3.71 11.04 13.02
C TYR A 244 2.99 11.47 14.31
N PRO A 245 1.85 12.15 14.12
CA PRO A 245 0.96 12.53 15.23
C PRO A 245 0.46 11.29 16.00
N ILE A 246 0.41 11.44 17.31
CA ILE A 246 -0.22 10.44 18.17
C ILE A 246 -1.02 11.17 19.26
N GLY A 247 -1.77 10.37 20.00
CA GLY A 247 -2.56 10.82 21.13
C GLY A 247 -2.04 10.11 22.35
N SER A 248 -1.59 10.91 23.33
CA SER A 248 -1.18 10.34 24.62
C SER A 248 -1.36 11.32 25.77
N HIS A 249 -1.86 10.79 26.89
CA HIS A 249 -1.93 11.52 28.16
C HIS A 249 -1.26 10.73 29.26
N SER A 250 -0.62 11.42 30.18
CA SER A 250 -0.24 10.74 31.40
C SER A 250 -1.21 11.13 32.49
N VAL A 251 -1.55 10.17 33.33
CA VAL A 251 -2.52 10.37 34.42
C VAL A 251 -1.91 9.76 35.69
N ALA A 252 -1.97 10.50 36.80
CA ALA A 252 -1.38 10.03 38.05
C ALA A 252 -2.47 9.27 38.80
N VAL A 253 -2.09 8.15 39.38
CA VAL A 253 -3.07 7.27 40.01
C VAL A 253 -2.43 6.74 41.27
N SER A 254 -2.85 7.25 42.43
CA SER A 254 -2.36 6.68 43.68
C SER A 254 -3.46 5.88 44.34
N LEU A 255 -3.04 4.79 44.97
CA LEU A 255 -4.02 3.87 45.51
C LEU A 255 -3.54 3.14 46.76
N ALA A 256 -4.44 3.10 47.71
CA ALA A 256 -4.24 2.34 48.92
C ALA A 256 -4.54 0.90 48.60
N PRO A 257 -4.04 -0.01 49.44
CA PRO A 257 -4.35 -1.41 49.22
C PRO A 257 -5.84 -1.67 49.05
N GLY A 258 -6.21 -2.37 47.97
CA GLY A 258 -7.60 -2.71 47.72
C GLY A 258 -8.34 -1.63 46.93
N GLU A 259 -7.69 -0.48 46.81
CA GLU A 259 -8.35 0.66 46.21
C GLU A 259 -8.34 0.58 44.71
N SER A 260 -9.39 1.10 44.11
CA SER A 260 -9.45 1.16 42.65
C SER A 260 -9.74 2.53 42.12
N ARG A 261 -9.56 2.67 40.82
CA ARG A 261 -9.83 3.94 40.19
C ARG A 261 -10.31 3.69 38.78
N GLU A 262 -11.33 4.45 38.39
CA GLU A 262 -11.90 4.34 37.07
C GLU A 262 -11.65 5.59 36.23
N LEU A 263 -11.35 5.33 34.94
CA LEU A 263 -11.03 6.35 33.96
C LEU A 263 -11.75 6.02 32.68
N VAL A 264 -12.19 7.06 31.97
CA VAL A 264 -12.84 6.91 30.69
C VAL A 264 -12.09 7.69 29.62
N TYR A 265 -11.67 6.96 28.57
CA TYR A 265 -10.91 7.53 27.43
C TYR A 265 -11.84 7.48 26.25
N VAL A 266 -11.79 8.49 25.41
CA VAL A 266 -12.64 8.54 24.27
C VAL A 266 -11.79 8.84 23.04
N LEU A 267 -12.09 8.12 21.97
CA LEU A 267 -11.51 8.39 20.67
C LEU A 267 -12.67 8.67 19.74
N GLY A 268 -12.85 9.93 19.39
CA GLY A 268 -14.04 10.32 18.70
C GLY A 268 -13.81 10.98 17.36
N TYR A 269 -14.84 10.92 16.54
CA TYR A 269 -14.79 11.43 15.17
C TYR A 269 -15.79 12.57 15.08
N VAL A 270 -15.34 13.70 14.57
CA VAL A 270 -16.12 14.90 14.59
C VAL A 270 -16.14 15.61 13.21
N GLU A 271 -17.34 16.00 12.75
CA GLU A 271 -17.52 16.75 11.53
C GLU A 271 -18.22 18.08 11.87
N ASN A 272 -17.81 19.17 11.21
CA ASN A 272 -18.52 20.44 11.40
C ASN A 272 -19.00 20.93 10.07
N PRO A 273 -20.19 21.55 10.03
CA PRO A 273 -20.61 22.13 8.75
C PRO A 273 -19.64 23.22 8.32
N ASP A 274 -19.51 23.49 7.03
CA ASP A 274 -18.39 24.34 6.61
C ASP A 274 -18.49 25.71 7.23
N GLU A 275 -19.72 26.15 7.41
CA GLU A 275 -19.96 27.43 8.04
C GLU A 275 -19.45 27.51 9.49
N GLU A 276 -19.30 26.37 10.16
CA GLU A 276 -18.97 26.30 11.59
C GLU A 276 -17.60 25.68 11.88
N LYS A 277 -16.69 25.69 10.90
CA LYS A 277 -15.40 25.00 11.08
C LYS A 277 -14.50 25.61 12.14
N TRP A 278 -14.55 26.94 12.22
CA TRP A 278 -13.53 27.66 12.96
C TRP A 278 -14.12 28.36 14.19
N ALA A 279 -13.33 28.36 15.27
CA ALA A 279 -13.71 29.05 16.49
C ALA A 279 -13.33 30.50 16.42
N ASP A 280 -12.44 30.84 15.49
CA ASP A 280 -11.84 32.18 15.46
C ASP A 280 -12.02 32.85 14.11
N ASP A 281 -12.10 34.17 14.10
CA ASP A 281 -12.17 34.84 12.80
C ASP A 281 -10.92 34.62 11.91
N ALA A 282 -9.75 34.29 12.46
CA ALA A 282 -8.57 34.08 11.62
C ALA A 282 -8.45 32.68 11.03
N LYS A 283 -9.36 31.81 11.44
CA LYS A 283 -9.52 30.48 10.87
C LYS A 283 -8.31 29.61 11.12
N GLN A 284 -7.83 29.65 12.36
CA GLN A 284 -6.67 28.85 12.78
C GLN A 284 -7.01 27.84 13.91
N VAL A 285 -8.21 27.93 14.46
CA VAL A 285 -8.54 27.14 15.64
C VAL A 285 -9.82 26.37 15.35
N VAL A 286 -9.79 25.04 15.49
CA VAL A 286 -10.96 24.27 15.16
C VAL A 286 -12.06 24.55 16.16
N ASN A 287 -13.26 24.48 15.66
CA ASN A 287 -14.43 24.65 16.49
C ASN A 287 -14.72 23.36 17.18
N LYS A 288 -14.63 23.39 18.50
CA LYS A 288 -14.61 22.17 19.30
C LYS A 288 -15.95 21.87 19.98
N GLU A 289 -17.00 22.59 19.60
CA GLU A 289 -18.26 22.47 20.30
C GLU A 289 -18.71 21.02 20.31
N ARG A 290 -18.69 20.42 19.14
CA ARG A 290 -19.23 19.06 19.01
C ARG A 290 -18.40 18.02 19.80
N ALA A 291 -17.09 18.25 19.92
CA ALA A 291 -16.20 17.33 20.64
C ALA A 291 -16.37 17.46 22.13
N HIS A 292 -16.58 18.70 22.57
CA HIS A 292 -16.91 18.95 23.99
C HIS A 292 -18.22 18.31 24.39
N ALA A 293 -19.17 18.27 23.48
CA ALA A 293 -20.45 17.63 23.72
C ALA A 293 -20.32 16.12 23.86
N LEU A 294 -19.61 15.51 22.92
CA LEU A 294 -19.33 14.08 23.01
C LEU A 294 -18.64 13.74 24.33
N LEU A 295 -17.58 14.46 24.62
CA LEU A 295 -16.80 14.27 25.86
C LEU A 295 -17.64 14.45 27.13
N SER A 296 -18.67 15.31 27.05
CA SER A 296 -19.65 15.54 28.15
C SER A 296 -20.60 14.35 28.35
N ARG A 297 -20.82 13.57 27.30
CA ARG A 297 -21.69 12.40 27.40
C ARG A 297 -20.93 11.19 27.91
N PHE A 298 -19.60 11.33 28.06
CA PHE A 298 -18.76 10.27 28.63
C PHE A 298 -17.82 10.80 29.64
N ALA A 299 -18.30 11.72 30.48
CA ALA A 299 -17.48 12.31 31.51
C ALA A 299 -17.50 11.48 32.80
N THR A 300 -18.46 10.56 32.92
CA THR A 300 -18.48 9.71 34.10
C THR A 300 -18.61 8.20 33.87
N SER A 301 -18.18 7.43 34.88
CA SER A 301 -18.36 5.97 34.84
C SER A 301 -19.81 5.61 34.65
N GLU A 302 -20.66 6.30 35.38
CA GLU A 302 -22.07 6.04 35.29
C GLU A 302 -22.65 6.22 33.89
N GLN A 303 -22.21 7.27 33.19
CA GLN A 303 -22.69 7.44 31.79
C GLN A 303 -22.24 6.31 30.88
N THR A 304 -20.99 5.98 31.07
CA THR A 304 -20.36 4.95 30.29
C THR A 304 -21.14 3.66 30.53
N ASP A 305 -21.48 3.36 31.79
CA ASP A 305 -22.21 2.13 32.11
C ASP A 305 -23.57 2.06 31.46
N ALA A 306 -24.27 3.19 31.37
CA ALA A 306 -25.58 3.18 30.73
C ALA A 306 -25.39 2.88 29.27
N ALA A 307 -24.42 3.54 28.66
CA ALA A 307 -24.20 3.31 27.23
C ALA A 307 -23.86 1.87 26.96
N PHE A 308 -23.01 1.29 27.80
CA PHE A 308 -22.69 -0.13 27.64
C PHE A 308 -23.94 -0.99 27.77
N ALA A 309 -24.82 -0.61 28.67
CA ALA A 309 -26.03 -1.39 28.92
C ALA A 309 -27.03 -1.22 27.76
N ALA A 310 -26.96 -0.11 27.03
CA ALA A 310 -27.83 0.11 25.88
C ALA A 310 -27.35 -0.70 24.67
N LEU A 311 -26.06 -0.89 24.60
CA LEU A 311 -25.48 -1.76 23.57
C LEU A 311 -25.94 -3.19 23.75
N LYS A 312 -25.81 -3.70 24.97
CA LYS A 312 -26.25 -5.04 25.27
C LYS A 312 -27.71 -5.21 24.89
N ASP A 313 -28.55 -4.26 25.24
CA ASP A 313 -29.98 -4.31 24.86
C ASP A 313 -30.17 -4.37 23.34
N TYR A 314 -29.37 -3.58 22.63
CA TYR A 314 -29.32 -3.61 21.17
C TYR A 314 -29.17 -5.06 20.68
N TRP A 315 -28.13 -5.73 21.13
CA TRP A 315 -27.83 -7.09 20.65
C TRP A 315 -28.77 -8.14 21.18
N THR A 316 -29.22 -7.97 22.42
CA THR A 316 -30.19 -8.90 22.99
C THR A 316 -31.47 -8.77 22.20
N ASP A 317 -31.91 -7.54 21.95
CA ASP A 317 -33.16 -7.41 21.21
C ASP A 317 -33.01 -7.89 19.78
N LEU A 318 -31.83 -7.75 19.20
CA LEU A 318 -31.73 -8.10 17.81
C LEU A 318 -31.60 -9.60 17.60
N LEU A 319 -30.84 -10.29 18.44
CA LEU A 319 -30.74 -11.74 18.31
C LEU A 319 -31.89 -12.40 19.07
N SER A 320 -33.11 -12.05 18.68
CA SER A 320 -34.26 -12.63 19.34
C SER A 320 -35.24 -13.25 18.36
N THR A 321 -34.77 -13.58 17.16
CA THR A 321 -35.66 -14.05 16.10
C THR A 321 -35.55 -15.56 15.86
N TYR A 322 -34.36 -16.11 16.08
CA TYR A 322 -34.12 -17.55 15.93
C TYR A 322 -33.28 -18.13 17.07
N SER A 323 -33.82 -19.13 17.76
CA SER A 323 -33.06 -19.74 18.82
C SER A 323 -33.38 -21.21 18.96
N VAL A 324 -32.42 -21.93 19.49
CA VAL A 324 -32.54 -23.36 19.63
C VAL A 324 -32.01 -23.79 20.99
N SER A 325 -32.62 -24.86 21.51
CA SER A 325 -32.22 -25.43 22.79
C SER A 325 -32.10 -26.92 22.61
N SER A 326 -30.92 -27.48 22.85
CA SER A 326 -30.73 -28.87 22.55
C SER A 326 -29.77 -29.49 23.52
N ASN A 327 -29.52 -30.79 23.32
CA ASN A 327 -28.51 -31.50 24.06
C ASN A 327 -27.12 -30.99 23.73
N ASP A 328 -27.03 -30.37 22.56
CA ASP A 328 -25.76 -30.02 21.94
C ASP A 328 -25.45 -28.55 22.13
N GLU A 329 -24.64 -28.26 23.14
CA GLU A 329 -24.39 -26.90 23.49
C GLU A 329 -23.34 -26.22 22.64
N LYS A 330 -22.67 -26.96 21.77
CA LYS A 330 -21.86 -26.36 20.74
C LYS A 330 -22.74 -25.85 19.64
N LEU A 331 -23.72 -26.68 19.29
CA LEU A 331 -24.74 -26.34 18.28
C LEU A 331 -25.48 -25.09 18.71
N ASP A 332 -25.99 -25.16 19.94
CA ASP A 332 -26.73 -24.06 20.50
C ASP A 332 -25.97 -22.75 20.38
N ARG A 333 -24.70 -22.72 20.80
CA ARG A 333 -24.02 -21.44 20.83
C ARG A 333 -23.73 -20.86 19.45
N MET A 334 -23.52 -21.73 18.47
CA MET A 334 -23.31 -21.26 17.10
C MET A 334 -24.62 -20.67 16.56
N VAL A 335 -25.71 -21.41 16.72
CA VAL A 335 -26.98 -20.95 16.25
C VAL A 335 -27.53 -19.73 16.98
N ASN A 336 -27.40 -19.74 18.29
CA ASN A 336 -28.03 -18.71 19.09
C ASN A 336 -27.23 -17.37 19.10
N ILE A 337 -25.90 -17.48 19.10
CA ILE A 337 -25.08 -16.31 19.25
C ILE A 337 -24.14 -16.08 18.04
N TRP A 338 -23.11 -16.91 17.90
CA TRP A 338 -21.95 -16.56 17.05
C TRP A 338 -22.17 -16.53 15.57
N ASN A 339 -23.00 -17.41 15.05
CA ASN A 339 -23.22 -17.43 13.62
C ASN A 339 -24.01 -16.18 13.25
N GLN A 340 -24.99 -15.83 14.07
CA GLN A 340 -25.82 -14.63 13.83
C GLN A 340 -25.04 -13.29 14.02
N TYR A 341 -24.26 -13.19 15.11
CA TYR A 341 -23.27 -12.10 15.26
C TYR A 341 -22.43 -11.97 14.00
N GLN A 342 -21.82 -13.08 13.59
CA GLN A 342 -20.93 -13.02 12.41
C GLN A 342 -21.70 -12.49 11.21
N CYS A 343 -22.94 -12.94 11.04
CA CYS A 343 -23.70 -12.51 9.87
C CYS A 343 -24.00 -11.01 9.90
N MET A 344 -24.30 -10.43 11.08
CA MET A 344 -24.53 -8.99 11.13
C MET A 344 -23.25 -8.22 10.80
N VAL A 345 -22.12 -8.76 11.25
CA VAL A 345 -20.85 -8.07 11.07
C VAL A 345 -20.48 -8.08 9.58
N THR A 346 -20.76 -9.17 8.87
CA THR A 346 -20.58 -9.08 7.41
C THR A 346 -21.50 -8.04 6.78
N PHE A 347 -22.75 -7.93 7.22
CA PHE A 347 -23.57 -6.82 6.69
C PHE A 347 -22.86 -5.47 6.93
N ASN A 348 -22.47 -5.27 8.18
CA ASN A 348 -21.91 -3.98 8.62
C ASN A 348 -20.60 -3.62 7.94
N MET A 349 -19.75 -4.62 7.78
CA MET A 349 -18.37 -4.43 7.31
C MET A 349 -18.15 -4.81 5.85
N SER A 350 -19.08 -5.55 5.27
CA SER A 350 -18.92 -6.04 3.89
C SER A 350 -17.66 -6.90 3.73
N ARG A 351 -16.75 -6.53 2.83
CA ARG A 351 -15.48 -7.26 2.72
C ARG A 351 -14.26 -6.31 2.92
N SER A 352 -14.51 -5.22 3.62
CA SER A 352 -13.55 -4.11 3.74
C SER A 352 -12.28 -4.40 4.55
N ALA A 353 -12.45 -4.61 5.85
CA ALA A 353 -11.31 -4.71 6.76
C ALA A 353 -11.38 -5.86 7.75
N SER A 354 -10.30 -6.63 7.82
CA SER A 354 -10.17 -7.66 8.81
C SER A 354 -8.63 -7.76 9.07
N PHE A 355 -8.13 -8.84 9.67
CA PHE A 355 -6.68 -8.96 9.73
C PHE A 355 -6.08 -9.60 8.47
N PHE A 356 -6.95 -9.91 7.50
CA PHE A 356 -6.51 -10.35 6.17
C PHE A 356 -6.87 -9.41 5.05
N GLU A 357 -8.01 -8.72 5.17
CA GLU A 357 -8.37 -7.69 4.19
C GLU A 357 -7.87 -6.37 4.77
N THR A 358 -7.20 -5.54 3.95
CA THR A 358 -6.52 -4.38 4.52
C THR A 358 -7.28 -3.04 4.52
N GLY A 359 -8.51 -3.03 4.03
CA GLY A 359 -9.33 -1.84 4.24
C GLY A 359 -9.08 -0.74 3.21
N ILE A 360 -8.31 -1.07 2.18
CA ILE A 360 -8.10 -0.18 1.07
C ILE A 360 -9.21 -0.37 0.00
N GLY A 361 -9.50 -1.61 -0.32
CA GLY A 361 -10.62 -1.88 -1.22
C GLY A 361 -11.93 -1.75 -0.46
N ARG A 362 -12.91 -1.13 -1.11
CA ARG A 362 -14.18 -0.85 -0.44
C ARG A 362 -15.39 -1.47 -1.08
N GLY A 363 -15.18 -2.28 -2.10
CA GLY A 363 -16.27 -3.00 -2.71
C GLY A 363 -16.52 -4.40 -2.19
N MET A 364 -17.62 -4.97 -2.68
CA MET A 364 -17.90 -6.38 -2.48
C MET A 364 -18.59 -6.88 -3.74
N GLY A 365 -18.62 -8.18 -3.89
CA GLY A 365 -19.27 -8.82 -5.03
C GLY A 365 -20.75 -8.57 -5.00
N PHE A 366 -21.34 -8.33 -6.15
CA PHE A 366 -22.79 -8.30 -6.33
C PHE A 366 -23.37 -9.60 -5.81
N ARG A 367 -22.68 -10.68 -6.12
CA ARG A 367 -23.14 -11.99 -5.66
C ARG A 367 -23.06 -12.08 -4.12
N ASP A 368 -22.02 -11.48 -3.51
CA ASP A 368 -21.85 -11.50 -2.06
C ASP A 368 -22.97 -10.71 -1.36
N SER A 369 -23.38 -9.63 -1.99
CA SER A 369 -24.41 -8.81 -1.41
C SER A 369 -25.72 -9.57 -1.26
N ASN A 370 -26.06 -10.35 -2.28
CA ASN A 370 -27.30 -11.12 -2.22
C ASN A 370 -27.14 -12.27 -1.26
N GLN A 371 -26.03 -12.98 -1.36
CA GLN A 371 -25.86 -14.16 -0.50
C GLN A 371 -25.79 -13.82 0.97
N ASP A 372 -25.06 -12.74 1.28
CA ASP A 372 -24.96 -12.31 2.67
C ASP A 372 -26.41 -12.09 3.21
N LEU A 373 -27.26 -11.57 2.33
CA LEU A 373 -28.65 -11.24 2.70
C LEU A 373 -29.39 -12.44 3.32
N LEU A 374 -29.10 -13.61 2.76
CA LEU A 374 -29.76 -14.82 3.14
C LEU A 374 -29.58 -15.08 4.64
N GLY A 375 -28.43 -14.64 5.15
CA GLY A 375 -28.06 -14.86 6.53
C GLY A 375 -28.57 -13.82 7.52
N PHE A 376 -28.85 -12.59 7.07
CA PHE A 376 -29.25 -11.54 7.98
C PHE A 376 -30.68 -11.08 7.81
N VAL A 377 -31.37 -11.56 6.79
CA VAL A 377 -32.69 -11.02 6.48
C VAL A 377 -33.70 -11.18 7.62
N HIS A 378 -33.47 -12.15 8.48
CA HIS A 378 -34.42 -12.43 9.57
C HIS A 378 -34.19 -11.49 10.76
N LEU A 379 -33.04 -10.82 10.72
CA LEU A 379 -32.65 -9.88 11.79
C LEU A 379 -32.95 -8.44 11.43
N ILE A 380 -32.64 -8.06 10.18
CA ILE A 380 -32.79 -6.66 9.77
C ILE A 380 -33.46 -6.60 8.39
N PRO A 381 -34.73 -7.01 8.31
CA PRO A 381 -35.41 -7.08 7.02
C PRO A 381 -35.62 -5.73 6.34
N GLU A 382 -35.84 -4.67 7.17
N GLU A 382 -35.84 -4.64 7.13
CA GLU A 382 -35.99 -3.35 6.65
CA GLU A 382 -35.98 -3.33 6.52
C GLU A 382 -34.69 -2.90 5.92
C GLU A 382 -34.65 -2.90 5.86
N ARG A 383 -33.51 -3.23 6.45
CA ARG A 383 -32.24 -2.87 5.80
C ARG A 383 -32.03 -3.78 4.56
N ALA A 384 -32.43 -5.05 4.70
CA ALA A 384 -32.41 -6.01 3.60
C ALA A 384 -33.15 -5.49 2.39
N ARG A 385 -34.34 -4.92 2.61
CA ARG A 385 -35.21 -4.48 1.52
C ARG A 385 -34.48 -3.40 0.75
N GLU A 386 -33.81 -2.56 1.55
CA GLU A 386 -33.14 -1.37 1.05
C GLU A 386 -31.94 -1.76 0.18
N ARG A 387 -31.20 -2.74 0.68
CA ARG A 387 -30.03 -3.27 -0.01
C ARG A 387 -30.42 -3.86 -1.35
N ILE A 388 -31.46 -4.68 -1.35
CA ILE A 388 -31.92 -5.24 -2.63
C ILE A 388 -32.22 -4.14 -3.65
N ILE A 389 -32.91 -3.08 -3.20
CA ILE A 389 -33.26 -2.02 -4.13
C ILE A 389 -31.99 -1.31 -4.63
N ASP A 390 -31.07 -1.06 -3.70
CA ASP A 390 -29.81 -0.38 -4.04
C ASP A 390 -29.01 -1.19 -5.05
N ILE A 391 -28.89 -2.50 -4.84
CA ILE A 391 -28.06 -3.23 -5.77
C ILE A 391 -28.78 -3.42 -7.08
N ALA A 392 -30.09 -3.59 -7.04
CA ALA A 392 -30.81 -3.82 -8.30
C ALA A 392 -30.71 -2.59 -9.19
N SER A 393 -30.58 -1.44 -8.57
CA SER A 393 -30.53 -0.17 -9.30
C SER A 393 -29.26 0.04 -10.10
N THR A 394 -28.27 -0.84 -9.92
CA THR A 394 -27.03 -0.75 -10.66
C THR A 394 -27.00 -1.67 -11.87
N GLN A 395 -28.02 -2.54 -11.94
CA GLN A 395 -28.04 -3.59 -12.94
C GLN A 395 -28.28 -2.99 -14.30
N PHE A 396 -27.66 -3.58 -15.33
CA PHE A 396 -27.78 -3.05 -16.68
C PHE A 396 -29.09 -3.45 -17.31
N ALA A 397 -29.47 -2.76 -18.35
CA ALA A 397 -30.76 -3.00 -18.94
C ALA A 397 -30.85 -4.37 -19.57
N ASP A 398 -29.72 -4.91 -20.03
CA ASP A 398 -29.77 -6.24 -20.63
C ASP A 398 -29.71 -7.37 -19.58
N GLY A 399 -29.67 -7.00 -18.30
CA GLY A 399 -29.84 -7.99 -17.25
C GLY A 399 -28.53 -8.31 -16.57
N SER A 400 -27.44 -7.88 -17.21
CA SER A 400 -26.11 -8.12 -16.69
C SER A 400 -25.89 -7.23 -15.46
N ALA A 401 -24.97 -7.60 -14.60
CA ALA A 401 -24.75 -6.90 -13.36
C ALA A 401 -23.32 -6.40 -13.24
N TYR A 402 -23.13 -5.38 -12.41
CA TYR A 402 -21.79 -5.00 -12.05
C TYR A 402 -21.29 -6.09 -11.13
N HIS A 403 -20.11 -6.61 -11.41
CA HIS A 403 -19.57 -7.69 -10.62
C HIS A 403 -19.19 -7.25 -9.21
N GLN A 404 -18.78 -5.99 -9.11
CA GLN A 404 -18.42 -5.42 -7.81
C GLN A 404 -19.31 -4.23 -7.45
N TYR A 405 -19.95 -4.32 -6.27
CA TYR A 405 -20.83 -3.27 -5.76
C TYR A 405 -20.12 -2.48 -4.68
N GLN A 406 -20.25 -1.16 -4.72
CA GLN A 406 -19.65 -0.27 -3.70
C GLN A 406 -20.71 0.22 -2.77
N PRO A 407 -20.83 -0.41 -1.59
N PRO A 407 -20.77 -0.38 -1.59
CA PRO A 407 -21.91 -0.12 -0.63
CA PRO A 407 -21.85 -0.13 -0.66
C PRO A 407 -21.90 1.32 -0.14
C PRO A 407 -21.88 1.32 -0.16
N LEU A 408 -20.73 1.97 -0.14
CA LEU A 408 -20.65 3.29 0.40
C LEU A 408 -21.27 4.30 -0.56
N THR A 409 -21.21 4.00 -1.84
CA THR A 409 -21.74 4.89 -2.84
C THR A 409 -22.97 4.38 -3.55
N LYS A 410 -23.34 3.14 -3.26
CA LYS A 410 -24.50 2.53 -3.89
C LYS A 410 -24.38 2.51 -5.40
N ARG A 411 -23.18 2.22 -5.87
CA ARG A 411 -22.88 2.17 -7.29
C ARG A 411 -22.07 0.92 -7.63
N GLY A 412 -22.12 0.48 -8.88
CA GLY A 412 -21.15 -0.49 -9.34
C GLY A 412 -19.80 0.11 -9.70
N ASN A 413 -18.77 -0.73 -9.57
CA ASN A 413 -17.43 -0.39 -10.01
C ASN A 413 -17.31 -0.44 -11.52
N ASN A 414 -16.96 0.68 -12.12
CA ASN A 414 -16.90 0.79 -13.57
C ASN A 414 -15.65 0.20 -14.19
N ASP A 415 -14.56 0.15 -13.42
CA ASP A 415 -13.31 -0.46 -13.87
C ASP A 415 -13.35 -1.96 -14.03
N ILE A 416 -13.89 -2.63 -13.02
CA ILE A 416 -14.10 -4.06 -13.08
C ILE A 416 -15.19 -4.41 -14.07
N GLY A 417 -16.30 -3.69 -14.03
CA GLY A 417 -17.35 -3.94 -15.02
C GLY A 417 -18.18 -5.20 -14.75
N SER A 418 -18.56 -5.85 -15.84
CA SER A 418 -19.50 -6.97 -15.85
C SER A 418 -18.88 -8.29 -16.37
N GLY A 419 -19.71 -9.20 -16.90
CA GLY A 419 -19.21 -10.38 -17.62
C GLY A 419 -19.05 -11.67 -16.83
N PHE A 420 -19.43 -11.64 -15.55
CA PHE A 420 -19.40 -12.81 -14.71
C PHE A 420 -20.82 -13.31 -14.70
N ASN A 421 -21.04 -14.33 -15.50
CA ASN A 421 -22.39 -14.69 -15.89
C ASN A 421 -23.23 -15.39 -14.84
N ASP A 422 -22.69 -15.59 -13.65
CA ASP A 422 -23.53 -16.06 -12.55
C ASP A 422 -24.13 -14.92 -11.75
N ASP A 423 -23.69 -13.70 -12.02
CA ASP A 423 -24.06 -12.57 -11.18
C ASP A 423 -25.56 -12.26 -11.20
N PRO A 424 -26.17 -12.21 -12.38
CA PRO A 424 -27.55 -11.72 -12.46
C PRO A 424 -28.56 -12.58 -11.71
N LEU A 425 -28.34 -13.88 -11.60
CA LEU A 425 -29.33 -14.73 -10.92
C LEU A 425 -29.38 -14.63 -9.42
N TRP A 426 -28.29 -14.17 -8.82
CA TRP A 426 -28.26 -13.96 -7.37
C TRP A 426 -29.22 -12.90 -6.96
N LEU A 427 -29.63 -12.02 -7.86
CA LEU A 427 -30.65 -11.05 -7.50
C LEU A 427 -31.98 -11.75 -7.20
N ILE A 428 -32.36 -12.72 -7.99
CA ILE A 428 -33.57 -13.50 -7.68
C ILE A 428 -33.47 -14.19 -6.33
N ALA A 429 -32.30 -14.76 -6.04
CA ALA A 429 -32.09 -15.42 -4.76
C ALA A 429 -32.34 -14.46 -3.62
N GLY A 430 -31.73 -13.28 -3.69
CA GLY A 430 -31.90 -12.30 -2.64
C GLY A 430 -33.35 -11.86 -2.48
N THR A 431 -34.00 -11.57 -3.59
CA THR A 431 -35.35 -11.04 -3.54
C THR A 431 -36.37 -12.09 -3.02
N ALA A 432 -36.20 -13.33 -3.44
CA ALA A 432 -37.09 -14.41 -2.98
C ALA A 432 -36.93 -14.60 -1.52
N ALA A 433 -35.67 -14.70 -1.08
CA ALA A 433 -35.41 -14.91 0.35
C ALA A 433 -36.05 -13.79 1.17
N TYR A 434 -35.90 -12.55 0.71
CA TYR A 434 -36.51 -11.44 1.42
C TYR A 434 -38.03 -11.60 1.49
N ILE A 435 -38.65 -11.97 0.37
CA ILE A 435 -40.11 -12.07 0.38
C ILE A 435 -40.59 -13.26 1.21
N LYS A 436 -39.85 -14.36 1.24
CA LYS A 436 -40.27 -15.50 2.03
C LYS A 436 -40.25 -15.14 3.51
N GLU A 437 -39.28 -14.32 3.87
CA GLU A 437 -39.11 -13.99 5.29
C GLU A 437 -40.15 -13.03 5.79
N THR A 438 -40.40 -12.02 4.98
CA THR A 438 -41.24 -10.92 5.39
C THR A 438 -42.63 -10.94 4.82
N GLY A 439 -42.82 -11.55 3.67
CA GLY A 439 -44.12 -11.49 3.01
C GLY A 439 -44.38 -10.18 2.30
N ASP A 440 -43.34 -9.37 2.15
CA ASP A 440 -43.48 -8.07 1.50
C ASP A 440 -43.37 -8.17 -0.03
N PHE A 441 -44.46 -8.63 -0.66
CA PHE A 441 -44.47 -8.78 -2.13
C PHE A 441 -44.47 -7.44 -2.83
N SER A 442 -44.79 -6.41 -2.08
CA SER A 442 -44.80 -5.05 -2.59
C SER A 442 -43.42 -4.58 -3.05
N ILE A 443 -42.35 -5.23 -2.61
CA ILE A 443 -41.02 -4.79 -3.03
C ILE A 443 -40.84 -4.99 -4.52
N LEU A 444 -41.61 -5.91 -5.07
CA LEU A 444 -41.59 -6.23 -6.49
C LEU A 444 -42.16 -5.12 -7.36
N ASP A 445 -42.91 -4.21 -6.75
CA ASP A 445 -43.55 -3.12 -7.49
C ASP A 445 -42.78 -1.80 -7.41
N GLU A 446 -41.72 -1.83 -6.64
CA GLU A 446 -40.90 -0.68 -6.39
C GLU A 446 -40.27 -0.26 -7.73
N PRO A 447 -40.25 1.05 -8.02
CA PRO A 447 -39.60 1.48 -9.27
C PRO A 447 -38.08 1.53 -9.12
N VAL A 448 -37.38 0.82 -9.99
CA VAL A 448 -35.91 0.64 -9.85
C VAL A 448 -35.24 0.86 -11.19
N PRO A 449 -34.29 1.80 -11.24
CA PRO A 449 -33.61 2.14 -12.51
C PRO A 449 -32.64 1.05 -12.95
N PHE A 450 -32.14 1.17 -14.17
CA PHE A 450 -31.00 0.35 -14.63
C PHE A 450 -29.77 1.21 -14.66
N ASP A 451 -28.66 0.67 -14.19
CA ASP A 451 -27.39 1.41 -14.23
C ASP A 451 -27.60 2.82 -13.62
N ASN A 452 -28.49 2.91 -12.63
CA ASN A 452 -28.73 4.15 -11.90
C ASN A 452 -29.00 5.33 -12.82
N GLU A 453 -29.56 5.04 -14.00
CA GLU A 453 -29.97 6.07 -14.96
C GLU A 453 -31.34 6.67 -14.65
N PRO A 454 -31.39 7.99 -14.49
CA PRO A 454 -32.67 8.67 -14.35
C PRO A 454 -33.60 8.41 -15.54
N GLY A 455 -34.88 8.20 -15.22
CA GLY A 455 -35.88 7.94 -16.24
C GLY A 455 -36.05 6.48 -16.61
N SER A 456 -35.22 5.62 -16.06
CA SER A 456 -35.08 4.28 -16.57
C SER A 456 -35.84 3.28 -15.72
N GLU A 457 -36.57 3.80 -14.74
CA GLU A 457 -37.13 2.93 -13.72
C GLU A 457 -38.21 2.02 -14.28
N VAL A 458 -38.17 0.78 -13.80
CA VAL A 458 -39.19 -0.24 -14.07
C VAL A 458 -39.38 -0.97 -12.76
N PRO A 459 -40.50 -1.72 -12.62
N PRO A 459 -40.45 -1.75 -12.65
CA PRO A 459 -40.69 -2.42 -11.32
CA PRO A 459 -40.64 -2.41 -11.36
C PRO A 459 -39.57 -3.42 -11.01
C PRO A 459 -39.52 -3.40 -11.03
N LEU A 460 -39.18 -3.55 -9.76
CA LEU A 460 -38.16 -4.55 -9.39
C LEU A 460 -38.38 -5.90 -10.07
N PHE A 461 -39.63 -6.34 -10.15
CA PHE A 461 -39.89 -7.64 -10.74
C PHE A 461 -39.33 -7.73 -12.15
N GLU A 462 -39.39 -6.65 -12.89
CA GLU A 462 -38.87 -6.69 -14.25
C GLU A 462 -37.36 -6.89 -14.23
N HIS A 463 -36.67 -6.40 -13.21
CA HIS A 463 -35.25 -6.72 -13.08
C HIS A 463 -35.08 -8.22 -12.96
N LEU A 464 -35.92 -8.87 -12.17
CA LEU A 464 -35.81 -10.33 -12.05
C LEU A 464 -35.99 -10.97 -13.42
N THR A 465 -36.87 -10.38 -14.23
CA THR A 465 -37.11 -10.94 -15.58
C THR A 465 -35.86 -10.83 -16.44
N ARG A 466 -35.18 -9.69 -16.34
CA ARG A 466 -34.00 -9.48 -17.18
C ARG A 466 -32.87 -10.36 -16.72
N SER A 467 -32.81 -10.66 -15.43
CA SER A 467 -31.80 -11.60 -14.92
C SER A 467 -32.03 -13.00 -15.45
N PHE A 468 -33.31 -13.39 -15.42
CA PHE A 468 -33.69 -14.69 -15.93
C PHE A 468 -33.42 -14.79 -17.41
N GLU A 469 -33.94 -13.83 -18.16
CA GLU A 469 -33.77 -13.84 -19.59
C GLU A 469 -32.29 -13.76 -20.02
N PHE A 470 -31.46 -13.18 -19.16
CA PHE A 470 -30.04 -13.10 -19.50
C PHE A 470 -29.40 -14.48 -19.69
N THR A 471 -29.75 -15.44 -18.84
CA THR A 471 -29.18 -16.76 -18.95
C THR A 471 -29.77 -17.46 -20.18
N VAL A 472 -31.07 -17.30 -20.37
CA VAL A 472 -31.74 -17.94 -21.49
C VAL A 472 -31.09 -17.57 -22.83
N THR A 473 -30.74 -16.30 -22.99
CA THR A 473 -30.14 -15.82 -24.24
C THR A 473 -28.60 -15.79 -24.20
N HIS A 474 -28.00 -16.41 -23.19
CA HIS A 474 -26.56 -16.64 -23.15
C HIS A 474 -26.19 -18.06 -22.81
N ARG A 475 -26.67 -18.99 -23.61
CA ARG A 475 -26.27 -20.37 -23.45
C ARG A 475 -25.35 -20.85 -24.57
N GLY A 476 -24.64 -21.91 -24.25
CA GLY A 476 -23.65 -22.46 -25.13
C GLY A 476 -24.20 -23.61 -25.94
N PRO A 477 -23.31 -24.26 -26.65
CA PRO A 477 -23.65 -25.35 -27.56
C PRO A 477 -24.44 -26.50 -26.93
N HIS A 478 -24.28 -26.76 -25.63
CA HIS A 478 -25.01 -27.84 -24.98
C HIS A 478 -26.24 -27.38 -24.21
N GLY A 479 -26.61 -26.12 -24.33
CA GLY A 479 -27.75 -25.64 -23.59
C GLY A 479 -27.41 -25.07 -22.23
N LEU A 480 -26.16 -25.28 -21.79
CA LEU A 480 -25.71 -24.75 -20.49
C LEU A 480 -25.25 -23.32 -20.60
N PRO A 481 -25.26 -22.60 -19.48
CA PRO A 481 -24.90 -21.20 -19.56
C PRO A 481 -23.42 -20.94 -19.86
N LEU A 482 -23.22 -19.97 -20.74
CA LEU A 482 -21.87 -19.44 -21.00
C LEU A 482 -21.33 -18.89 -19.71
N ILE A 483 -20.08 -19.18 -19.41
CA ILE A 483 -19.56 -18.84 -18.09
C ILE A 483 -19.11 -17.40 -18.03
N GLY A 484 -18.61 -16.89 -19.15
CA GLY A 484 -18.15 -15.49 -19.15
C GLY A 484 -16.81 -15.47 -18.43
N ARG A 485 -16.54 -14.41 -17.69
CA ARG A 485 -15.19 -14.29 -17.14
C ARG A 485 -14.93 -15.29 -16.07
N ALA A 486 -16.00 -15.66 -15.39
CA ALA A 486 -15.97 -16.69 -14.37
C ALA A 486 -17.39 -16.81 -13.77
N ASP A 487 -17.57 -17.77 -12.87
CA ASP A 487 -18.85 -17.90 -12.18
C ASP A 487 -18.56 -17.75 -10.69
N TRP A 488 -19.27 -18.46 -9.82
CA TRP A 488 -19.06 -18.27 -8.40
C TRP A 488 -17.59 -18.43 -8.14
N ASN A 489 -16.94 -19.30 -8.88
CA ASN A 489 -15.51 -19.52 -8.68
C ASN A 489 -14.73 -18.44 -9.39
N ASP A 490 -14.14 -17.52 -8.64
CA ASP A 490 -13.43 -16.40 -9.24
C ASP A 490 -12.24 -16.84 -10.00
N CYS A 491 -11.79 -18.05 -9.74
CA CYS A 491 -10.53 -18.51 -10.30
C CYS A 491 -10.70 -19.43 -11.50
N LEU A 492 -11.95 -19.68 -11.90
CA LEU A 492 -12.18 -20.47 -13.08
C LEU A 492 -12.40 -19.51 -14.25
N ASN A 493 -11.28 -19.12 -14.88
CA ASN A 493 -11.28 -18.12 -15.97
C ASN A 493 -10.89 -18.78 -17.28
N LEU A 494 -11.89 -19.22 -18.02
CA LEU A 494 -11.72 -20.00 -19.26
C LEU A 494 -11.57 -19.12 -20.49
N ASN A 495 -11.59 -17.82 -20.29
CA ASN A 495 -11.39 -16.89 -21.40
C ASN A 495 -10.24 -15.91 -21.12
N CYS A 496 -9.29 -16.36 -20.30
CA CYS A 496 -8.16 -15.51 -19.89
C CYS A 496 -6.89 -15.73 -20.74
N PHE A 497 -6.33 -16.94 -20.67
CA PHE A 497 -5.14 -17.25 -21.45
C PHE A 497 -4.01 -16.26 -21.17
N SER A 498 -3.69 -16.11 -19.89
CA SER A 498 -2.64 -15.18 -19.46
C SER A 498 -1.28 -15.85 -19.25
N THR A 499 -0.27 -15.20 -19.79
CA THR A 499 1.09 -15.63 -19.63
C THR A 499 1.95 -14.48 -19.12
N THR A 500 1.30 -13.40 -18.73
CA THR A 500 2.03 -12.23 -18.30
C THR A 500 1.70 -11.96 -16.84
N PRO A 501 2.71 -11.99 -15.98
CA PRO A 501 2.46 -11.68 -14.57
C PRO A 501 1.97 -10.27 -14.37
N GLY A 502 1.05 -10.12 -13.42
CA GLY A 502 0.47 -8.83 -13.11
C GLY A 502 -0.88 -8.54 -13.74
N GLU A 503 -1.22 -9.23 -14.83
CA GLU A 503 -2.52 -9.11 -15.46
C GLU A 503 -3.56 -9.79 -14.59
N SER A 504 -4.73 -9.18 -14.44
CA SER A 504 -5.76 -9.76 -13.57
C SER A 504 -6.41 -10.94 -14.23
N PHE A 505 -6.49 -12.06 -13.53
CA PHE A 505 -7.15 -13.23 -14.11
C PHE A 505 -8.64 -13.05 -14.34
N GLN A 506 -9.26 -12.16 -13.57
CA GLN A 506 -10.71 -12.00 -13.63
C GLN A 506 -11.17 -11.10 -14.79
N THR A 507 -10.40 -10.05 -15.08
CA THR A 507 -10.74 -9.13 -16.16
C THR A 507 -9.98 -9.24 -17.47
N THR A 508 -8.89 -10.00 -17.51
CA THR A 508 -8.11 -10.04 -18.73
C THR A 508 -8.71 -11.14 -19.56
N GLU A 509 -9.01 -10.84 -20.83
CA GLU A 509 -9.49 -11.85 -21.74
C GLU A 509 -8.65 -11.74 -23.00
N ASN A 510 -7.57 -12.52 -23.08
CA ASN A 510 -6.69 -12.48 -24.25
C ASN A 510 -7.24 -13.18 -25.50
N GLN A 511 -8.45 -13.73 -25.38
CA GLN A 511 -9.12 -14.39 -26.50
C GLN A 511 -10.59 -14.08 -26.41
N ALA A 512 -11.23 -13.90 -27.54
CA ALA A 512 -12.60 -13.44 -27.54
C ALA A 512 -13.49 -14.52 -28.04
N GLY A 513 -14.73 -14.53 -27.55
CA GLY A 513 -15.67 -15.53 -28.02
C GLY A 513 -15.49 -16.83 -27.28
N GLY A 514 -15.36 -17.92 -28.06
CA GLY A 514 -15.32 -19.26 -27.50
C GLY A 514 -16.70 -19.79 -27.11
N VAL A 515 -16.71 -20.97 -26.48
CA VAL A 515 -17.95 -21.60 -26.06
C VAL A 515 -17.91 -22.13 -24.61
N ALA A 516 -17.22 -21.45 -23.72
CA ALA A 516 -17.08 -21.98 -22.36
C ALA A 516 -18.40 -21.89 -21.62
N GLU A 517 -18.74 -22.99 -20.96
CA GLU A 517 -20.04 -23.20 -20.30
C GLU A 517 -19.80 -23.61 -18.86
N SER A 518 -20.76 -23.31 -17.98
CA SER A 518 -20.68 -23.68 -16.57
C SER A 518 -21.88 -24.47 -16.11
N THR A 519 -21.62 -25.63 -15.54
CA THR A 519 -22.70 -26.38 -14.89
C THR A 519 -23.13 -25.73 -13.58
N PHE A 520 -22.26 -24.95 -12.96
CA PHE A 520 -22.69 -24.25 -11.77
C PHE A 520 -23.83 -23.28 -12.10
N ILE A 521 -23.68 -22.47 -13.15
CA ILE A 521 -24.76 -21.55 -13.50
C ILE A 521 -26.00 -22.33 -13.94
N ALA A 522 -25.78 -23.48 -14.55
CA ALA A 522 -26.90 -24.34 -14.91
C ALA A 522 -27.74 -24.66 -13.66
N ALA A 523 -27.08 -25.15 -12.61
CA ALA A 523 -27.78 -25.47 -11.37
C ALA A 523 -28.47 -24.23 -10.80
N GLN A 524 -27.73 -23.13 -10.79
CA GLN A 524 -28.20 -21.90 -10.24
C GLN A 524 -29.47 -21.50 -11.01
N PHE A 525 -29.47 -21.74 -12.31
CA PHE A 525 -30.63 -21.40 -13.11
C PHE A 525 -31.84 -22.29 -12.79
N VAL A 526 -31.61 -23.56 -12.51
CA VAL A 526 -32.72 -24.46 -12.14
C VAL A 526 -33.29 -24.03 -10.79
N LEU A 527 -32.41 -23.73 -9.84
CA LEU A 527 -32.86 -23.32 -8.51
C LEU A 527 -33.60 -21.96 -8.59
N TYR A 528 -32.91 -20.91 -9.02
CA TYR A 528 -33.48 -19.61 -8.92
C TYR A 528 -34.41 -19.28 -10.10
N GLY A 529 -34.27 -20.01 -11.20
CA GLY A 529 -35.25 -19.95 -12.27
C GLY A 529 -36.65 -20.38 -11.86
N GLU A 530 -36.68 -21.36 -10.99
CA GLU A 530 -37.92 -21.84 -10.43
C GLU A 530 -38.46 -20.89 -9.37
N GLN A 531 -37.56 -20.25 -8.65
CA GLN A 531 -37.97 -19.24 -7.71
C GLN A 531 -38.60 -18.05 -8.42
N TYR A 532 -38.06 -17.70 -9.59
CA TYR A 532 -38.64 -16.64 -10.41
C TYR A 532 -40.00 -17.02 -11.00
N ALA A 533 -40.09 -18.25 -11.50
CA ALA A 533 -41.36 -18.74 -12.05
C ALA A 533 -42.47 -18.69 -11.01
N GLU A 534 -42.10 -19.00 -9.77
CA GLU A 534 -43.05 -18.97 -8.68
C GLU A 534 -43.57 -17.54 -8.41
N LEU A 535 -42.66 -16.57 -8.33
CA LEU A 535 -43.01 -15.15 -8.23
C LEU A 535 -43.82 -14.61 -9.41
N ALA A 536 -43.50 -15.10 -10.60
CA ALA A 536 -44.23 -14.72 -11.81
C ALA A 536 -45.66 -15.24 -11.71
N ALA A 537 -45.80 -16.52 -11.41
CA ALA A 537 -47.14 -17.11 -11.27
C ALA A 537 -47.96 -16.38 -10.17
N ARG A 538 -47.35 -16.14 -9.00
CA ARG A 538 -48.13 -15.56 -7.92
C ARG A 538 -48.59 -14.20 -8.29
N ARG A 539 -47.80 -13.56 -9.14
CA ARG A 539 -48.08 -12.22 -9.63
C ARG A 539 -49.13 -12.21 -10.74
N GLY A 540 -49.57 -13.38 -11.18
CA GLY A 540 -50.62 -13.46 -12.19
C GLY A 540 -50.16 -13.62 -13.63
N LEU A 541 -48.85 -13.84 -13.78
CA LEU A 541 -48.25 -13.95 -15.11
C LEU A 541 -48.08 -15.42 -15.43
N ALA A 542 -49.19 -16.10 -15.64
CA ALA A 542 -49.20 -17.55 -15.71
C ALA A 542 -48.34 -18.08 -16.88
N ASP A 543 -48.42 -17.37 -17.99
CA ASP A 543 -47.69 -17.68 -19.20
C ASP A 543 -46.19 -17.49 -19.04
N VAL A 544 -45.88 -16.36 -18.46
CA VAL A 544 -44.52 -16.04 -18.14
C VAL A 544 -43.98 -17.16 -17.30
N ALA A 545 -44.72 -17.56 -16.27
CA ALA A 545 -44.24 -18.57 -15.33
C ALA A 545 -44.03 -19.93 -15.97
N ASP A 546 -45.00 -20.28 -16.80
CA ASP A 546 -44.96 -21.55 -17.44
C ASP A 546 -43.80 -21.60 -18.44
N ARG A 547 -43.58 -20.50 -19.14
CA ARG A 547 -42.42 -20.42 -20.02
C ARG A 547 -41.13 -20.60 -19.25
N ALA A 548 -41.08 -20.00 -18.06
CA ALA A 548 -39.87 -20.10 -17.24
C ALA A 548 -39.66 -21.52 -16.78
N ARG A 549 -40.76 -22.21 -16.50
CA ARG A 549 -40.65 -23.59 -16.02
C ARG A 549 -40.13 -24.49 -17.15
N GLY A 550 -40.54 -24.17 -18.38
CA GLY A 550 -40.05 -24.84 -19.56
C GLY A 550 -38.52 -24.72 -19.75
N HIS A 551 -38.00 -23.49 -19.76
CA HIS A 551 -36.55 -23.31 -19.86
C HIS A 551 -35.84 -24.03 -18.70
N VAL A 552 -36.45 -24.00 -17.52
CA VAL A 552 -35.83 -24.64 -16.37
C VAL A 552 -35.74 -26.14 -16.58
N ALA A 553 -36.78 -26.69 -17.19
CA ALA A 553 -36.84 -28.12 -17.51
C ALA A 553 -35.73 -28.54 -18.48
N GLU A 554 -35.60 -27.81 -19.57
CA GLU A 554 -34.48 -27.97 -20.52
C GLU A 554 -33.15 -28.00 -19.84
N MET A 555 -32.99 -27.08 -18.90
CA MET A 555 -31.72 -26.98 -18.20
C MET A 555 -31.47 -28.16 -17.30
N ARG A 556 -32.50 -28.60 -16.59
CA ARG A 556 -32.35 -29.82 -15.83
C ARG A 556 -31.90 -30.98 -16.71
N ASP A 557 -32.53 -31.16 -17.88
CA ASP A 557 -32.12 -32.23 -18.79
C ASP A 557 -30.66 -32.09 -19.25
N ALA A 558 -30.26 -30.87 -19.56
CA ALA A 558 -28.91 -30.60 -20.04
C ALA A 558 -27.86 -30.94 -18.99
N LEU A 559 -28.11 -30.60 -17.73
CA LEU A 559 -27.26 -31.05 -16.63
C LEU A 559 -27.18 -32.57 -16.48
N LEU A 560 -28.24 -33.29 -16.78
CA LEU A 560 -28.28 -34.72 -16.51
C LEU A 560 -27.68 -35.50 -17.65
N THR A 561 -27.48 -34.81 -18.77
CA THR A 561 -26.85 -35.47 -19.90
C THR A 561 -25.49 -34.84 -20.14
N ASP A 562 -25.48 -33.72 -20.85
CA ASP A 562 -24.22 -33.08 -21.25
C ASP A 562 -23.48 -32.57 -20.03
N GLY A 563 -24.21 -32.33 -18.95
CA GLY A 563 -23.60 -31.90 -17.69
C GLY A 563 -23.19 -33.04 -16.77
N TRP A 564 -23.36 -34.27 -17.23
CA TRP A 564 -23.16 -35.45 -16.36
C TRP A 564 -21.94 -36.30 -16.87
N ASP A 565 -21.01 -36.63 -15.98
CA ASP A 565 -19.76 -37.30 -16.35
C ASP A 565 -19.86 -38.81 -16.17
N GLY A 566 -20.87 -39.28 -15.45
CA GLY A 566 -21.01 -40.70 -15.18
C GLY A 566 -21.32 -41.04 -13.74
N SER A 567 -20.48 -40.55 -12.82
CA SER A 567 -20.71 -40.70 -11.38
C SER A 567 -20.82 -39.34 -10.65
N TRP A 568 -20.78 -38.26 -11.42
CA TRP A 568 -20.83 -36.90 -10.88
C TRP A 568 -21.04 -35.87 -11.98
N PHE A 569 -21.37 -34.62 -11.63
CA PHE A 569 -21.57 -33.62 -12.66
C PHE A 569 -20.23 -33.03 -13.14
N LEU A 570 -20.14 -32.71 -14.43
CA LEU A 570 -18.97 -31.95 -14.87
C LEU A 570 -18.95 -30.59 -14.22
N ARG A 571 -17.84 -29.88 -14.39
CA ARG A 571 -17.74 -28.53 -13.89
C ARG A 571 -17.99 -27.47 -14.96
N ALA A 572 -17.55 -27.77 -16.17
CA ALA A 572 -17.54 -26.79 -17.26
C ALA A 572 -17.16 -27.43 -18.59
N TYR A 573 -17.43 -26.70 -19.65
CA TYR A 573 -16.74 -26.97 -20.92
C TYR A 573 -15.88 -25.73 -21.14
N ASP A 574 -14.62 -25.95 -21.54
CA ASP A 574 -13.70 -24.82 -21.72
C ASP A 574 -13.90 -24.05 -23.04
N TYR A 575 -12.95 -23.16 -23.35
CA TYR A 575 -13.11 -22.25 -24.47
C TYR A 575 -13.35 -23.04 -25.77
N TYR A 576 -12.69 -24.19 -25.92
CA TYR A 576 -12.83 -24.96 -27.17
C TYR A 576 -13.77 -26.11 -27.07
N GLY A 577 -14.56 -26.15 -26.00
CA GLY A 577 -15.62 -27.14 -25.88
C GLY A 577 -15.20 -28.43 -25.21
N ASN A 578 -13.99 -28.45 -24.67
CA ASN A 578 -13.48 -29.63 -23.99
C ASN A 578 -13.86 -29.62 -22.53
N PRO A 579 -14.23 -30.79 -22.01
CA PRO A 579 -14.77 -30.83 -20.65
C PRO A 579 -13.75 -30.63 -19.55
N ILE A 580 -14.26 -30.04 -18.47
CA ILE A 580 -13.50 -29.85 -17.27
C ILE A 580 -14.25 -30.50 -16.12
N GLY A 581 -13.54 -31.30 -15.34
CA GLY A 581 -14.13 -31.99 -14.21
C GLY A 581 -14.62 -33.37 -14.57
N THR A 582 -13.88 -34.05 -15.45
CA THR A 582 -14.19 -35.40 -15.90
C THR A 582 -13.18 -36.43 -15.33
N ASP A 583 -13.63 -37.64 -15.06
CA ASP A 583 -12.75 -38.74 -14.63
C ASP A 583 -11.67 -39.07 -15.69
N ALA A 584 -11.88 -38.58 -16.90
CA ALA A 584 -11.01 -38.89 -18.02
C ALA A 584 -9.67 -38.22 -17.86
N HIS A 585 -9.59 -37.29 -16.89
CA HIS A 585 -8.37 -36.54 -16.65
C HIS A 585 -7.67 -36.97 -15.40
N ASP A 586 -6.39 -36.68 -15.37
CA ASP A 586 -5.55 -37.07 -14.26
C ASP A 586 -5.66 -36.09 -13.08
N GLU A 587 -5.92 -34.82 -13.36
CA GLU A 587 -6.11 -33.85 -12.27
C GLU A 587 -7.43 -33.13 -12.47
N GLY A 588 -8.00 -32.62 -11.40
CA GLY A 588 -9.27 -31.92 -11.51
C GLY A 588 -10.40 -32.85 -11.98
N LYS A 589 -10.43 -34.06 -11.42
CA LYS A 589 -11.43 -35.03 -11.80
C LYS A 589 -12.81 -34.65 -11.34
N ILE A 590 -12.90 -34.25 -10.08
CA ILE A 590 -14.22 -33.83 -9.53
C ILE A 590 -14.13 -32.50 -8.78
N TRP A 591 -15.17 -31.67 -8.96
CA TRP A 591 -15.27 -30.35 -8.38
C TRP A 591 -16.58 -30.26 -7.57
N ILE A 592 -16.51 -29.64 -6.39
CA ILE A 592 -17.65 -29.67 -5.44
C ILE A 592 -18.84 -28.81 -5.80
N GLU A 593 -18.63 -27.72 -6.50
CA GLU A 593 -19.71 -26.72 -6.61
C GLU A 593 -20.99 -27.17 -7.33
N PRO A 594 -20.83 -27.77 -8.50
CA PRO A 594 -22.02 -28.30 -9.18
C PRO A 594 -22.69 -29.40 -8.40
N GLN A 595 -21.92 -30.19 -7.66
CA GLN A 595 -22.53 -31.36 -7.02
C GLN A 595 -23.53 -30.85 -5.98
N GLY A 596 -23.06 -29.96 -5.10
CA GLY A 596 -23.95 -29.37 -4.12
C GLY A 596 -25.06 -28.57 -4.76
N PHE A 597 -24.73 -27.66 -5.63
CA PHE A 597 -25.79 -26.78 -6.10
C PHE A 597 -26.84 -27.53 -6.89
N ALA A 598 -26.43 -28.39 -7.81
CA ALA A 598 -27.41 -29.13 -8.62
C ALA A 598 -28.36 -29.98 -7.76
N VAL A 599 -27.83 -30.64 -6.73
CA VAL A 599 -28.69 -31.44 -5.91
C VAL A 599 -29.58 -30.52 -5.04
N MET A 600 -29.03 -29.42 -4.54
CA MET A 600 -29.85 -28.44 -3.87
C MET A 600 -31.05 -28.05 -4.71
N ALA A 601 -30.82 -27.97 -6.01
CA ALA A 601 -31.92 -27.69 -6.94
C ALA A 601 -32.82 -28.88 -7.23
N GLY A 602 -32.48 -30.06 -6.70
CA GLY A 602 -33.32 -31.25 -6.90
C GLY A 602 -32.98 -32.04 -8.16
N VAL A 603 -31.90 -31.66 -8.82
CA VAL A 603 -31.48 -32.32 -10.04
C VAL A 603 -30.89 -33.69 -9.76
N GLY A 604 -31.51 -34.70 -10.35
CA GLY A 604 -31.06 -36.05 -10.13
C GLY A 604 -31.60 -36.70 -8.88
N VAL A 605 -32.50 -36.05 -8.14
CA VAL A 605 -32.86 -36.66 -6.86
C VAL A 605 -33.89 -37.79 -7.11
N GLY A 606 -33.69 -38.89 -6.40
CA GLY A 606 -34.44 -40.11 -6.62
C GLY A 606 -35.63 -40.33 -5.70
N GLU A 607 -35.83 -41.58 -5.30
CA GLU A 607 -36.96 -41.90 -4.45
C GLU A 607 -36.60 -41.91 -2.96
N GLY A 608 -35.30 -41.98 -2.65
CA GLY A 608 -34.87 -41.92 -1.27
C GLY A 608 -33.38 -42.16 -1.17
N PRO A 609 -32.85 -42.08 0.06
N PRO A 609 -32.81 -42.07 0.05
CA PRO A 609 -31.42 -42.21 0.30
CA PRO A 609 -31.36 -42.20 0.26
C PRO A 609 -30.89 -43.60 -0.06
C PRO A 609 -30.87 -43.61 -0.10
N GLN A 610 -31.82 -44.53 -0.23
CA GLN A 610 -31.49 -45.92 -0.55
C GLN A 610 -31.44 -46.12 -2.07
N ASP A 611 -32.05 -45.20 -2.80
CA ASP A 611 -32.02 -45.24 -4.25
C ASP A 611 -30.62 -44.86 -4.70
N THR A 612 -29.67 -45.76 -4.50
CA THR A 612 -28.32 -45.37 -4.80
C THR A 612 -28.05 -45.28 -6.28
N ASP A 613 -29.03 -45.58 -7.13
CA ASP A 613 -28.79 -45.38 -8.56
C ASP A 613 -29.23 -43.99 -9.01
N ALA A 614 -29.69 -43.16 -8.10
CA ALA A 614 -30.08 -41.82 -8.52
C ALA A 614 -28.82 -40.97 -8.67
N PRO A 615 -28.73 -40.17 -9.76
CA PRO A 615 -27.52 -39.37 -9.96
C PRO A 615 -27.14 -38.46 -8.78
N ALA A 616 -28.12 -37.92 -8.04
CA ALA A 616 -27.77 -37.11 -6.85
C ALA A 616 -27.00 -37.92 -5.83
N ILE A 617 -27.39 -39.16 -5.61
CA ILE A 617 -26.69 -39.98 -4.63
C ILE A 617 -25.33 -40.41 -5.17
N LYS A 618 -25.23 -40.68 -6.46
CA LYS A 618 -23.92 -41.05 -6.96
C LYS A 618 -22.97 -39.86 -6.80
N ALA A 619 -23.46 -38.68 -7.15
CA ALA A 619 -22.62 -37.48 -7.11
C ALA A 619 -22.19 -37.21 -5.69
N LEU A 620 -23.14 -37.32 -4.75
CA LEU A 620 -22.78 -37.04 -3.38
C LEU A 620 -21.87 -38.11 -2.82
N ASP A 621 -22.08 -39.37 -3.24
CA ASP A 621 -21.15 -40.43 -2.79
C ASP A 621 -19.74 -40.18 -3.35
N SER A 622 -19.66 -39.74 -4.61
CA SER A 622 -18.37 -39.34 -5.16
C SER A 622 -17.76 -38.23 -4.32
N VAL A 623 -18.57 -37.23 -3.94
CA VAL A 623 -18.05 -36.16 -3.13
C VAL A 623 -17.48 -36.76 -1.83
N ASN A 624 -18.18 -37.69 -1.21
CA ASN A 624 -17.72 -38.20 0.07
C ASN A 624 -16.40 -38.94 -0.05
N GLU A 625 -16.25 -39.66 -1.16
CA GLU A 625 -15.07 -40.50 -1.37
C GLU A 625 -13.82 -39.72 -1.80
N MET A 626 -14.01 -38.67 -2.59
CA MET A 626 -12.88 -37.97 -3.23
C MET A 626 -12.56 -36.56 -2.68
N LEU A 627 -13.52 -35.91 -2.04
CA LEU A 627 -13.37 -34.50 -1.65
C LEU A 627 -13.38 -34.34 -0.11
N ALA A 628 -14.13 -35.20 0.58
CA ALA A 628 -14.25 -35.03 2.02
C ALA A 628 -12.98 -35.38 2.76
N THR A 629 -12.73 -34.60 3.81
CA THR A 629 -11.56 -34.76 4.69
C THR A 629 -12.01 -34.48 6.11
N ASP A 630 -11.10 -34.68 7.06
CA ASP A 630 -11.43 -34.44 8.47
C ASP A 630 -11.81 -32.98 8.74
N HIS A 631 -11.33 -32.07 7.88
CA HIS A 631 -11.53 -30.62 8.07
C HIS A 631 -12.54 -29.99 7.13
N GLY A 632 -13.25 -30.81 6.37
CA GLY A 632 -14.15 -30.27 5.36
C GLY A 632 -13.93 -30.90 4.00
N MET A 633 -14.71 -30.43 3.04
CA MET A 633 -14.59 -30.88 1.66
C MET A 633 -13.80 -29.90 0.78
N VAL A 634 -12.79 -30.42 0.11
CA VAL A 634 -11.90 -29.60 -0.74
C VAL A 634 -12.61 -29.28 -2.02
N LEU A 635 -12.17 -28.20 -2.67
CA LEU A 635 -12.82 -27.72 -3.84
C LEU A 635 -12.78 -28.70 -5.00
N GLN A 636 -11.59 -29.24 -5.28
CA GLN A 636 -11.55 -30.22 -6.32
C GLN A 636 -10.43 -31.21 -6.10
N TYR A 637 -10.48 -32.28 -6.86
CA TYR A 637 -9.55 -33.37 -6.66
C TYR A 637 -9.31 -34.15 -7.92
N PRO A 638 -8.05 -34.49 -8.17
CA PRO A 638 -6.83 -34.00 -7.51
C PRO A 638 -6.57 -32.58 -7.93
N ALA A 639 -5.80 -31.89 -7.12
CA ALA A 639 -5.37 -30.55 -7.41
C ALA A 639 -4.41 -30.51 -8.59
N TYR A 640 -4.33 -29.37 -9.25
CA TYR A 640 -3.43 -29.24 -10.39
C TYR A 640 -1.98 -29.00 -9.97
N THR A 641 -1.06 -29.78 -10.55
CA THR A 641 0.37 -29.67 -10.16
C THR A 641 1.19 -28.84 -11.13
N THR A 642 0.57 -28.40 -12.22
CA THR A 642 1.19 -27.47 -13.15
C THR A 642 0.18 -26.46 -13.67
N TYR A 643 0.69 -25.38 -14.22
CA TYR A 643 -0.11 -24.26 -14.66
C TYR A 643 -0.96 -24.66 -15.85
N GLN A 644 -2.25 -24.37 -15.74
CA GLN A 644 -3.20 -24.61 -16.84
C GLN A 644 -3.57 -23.27 -17.39
N VAL A 645 -2.86 -22.88 -18.45
CA VAL A 645 -3.03 -21.54 -19.01
C VAL A 645 -4.46 -21.34 -19.48
N HIS A 646 -5.16 -22.42 -19.82
CA HIS A 646 -6.54 -22.27 -20.32
C HIS A 646 -7.56 -22.12 -19.18
N MET A 647 -7.09 -22.10 -17.94
CA MET A 647 -8.04 -22.13 -16.81
C MET A 647 -7.96 -20.91 -15.85
N GLY A 648 -6.99 -20.02 -16.05
CA GLY A 648 -6.88 -18.86 -15.18
C GLY A 648 -6.23 -19.10 -13.83
N GLU A 649 -6.77 -18.45 -12.82
CA GLU A 649 -6.07 -18.38 -11.54
C GLU A 649 -6.06 -19.71 -10.82
N VAL A 650 -7.00 -20.59 -11.13
CA VAL A 650 -7.14 -21.78 -10.27
C VAL A 650 -5.86 -22.55 -10.02
N SER A 651 -5.07 -22.80 -11.05
CA SER A 651 -3.93 -23.73 -10.89
C SER A 651 -2.65 -23.02 -10.49
N THR A 652 -2.75 -21.73 -10.18
CA THR A 652 -1.58 -20.94 -9.74
C THR A 652 -1.32 -21.14 -8.25
N TYR A 653 -2.32 -21.67 -7.55
CA TYR A 653 -2.14 -21.88 -6.13
C TYR A 653 -1.42 -23.21 -5.90
N PRO A 654 -0.44 -23.28 -4.98
CA PRO A 654 0.11 -24.61 -4.72
C PRO A 654 -1.01 -25.57 -4.27
N PRO A 655 -0.87 -26.88 -4.58
CA PRO A 655 -1.85 -27.88 -4.18
C PRO A 655 -2.31 -27.76 -2.74
N GLY A 656 -3.64 -27.66 -2.61
CA GLY A 656 -4.33 -27.61 -1.32
C GLY A 656 -4.64 -26.25 -0.70
N TYR A 657 -4.38 -25.16 -1.44
CA TYR A 657 -4.60 -23.81 -0.91
C TYR A 657 -5.58 -23.09 -1.81
N LYS A 658 -6.51 -22.39 -1.18
CA LYS A 658 -7.55 -21.63 -1.87
C LYS A 658 -8.22 -22.48 -2.94
N GLU A 659 -8.37 -21.91 -4.13
CA GLU A 659 -9.16 -22.59 -5.14
C GLU A 659 -8.48 -23.81 -5.78
N ASN A 660 -7.22 -24.07 -5.46
CA ASN A 660 -6.61 -25.31 -5.91
C ASN A 660 -6.45 -26.34 -4.80
N GLY A 661 -7.58 -26.90 -4.41
CA GLY A 661 -7.63 -28.02 -3.52
C GLY A 661 -7.87 -27.60 -2.08
N GLY A 662 -8.23 -26.32 -1.91
CA GLY A 662 -8.52 -25.78 -0.62
C GLY A 662 -9.92 -26.14 -0.21
N ILE A 663 -10.16 -26.03 1.08
CA ILE A 663 -11.50 -26.20 1.61
C ILE A 663 -12.20 -24.84 1.67
N PHE A 664 -13.17 -24.62 0.80
CA PHE A 664 -14.00 -23.43 0.92
C PHE A 664 -15.19 -23.66 1.78
N CYS A 665 -15.15 -23.07 2.98
CA CYS A 665 -16.25 -23.26 3.92
C CYS A 665 -17.55 -22.68 3.36
N HIS A 666 -17.43 -21.84 2.33
CA HIS A 666 -18.60 -21.20 1.72
C HIS A 666 -19.42 -22.20 0.89
N ASN A 667 -18.71 -23.09 0.19
CA ASN A 667 -19.39 -24.10 -0.62
C ASN A 667 -19.74 -25.41 0.10
N ASN A 668 -19.18 -25.65 1.28
CA ASN A 668 -19.54 -26.89 1.97
C ASN A 668 -21.04 -26.93 2.30
N PRO A 669 -21.59 -25.79 2.71
CA PRO A 669 -23.03 -25.75 2.99
C PRO A 669 -23.88 -26.26 1.82
N TRP A 670 -23.42 -26.11 0.57
CA TRP A 670 -24.22 -26.55 -0.56
C TRP A 670 -24.41 -28.08 -0.56
N VAL A 671 -23.35 -28.80 -0.23
CA VAL A 671 -23.40 -30.25 -0.12
C VAL A 671 -24.12 -30.69 1.17
N ILE A 672 -23.90 -29.96 2.25
CA ILE A 672 -24.68 -30.17 3.47
C ILE A 672 -26.14 -29.97 3.17
N ILE A 673 -26.51 -28.95 2.45
CA ILE A 673 -27.94 -28.82 2.15
C ILE A 673 -28.42 -29.97 1.27
N ALA A 674 -27.63 -30.32 0.25
CA ALA A 674 -28.00 -31.42 -0.64
C ALA A 674 -28.16 -32.76 0.11
N GLU A 675 -27.36 -32.99 1.15
CA GLU A 675 -27.53 -34.24 1.92
C GLU A 675 -28.87 -34.23 2.65
N THR A 676 -29.28 -33.10 3.19
CA THR A 676 -30.62 -33.09 3.80
C THR A 676 -31.70 -33.31 2.72
N VAL A 677 -31.49 -32.79 1.53
CA VAL A 677 -32.48 -32.91 0.48
C VAL A 677 -32.76 -34.38 0.06
N VAL A 678 -31.69 -35.17 -0.05
CA VAL A 678 -31.82 -36.56 -0.43
C VAL A 678 -32.11 -37.44 0.78
N GLY A 679 -32.00 -36.89 2.00
CA GLY A 679 -32.45 -37.59 3.18
C GLY A 679 -31.38 -38.23 4.05
N ARG A 680 -30.19 -37.65 4.10
CA ARG A 680 -29.11 -38.21 4.89
C ARG A 680 -28.62 -37.24 5.94
N GLY A 681 -29.47 -37.10 6.94
CA GLY A 681 -29.25 -36.22 8.07
C GLY A 681 -27.96 -36.40 8.84
N GLY A 682 -27.61 -37.61 9.28
CA GLY A 682 -26.34 -37.81 9.97
C GLY A 682 -25.14 -37.32 9.16
N ARG A 683 -25.14 -37.59 7.85
CA ARG A 683 -24.05 -37.18 7.00
C ARG A 683 -23.99 -35.65 6.88
N ALA A 684 -25.15 -35.03 6.72
CA ALA A 684 -25.18 -33.59 6.64
C ALA A 684 -24.63 -32.95 7.94
N PHE A 685 -25.09 -33.42 9.09
CA PHE A 685 -24.63 -32.87 10.37
C PHE A 685 -23.14 -33.13 10.58
N ASP A 686 -22.67 -34.29 10.12
CA ASP A 686 -21.24 -34.60 10.16
C ASP A 686 -20.46 -33.47 9.50
N TYR A 687 -20.77 -33.25 8.21
CA TYR A 687 -20.05 -32.23 7.44
C TYR A 687 -20.10 -30.85 8.11
N TYR A 688 -21.26 -30.51 8.69
CA TYR A 688 -21.40 -29.24 9.34
C TYR A 688 -20.46 -29.11 10.54
N LYS A 689 -20.33 -30.14 11.37
CA LYS A 689 -19.41 -30.04 12.49
C LYS A 689 -17.95 -29.91 12.04
N ARG A 690 -17.57 -30.53 10.94
CA ARG A 690 -16.17 -30.47 10.51
C ARG A 690 -15.59 -29.06 10.29
N ILE A 691 -16.45 -28.11 9.90
CA ILE A 691 -16.02 -26.78 9.48
C ILE A 691 -16.50 -25.69 10.45
N THR A 692 -17.20 -26.08 11.52
CA THR A 692 -17.88 -25.11 12.40
C THR A 692 -17.05 -24.79 13.68
N PRO A 693 -16.89 -23.51 13.94
CA PRO A 693 -15.99 -23.02 14.97
C PRO A 693 -16.15 -23.65 16.37
N ALA A 694 -17.36 -23.77 16.90
CA ALA A 694 -17.53 -24.35 18.23
C ALA A 694 -17.02 -25.80 18.32
N TYR A 695 -17.20 -26.55 17.22
CA TYR A 695 -16.67 -27.89 17.16
C TYR A 695 -15.18 -27.96 16.83
N ARG A 696 -14.62 -26.94 16.20
CA ARG A 696 -13.16 -26.92 15.96
C ARG A 696 -12.41 -26.24 17.07
N GLU A 697 -13.11 -25.76 18.10
CA GLU A 697 -12.41 -25.10 19.18
C GLU A 697 -11.37 -25.99 19.84
N ASP A 698 -11.61 -27.28 19.92
CA ASP A 698 -10.64 -28.17 20.59
C ASP A 698 -9.35 -28.40 19.77
N ILE A 699 -9.35 -27.97 18.52
CA ILE A 699 -8.13 -28.02 17.72
C ILE A 699 -7.67 -26.64 17.32
N SER A 700 -7.79 -25.68 18.23
CA SER A 700 -7.48 -24.31 17.87
C SER A 700 -6.00 -24.17 17.42
N ASP A 701 -5.17 -25.08 17.88
CA ASP A 701 -3.75 -25.08 17.53
C ASP A 701 -3.56 -25.51 16.08
N VAL A 702 -4.55 -26.19 15.52
CA VAL A 702 -4.49 -26.58 14.13
C VAL A 702 -5.21 -25.54 13.28
N HIS A 703 -6.40 -25.13 13.71
CA HIS A 703 -7.15 -24.14 12.96
C HIS A 703 -6.42 -22.79 12.88
N ARG A 704 -5.76 -22.43 13.99
CA ARG A 704 -4.99 -21.18 14.09
C ARG A 704 -5.84 -19.91 14.29
N LEU A 705 -6.89 -19.74 13.52
CA LEU A 705 -7.66 -18.51 13.65
C LEU A 705 -8.74 -18.61 14.70
N GLU A 706 -9.64 -17.64 14.64
CA GLU A 706 -10.63 -17.46 15.71
C GLU A 706 -11.51 -18.68 15.86
N PRO A 707 -11.60 -19.22 17.08
CA PRO A 707 -12.44 -20.38 17.40
C PRO A 707 -13.93 -20.03 17.48
N TYR A 708 -14.32 -18.80 17.13
CA TYR A 708 -15.71 -18.37 17.33
C TYR A 708 -16.38 -17.86 16.06
N VAL A 709 -15.67 -17.82 14.94
CA VAL A 709 -16.26 -17.43 13.67
C VAL A 709 -15.71 -18.29 12.56
N TYR A 710 -16.47 -18.40 11.46
CA TYR A 710 -16.07 -19.10 10.24
C TYR A 710 -14.95 -18.32 9.53
N ALA A 711 -14.13 -19.03 8.76
CA ALA A 711 -13.11 -18.44 7.93
C ALA A 711 -13.37 -18.88 6.51
N GLN A 712 -12.77 -18.18 5.56
CA GLN A 712 -13.08 -18.50 4.17
C GLN A 712 -12.60 -19.89 3.78
N MET A 713 -11.44 -20.31 4.28
CA MET A 713 -10.79 -21.44 3.69
C MET A 713 -9.82 -22.15 4.62
N ILE A 714 -9.96 -23.47 4.63
CA ILE A 714 -9.14 -24.32 5.47
C ILE A 714 -8.29 -25.12 4.51
N ALA A 715 -6.98 -25.18 4.79
CA ALA A 715 -6.10 -25.86 3.87
C ALA A 715 -6.51 -27.30 3.68
N GLY A 716 -6.45 -27.71 2.42
CA GLY A 716 -6.86 -29.02 2.00
C GLY A 716 -5.87 -30.14 2.24
N LYS A 717 -6.29 -31.31 1.81
CA LYS A 717 -5.55 -32.52 2.13
C LYS A 717 -4.22 -32.58 1.39
N GLU A 718 -4.10 -31.88 0.26
CA GLU A 718 -2.85 -31.92 -0.47
C GLU A 718 -1.89 -30.85 0.01
N ALA A 719 -2.25 -30.15 1.09
CA ALA A 719 -1.38 -29.10 1.65
C ALA A 719 -0.67 -29.61 2.90
N VAL A 720 0.59 -29.23 3.07
CA VAL A 720 1.32 -29.60 4.27
C VAL A 720 0.67 -29.05 5.50
N ARG A 721 -0.03 -27.93 5.29
CA ARG A 721 -0.73 -27.24 6.35
C ARG A 721 -2.20 -27.62 6.48
N HIS A 722 -2.55 -28.81 6.02
CA HIS A 722 -3.93 -29.29 6.05
C HIS A 722 -4.55 -29.02 7.43
N GLY A 723 -5.63 -28.24 7.45
CA GLY A 723 -6.27 -27.92 8.74
C GLY A 723 -6.19 -26.49 9.17
N GLU A 724 -5.21 -25.76 8.66
CA GLU A 724 -5.02 -24.37 9.01
C GLU A 724 -5.89 -23.45 8.20
N ALA A 725 -6.51 -22.49 8.87
CA ALA A 725 -7.41 -21.57 8.20
C ALA A 725 -6.78 -20.25 7.85
N LYS A 726 -7.30 -19.66 6.79
CA LYS A 726 -7.00 -18.27 6.45
C LYS A 726 -8.27 -17.47 6.16
N ASN A 727 -8.13 -16.16 6.22
CA ASN A 727 -9.20 -15.23 5.85
C ASN A 727 -10.46 -15.33 6.72
N SER A 728 -10.29 -15.05 8.00
CA SER A 728 -11.36 -15.21 8.98
C SER A 728 -12.36 -14.02 8.94
N TRP A 729 -13.55 -14.26 9.48
CA TRP A 729 -14.55 -13.22 9.77
C TRP A 729 -15.37 -12.79 8.53
N LEU A 730 -14.77 -12.11 7.57
CA LEU A 730 -15.56 -11.51 6.51
C LEU A 730 -15.68 -12.46 5.34
N THR A 731 -16.74 -13.23 5.35
CA THR A 731 -16.97 -14.28 4.36
C THR A 731 -18.43 -14.73 4.30
N GLY A 732 -18.87 -15.16 3.12
CA GLY A 732 -20.22 -15.64 2.91
C GLY A 732 -20.49 -16.97 3.58
N THR A 733 -19.41 -17.59 4.02
CA THR A 733 -19.50 -18.80 4.84
C THR A 733 -20.49 -18.67 6.00
N ALA A 734 -20.54 -17.50 6.61
CA ALA A 734 -21.43 -17.30 7.75
C ALA A 734 -22.89 -17.39 7.34
N ALA A 735 -23.24 -16.62 6.33
CA ALA A 735 -24.62 -16.64 5.90
C ALA A 735 -25.00 -18.04 5.46
N TRP A 736 -24.24 -18.64 4.54
CA TRP A 736 -24.60 -19.98 4.06
C TRP A 736 -24.67 -21.04 5.17
N ASN A 737 -23.76 -21.01 6.14
CA ASN A 737 -23.93 -21.95 7.24
C ASN A 737 -25.12 -21.59 8.12
N PHE A 738 -25.43 -20.30 8.28
CA PHE A 738 -26.61 -20.03 9.14
C PHE A 738 -27.83 -20.57 8.47
N VAL A 739 -27.88 -20.38 7.16
CA VAL A 739 -28.99 -20.94 6.39
C VAL A 739 -29.11 -22.45 6.53
N THR A 740 -27.96 -23.12 6.43
CA THR A 740 -27.88 -24.56 6.51
C THR A 740 -28.34 -25.07 7.84
N VAL A 741 -27.81 -24.52 8.93
CA VAL A 741 -28.20 -25.09 10.25
C VAL A 741 -29.62 -24.69 10.64
N SER A 742 -30.03 -23.47 10.26
CA SER A 742 -31.26 -22.96 10.79
C SER A 742 -32.45 -23.46 9.95
N GLN A 743 -32.25 -23.57 8.65
CA GLN A 743 -33.36 -23.91 7.75
C GLN A 743 -33.44 -25.34 7.20
N TYR A 744 -32.34 -26.10 7.32
CA TYR A 744 -32.29 -27.45 6.70
C TYR A 744 -31.88 -28.56 7.67
N LEU A 745 -30.89 -28.28 8.53
CA LEU A 745 -30.57 -29.26 9.60
C LEU A 745 -31.67 -29.19 10.64
N LEU A 746 -31.75 -28.09 11.38
CA LEU A 746 -32.86 -27.87 12.28
C LEU A 746 -34.20 -27.76 11.55
N GLY A 747 -34.16 -27.31 10.29
CA GLY A 747 -35.31 -27.45 9.41
C GLY A 747 -36.44 -26.41 9.41
N VAL A 748 -36.19 -25.24 9.97
CA VAL A 748 -37.27 -24.26 10.10
C VAL A 748 -37.04 -23.15 9.09
N ARG A 749 -37.91 -23.09 8.08
CA ARG A 749 -37.68 -22.12 7.02
C ARG A 749 -38.93 -21.48 6.50
N PRO A 750 -38.93 -20.14 6.39
N PRO A 750 -38.87 -20.15 6.33
CA PRO A 750 -40.09 -19.41 5.90
CA PRO A 750 -40.04 -19.40 5.86
C PRO A 750 -40.41 -19.70 4.43
C PRO A 750 -40.39 -19.68 4.41
N GLU A 751 -41.70 -19.76 4.14
CA GLU A 751 -42.20 -19.89 2.78
C GLU A 751 -43.24 -18.81 2.52
N TYR A 752 -43.73 -18.71 1.30
CA TYR A 752 -44.70 -17.63 1.02
C TYR A 752 -45.98 -17.87 1.80
N ASP A 753 -46.26 -19.13 2.08
CA ASP A 753 -47.57 -19.45 2.59
C ASP A 753 -47.58 -19.95 4.02
N GLY A 754 -46.40 -20.13 4.57
CA GLY A 754 -46.24 -20.56 5.94
C GLY A 754 -44.79 -20.91 6.23
N LEU A 755 -44.57 -21.46 7.41
CA LEU A 755 -43.26 -21.85 7.86
C LEU A 755 -43.10 -23.36 7.72
N VAL A 756 -42.05 -23.80 7.02
CA VAL A 756 -41.84 -25.21 6.81
C VAL A 756 -41.07 -25.75 7.99
N VAL A 757 -41.44 -26.93 8.46
CA VAL A 757 -40.68 -27.54 9.57
C VAL A 757 -40.27 -28.93 9.14
N ASP A 758 -39.01 -29.07 8.72
CA ASP A 758 -38.55 -30.26 8.02
C ASP A 758 -37.14 -30.63 8.44
N PRO A 759 -36.97 -30.91 9.75
N PRO A 759 -36.94 -30.92 9.73
CA PRO A 759 -35.67 -31.24 10.33
CA PRO A 759 -35.62 -31.23 10.30
C PRO A 759 -35.00 -32.45 9.69
C PRO A 759 -35.00 -32.44 9.66
N GLN A 760 -33.68 -32.40 9.54
CA GLN A 760 -32.96 -33.49 8.94
C GLN A 760 -31.54 -33.39 9.45
N ILE A 761 -31.31 -33.94 10.63
CA ILE A 761 -30.05 -33.66 11.31
C ILE A 761 -29.35 -34.90 11.85
N GLY A 762 -30.00 -36.05 11.80
CA GLY A 762 -29.35 -37.27 12.27
C GLY A 762 -29.51 -37.51 13.75
N PRO A 763 -28.95 -38.63 14.20
CA PRO A 763 -29.19 -39.18 15.55
C PRO A 763 -28.50 -38.40 16.65
N ASP A 764 -27.53 -37.57 16.30
CA ASP A 764 -26.71 -36.87 17.29
C ASP A 764 -27.50 -35.80 18.07
N VAL A 765 -28.59 -35.30 17.50
CA VAL A 765 -29.46 -34.34 18.19
C VAL A 765 -30.86 -34.87 18.34
N PRO A 766 -31.08 -35.72 19.36
N PRO A 766 -31.04 -35.71 19.37
CA PRO A 766 -32.31 -36.50 19.52
CA PRO A 766 -32.25 -36.49 19.50
C PRO A 766 -33.54 -35.65 19.82
C PRO A 766 -33.50 -35.66 19.80
N SER A 767 -33.34 -34.50 20.45
CA SER A 767 -34.47 -33.69 20.85
C SER A 767 -34.05 -32.24 20.95
N PHE A 768 -34.90 -31.37 20.47
CA PHE A 768 -34.57 -29.96 20.53
C PHE A 768 -35.77 -29.09 20.28
N THR A 769 -35.67 -27.82 20.69
CA THR A 769 -36.77 -26.88 20.50
C THR A 769 -36.29 -25.62 19.81
N VAL A 770 -36.93 -25.27 18.70
CA VAL A 770 -36.62 -24.03 18.04
C VAL A 770 -37.70 -23.03 18.33
N THR A 771 -37.27 -21.85 18.77
CA THR A 771 -38.15 -20.73 18.88
C THR A 771 -37.88 -19.78 17.73
N ARG A 772 -38.92 -19.54 16.94
CA ARG A 772 -38.77 -18.72 15.76
C ARG A 772 -39.86 -17.69 15.76
N VAL A 773 -39.48 -16.44 15.61
CA VAL A 773 -40.44 -15.37 15.39
C VAL A 773 -40.59 -15.12 13.91
N ALA A 774 -41.81 -15.20 13.40
CA ALA A 774 -42.05 -15.04 11.98
C ALA A 774 -43.38 -14.36 11.69
N ARG A 775 -43.34 -13.36 10.82
CA ARG A 775 -44.53 -12.56 10.42
C ARG A 775 -45.28 -12.12 11.65
N GLY A 776 -44.54 -11.81 12.70
CA GLY A 776 -45.13 -11.24 13.90
C GLY A 776 -45.63 -12.21 14.96
N ALA A 777 -45.43 -13.51 14.75
CA ALA A 777 -45.83 -14.49 15.75
C ALA A 777 -44.63 -15.31 16.18
N THR A 778 -44.80 -16.01 17.28
CA THR A 778 -43.75 -16.85 17.82
C THR A 778 -44.13 -18.31 17.62
N TYR A 779 -43.24 -19.05 16.97
CA TYR A 779 -43.44 -20.43 16.76
C TYR A 779 -42.51 -21.15 17.68
N GLU A 780 -43.13 -22.05 18.40
CA GLU A 780 -42.47 -22.81 19.42
C GLU A 780 -42.42 -24.27 18.94
N ILE A 781 -41.25 -24.72 18.47
CA ILE A 781 -41.16 -25.97 17.71
C ILE A 781 -40.37 -27.05 18.49
N THR A 782 -41.07 -28.07 19.00
CA THR A 782 -40.41 -29.08 19.79
C THR A 782 -40.27 -30.35 19.00
N VAL A 783 -39.05 -30.87 18.95
CA VAL A 783 -38.76 -31.95 18.04
C VAL A 783 -38.22 -33.17 18.76
N THR A 784 -38.81 -34.33 18.44
CA THR A 784 -38.27 -35.62 18.83
C THR A 784 -37.78 -36.35 17.59
N ASN A 785 -36.50 -36.73 17.63
CA ASN A 785 -35.79 -37.08 16.43
C ASN A 785 -35.04 -38.41 16.54
N SER A 786 -35.44 -39.38 15.72
CA SER A 786 -34.71 -40.66 15.66
C SER A 786 -33.44 -40.54 14.83
N GLY A 787 -33.45 -39.64 13.86
CA GLY A 787 -32.28 -39.41 13.04
C GLY A 787 -32.09 -40.40 11.90
N THR A 788 -33.12 -41.21 11.62
CA THR A 788 -33.11 -42.17 10.51
C THR A 788 -33.07 -41.53 9.13
N ASP A 789 -32.17 -42.00 8.28
CA ASP A 789 -32.11 -41.53 6.90
C ASP A 789 -33.49 -41.68 6.31
N GLY A 790 -34.00 -40.67 5.65
CA GLY A 790 -35.26 -40.81 4.95
C GLY A 790 -36.47 -40.51 5.79
N SER A 791 -36.29 -40.43 7.11
CA SER A 791 -37.42 -40.09 7.98
C SER A 791 -37.66 -38.61 8.03
N ARG A 792 -38.88 -38.20 7.67
CA ARG A 792 -39.27 -36.78 7.70
C ARG A 792 -40.35 -36.52 8.79
N GLY A 793 -40.33 -35.29 9.28
CA GLY A 793 -41.07 -34.90 10.47
C GLY A 793 -42.56 -34.85 10.21
N ARG A 794 -43.29 -35.42 11.14
CA ARG A 794 -44.73 -35.26 11.10
C ARG A 794 -45.14 -34.34 12.21
N LEU A 795 -46.10 -33.47 11.87
CA LEU A 795 -46.35 -32.31 12.71
C LEU A 795 -47.72 -32.33 13.38
N VAL A 796 -47.71 -31.86 14.62
CA VAL A 796 -48.95 -31.53 15.34
C VAL A 796 -48.91 -30.06 15.70
N VAL A 797 -49.95 -29.34 15.30
CA VAL A 797 -50.02 -27.89 15.51
C VAL A 797 -51.10 -27.50 16.53
N ASP A 798 -50.66 -26.87 17.62
CA ASP A 798 -51.55 -26.58 18.74
C ASP A 798 -52.40 -27.77 19.07
N GLY A 799 -51.77 -28.92 19.25
CA GLY A 799 -52.47 -30.08 19.79
C GLY A 799 -53.09 -30.97 18.74
N THR A 800 -53.21 -30.47 17.51
CA THR A 800 -53.97 -31.15 16.45
C THR A 800 -53.05 -31.62 15.31
N PRO A 801 -53.11 -32.91 14.95
CA PRO A 801 -52.21 -33.40 13.91
C PRO A 801 -52.54 -32.78 12.59
N VAL A 802 -51.52 -32.51 11.78
CA VAL A 802 -51.76 -32.05 10.44
C VAL A 802 -50.92 -32.78 9.43
N GLU A 803 -51.33 -32.68 8.16
CA GLU A 803 -50.55 -33.24 7.03
C GLU A 803 -49.49 -32.27 6.53
N GLY A 804 -48.44 -32.83 5.95
CA GLY A 804 -47.40 -32.04 5.32
C GLY A 804 -46.48 -31.40 6.32
N ASN A 805 -45.61 -30.51 5.85
CA ASN A 805 -44.60 -29.95 6.73
C ASN A 805 -44.74 -28.44 6.85
N LEU A 806 -45.90 -27.94 6.44
CA LEU A 806 -46.16 -26.50 6.40
C LEU A 806 -47.15 -26.08 7.46
N VAL A 807 -46.74 -25.08 8.20
CA VAL A 807 -47.55 -24.47 9.24
C VAL A 807 -47.99 -23.10 8.76
N PRO A 808 -49.29 -22.90 8.60
CA PRO A 808 -49.73 -21.64 8.02
C PRO A 808 -49.47 -20.52 9.01
N TYR A 809 -49.20 -19.31 8.52
CA TYR A 809 -48.72 -18.26 9.37
C TYR A 809 -49.87 -17.78 10.24
N ALA A 810 -49.59 -17.61 11.51
CA ALA A 810 -50.57 -17.03 12.43
C ALA A 810 -50.52 -15.53 12.42
N PRO A 811 -51.62 -14.91 12.84
CA PRO A 811 -51.61 -13.48 13.08
C PRO A 811 -50.58 -13.11 14.12
N ALA A 812 -50.06 -11.92 13.95
CA ALA A 812 -49.06 -11.37 14.84
C ALA A 812 -49.54 -11.32 16.26
N GLY A 813 -48.61 -11.51 17.17
CA GLY A 813 -48.94 -11.52 18.58
C GLY A 813 -49.22 -12.93 19.04
N SER A 814 -49.55 -13.84 18.15
CA SER A 814 -49.91 -15.14 18.64
C SER A 814 -48.70 -16.04 18.83
N THR A 815 -48.96 -17.12 19.55
CA THR A 815 -47.96 -18.10 19.81
C THR A 815 -48.46 -19.45 19.40
N VAL A 816 -47.64 -20.14 18.62
CA VAL A 816 -48.04 -21.39 18.01
C VAL A 816 -47.10 -22.49 18.48
N ARG A 817 -47.67 -23.57 19.05
CA ARG A 817 -46.81 -24.68 19.42
C ARG A 817 -46.93 -25.84 18.42
N VAL A 818 -45.79 -26.26 17.90
CA VAL A 818 -45.73 -27.28 16.85
C VAL A 818 -44.90 -28.41 17.37
N ASP A 819 -45.47 -29.61 17.48
CA ASP A 819 -44.64 -30.75 17.87
C ASP A 819 -44.28 -31.60 16.64
N VAL A 820 -43.03 -32.05 16.56
CA VAL A 820 -42.54 -32.73 15.37
C VAL A 820 -41.93 -34.08 15.76
N THR A 821 -42.21 -35.09 14.96
CA THR A 821 -41.74 -36.42 15.30
C THR A 821 -41.17 -37.05 14.08
N LEU A 822 -39.97 -37.60 14.23
CA LEU A 822 -39.38 -38.31 13.11
C LEU A 822 -38.28 -39.23 13.57
N MET B 1 26.65 19.82 14.88
CA MET B 1 26.97 18.42 15.18
C MET B 1 27.06 17.53 13.94
N ARG B 2 28.10 16.69 13.91
CA ARG B 2 28.34 15.71 12.82
C ARG B 2 28.16 14.29 13.30
N TYR B 3 27.85 13.38 12.37
CA TYR B 3 27.75 11.98 12.71
C TYR B 3 28.73 11.13 11.90
N GLY B 4 29.78 11.79 11.42
CA GLY B 4 30.77 11.12 10.61
C GLY B 4 31.61 12.17 9.91
N HIS B 5 32.39 11.72 8.92
CA HIS B 5 33.19 12.61 8.10
C HIS B 5 33.36 12.06 6.68
N PHE B 6 33.75 12.92 5.74
CA PHE B 6 34.10 12.44 4.41
C PHE B 6 35.48 11.84 4.41
N ASP B 7 35.69 10.83 3.58
CA ASP B 7 37.05 10.32 3.33
C ASP B 7 37.32 10.58 1.85
N ASP B 8 37.95 11.70 1.51
CA ASP B 8 38.05 12.05 0.09
C ASP B 8 38.91 11.11 -0.73
N GLU B 9 39.96 10.60 -0.10
CA GLU B 9 40.88 9.71 -0.75
C GLU B 9 40.16 8.44 -1.20
N ALA B 10 39.28 7.96 -0.33
CA ALA B 10 38.52 6.72 -0.54
C ALA B 10 37.18 6.93 -1.25
N ARG B 11 36.85 8.20 -1.47
CA ARG B 11 35.55 8.63 -2.05
C ARG B 11 34.41 7.95 -1.29
N GLU B 12 34.45 8.12 0.02
CA GLU B 12 33.42 7.54 0.89
C GLU B 12 32.93 8.56 1.89
N TYR B 13 31.72 8.35 2.41
CA TYR B 13 31.32 9.03 3.66
C TYR B 13 31.39 8.02 4.78
N VAL B 14 32.02 8.42 5.88
CA VAL B 14 32.32 7.52 6.96
C VAL B 14 31.43 7.88 8.14
N ILE B 15 30.46 7.03 8.38
CA ILE B 15 29.51 7.23 9.47
C ILE B 15 30.03 6.52 10.72
N THR B 16 30.22 7.27 11.80
CA THR B 16 30.96 6.74 12.96
C THR B 16 30.11 6.34 14.17
N THR B 17 28.79 6.33 14.01
CA THR B 17 27.86 5.94 15.08
C THR B 17 26.61 5.38 14.40
N PRO B 18 25.93 4.42 15.03
CA PRO B 18 24.63 3.95 14.53
C PRO B 18 23.55 5.01 14.72
N HIS B 19 23.81 5.91 15.66
CA HIS B 19 22.80 6.83 16.14
C HIS B 19 22.75 8.11 15.31
N THR B 20 22.41 7.94 14.04
CA THR B 20 22.19 9.12 13.17
C THR B 20 20.80 9.70 13.35
N PRO B 21 20.59 10.96 12.92
N PRO B 21 20.63 10.95 12.87
CA PRO B 21 19.28 11.59 13.10
CA PRO B 21 19.33 11.61 13.06
C PRO B 21 18.18 10.94 12.26
C PRO B 21 18.21 10.96 12.25
N TYR B 22 18.61 10.21 11.22
CA TYR B 22 17.69 9.52 10.35
C TYR B 22 18.46 8.43 9.63
N PRO B 23 17.76 7.43 9.06
CA PRO B 23 18.48 6.43 8.27
C PRO B 23 19.14 7.03 7.04
N TRP B 24 20.44 6.76 6.89
CA TRP B 24 21.24 7.33 5.78
C TRP B 24 21.61 6.25 4.78
N ILE B 25 21.21 6.44 3.54
CA ILE B 25 21.34 5.37 2.58
C ILE B 25 22.31 5.62 1.45
N ASN B 26 22.56 4.51 0.75
CA ASN B 26 23.38 4.50 -0.44
C ASN B 26 22.61 3.71 -1.47
N TYR B 27 22.95 3.90 -2.74
CA TYR B 27 22.40 3.07 -3.81
C TYR B 27 23.49 2.20 -4.48
N LEU B 28 23.17 0.92 -4.66
CA LEU B 28 24.08 -0.06 -5.30
C LEU B 28 23.42 -0.40 -6.63
N GLY B 29 24.23 -0.71 -7.62
CA GLY B 29 23.72 -1.10 -8.92
C GLY B 29 23.90 0.03 -9.92
N SER B 30 24.40 -0.32 -11.09
CA SER B 30 24.58 0.69 -12.10
C SER B 30 24.01 0.31 -13.44
N GLU B 31 23.27 -0.78 -13.54
CA GLU B 31 22.73 -1.15 -14.84
C GLU B 31 21.27 -1.52 -14.73
N GLN B 32 20.93 -2.73 -14.26
CA GLN B 32 19.55 -3.08 -14.14
C GLN B 32 19.06 -3.55 -12.76
N PHE B 33 19.99 -3.88 -11.89
CA PHE B 33 19.67 -4.43 -10.60
C PHE B 33 20.13 -3.43 -9.59
N PHE B 34 19.20 -2.97 -8.75
CA PHE B 34 19.50 -1.93 -7.77
C PHE B 34 19.18 -2.32 -6.33
N SER B 35 19.98 -1.81 -5.40
CA SER B 35 19.71 -1.98 -3.95
C SER B 35 19.67 -0.64 -3.24
N LEU B 36 18.76 -0.50 -2.29
CA LEU B 36 18.87 0.57 -1.30
C LEU B 36 19.46 -0.02 -0.04
N LEU B 37 20.41 0.69 0.55
CA LEU B 37 21.12 0.12 1.67
C LEU B 37 21.41 1.21 2.68
N SER B 38 20.88 1.10 3.90
CA SER B 38 21.09 2.11 4.92
C SER B 38 22.35 1.81 5.67
N HIS B 39 22.78 2.72 6.55
CA HIS B 39 24.01 2.49 7.30
C HIS B 39 23.80 1.43 8.37
N GLN B 40 22.59 0.86 8.40
CA GLN B 40 22.26 -0.24 9.31
C GLN B 40 21.81 -1.47 8.53
N ALA B 41 22.10 -1.47 7.23
CA ALA B 41 21.87 -2.63 6.36
C ALA B 41 20.40 -2.81 6.02
N GLY B 42 19.61 -1.77 6.27
CA GLY B 42 18.22 -1.74 5.82
C GLY B 42 18.05 -1.45 4.35
N GLY B 43 16.89 -1.80 3.83
CA GLY B 43 16.64 -1.56 2.43
C GLY B 43 16.13 -2.80 1.74
N TYR B 44 16.14 -2.74 0.41
CA TYR B 44 15.72 -3.85 -0.40
C TYR B 44 16.35 -3.78 -1.79
N SER B 45 16.20 -4.85 -2.56
CA SER B 45 16.71 -4.85 -3.93
C SER B 45 15.60 -5.22 -4.88
N PHE B 46 15.77 -4.81 -6.14
CA PHE B 46 14.81 -5.09 -7.21
C PHE B 46 15.50 -5.12 -8.58
N TYR B 47 14.91 -5.84 -9.53
CA TYR B 47 15.45 -5.88 -10.89
C TYR B 47 14.59 -5.05 -11.79
N ARG B 48 15.13 -3.89 -12.18
CA ARG B 48 14.51 -2.89 -13.12
C ARG B 48 13.30 -2.21 -12.58
N ASP B 49 12.35 -2.99 -12.03
CA ASP B 49 11.03 -2.45 -11.65
C ASP B 49 10.88 -2.61 -10.16
N ALA B 50 10.96 -1.52 -9.39
CA ALA B 50 10.80 -1.64 -7.95
C ALA B 50 9.36 -2.02 -7.52
N LYS B 51 8.40 -1.92 -8.44
CA LYS B 51 7.03 -2.31 -8.13
C LYS B 51 6.73 -3.78 -8.37
N MET B 52 7.12 -4.27 -9.54
CA MET B 52 6.69 -5.58 -10.03
C MET B 52 7.82 -6.63 -10.00
N ARG B 53 9.04 -6.23 -9.62
CA ARG B 53 10.09 -7.23 -9.50
C ARG B 53 11.00 -6.99 -8.29
N ARG B 54 10.40 -6.80 -7.12
CA ARG B 54 11.16 -6.65 -5.87
C ARG B 54 11.52 -7.99 -5.26
N LEU B 55 12.79 -8.16 -4.98
CA LEU B 55 13.27 -9.43 -4.47
C LEU B 55 12.95 -9.56 -2.98
N THR B 56 13.01 -8.43 -2.30
CA THR B 56 12.99 -8.43 -0.85
C THR B 56 12.13 -7.34 -0.29
N ARG B 57 11.68 -7.62 0.92
CA ARG B 57 10.62 -6.82 1.57
C ARG B 57 11.18 -5.81 2.50
N TYR B 58 10.57 -4.64 2.46
CA TYR B 58 10.98 -3.51 3.29
C TYR B 58 9.72 -2.77 3.77
N ARG B 59 9.77 -2.36 5.03
CA ARG B 59 8.63 -1.67 5.68
C ARG B 59 8.93 -0.18 5.86
N TYR B 60 8.20 0.67 5.18
CA TYR B 60 8.25 2.10 5.40
C TYR B 60 7.42 2.47 6.60
N ASN B 61 7.93 3.40 7.38
CA ASN B 61 7.27 3.85 8.60
C ASN B 61 7.16 2.72 9.60
N ASN B 62 8.27 1.98 9.75
CA ASN B 62 8.39 0.99 10.78
C ASN B 62 8.74 1.67 12.11
N ILE B 63 8.45 0.99 13.19
CA ILE B 63 8.79 1.45 14.51
C ILE B 63 9.63 0.37 15.14
N PRO B 64 10.94 0.60 15.25
N PRO B 64 10.97 0.60 15.23
CA PRO B 64 11.57 1.80 14.74
CA PRO B 64 11.61 1.79 14.71
C PRO B 64 11.82 1.77 13.23
C PRO B 64 11.86 1.74 13.21
N ALA B 65 12.26 2.92 12.70
CA ALA B 65 12.55 3.07 11.31
C ALA B 65 13.62 2.11 10.84
N ASP B 66 13.37 1.54 9.67
CA ASP B 66 14.44 0.86 8.95
C ASP B 66 14.90 -0.30 9.77
N ALA B 67 13.99 -1.18 10.17
CA ALA B 67 14.42 -2.31 11.00
C ALA B 67 14.17 -3.62 10.26
N GLY B 68 14.38 -3.60 8.96
CA GLY B 68 14.54 -4.80 8.18
C GLY B 68 15.63 -4.61 7.16
N GLY B 69 16.43 -5.65 6.97
CA GLY B 69 17.42 -5.60 5.91
C GLY B 69 18.20 -6.93 5.82
N ARG B 70 19.46 -6.83 5.43
CA ARG B 70 20.35 -7.94 5.29
C ARG B 70 21.13 -8.11 6.57
N TYR B 71 20.66 -9.01 7.42
CA TYR B 71 21.27 -9.13 8.71
C TYR B 71 22.15 -10.38 8.85
N LEU B 72 23.06 -10.29 9.80
CA LEU B 72 23.94 -11.39 10.14
C LEU B 72 23.99 -11.44 11.64
N TYR B 73 23.25 -12.38 12.20
CA TYR B 73 23.22 -12.60 13.64
C TYR B 73 24.44 -13.39 14.01
N VAL B 74 25.24 -12.84 14.91
CA VAL B 74 26.37 -13.57 15.47
C VAL B 74 26.01 -14.17 16.83
N ASN B 75 26.24 -15.46 16.97
CA ASN B 75 26.06 -16.11 18.25
C ASN B 75 27.43 -16.53 18.73
N ASP B 76 27.87 -15.91 19.81
CA ASP B 76 29.16 -16.19 20.35
C ASP B 76 28.91 -16.72 21.76
N GLY B 77 28.86 -18.03 21.90
CA GLY B 77 28.61 -18.65 23.21
C GLY B 77 27.27 -18.29 23.82
N GLY B 78 26.28 -18.03 22.96
CA GLY B 78 24.95 -17.70 23.45
C GLY B 78 24.65 -16.21 23.50
N ASP B 79 25.66 -15.37 23.36
CA ASP B 79 25.40 -13.95 23.22
C ASP B 79 25.13 -13.75 21.74
N VAL B 80 24.00 -13.08 21.44
CA VAL B 80 23.63 -12.78 20.04
C VAL B 80 23.71 -11.28 19.78
N TRP B 81 24.34 -10.91 18.69
CA TRP B 81 24.46 -9.54 18.28
C TRP B 81 24.51 -9.41 16.75
N THR B 82 24.21 -8.22 16.24
CA THR B 82 24.38 -7.93 14.84
C THR B 82 25.31 -6.75 14.63
N PRO B 83 26.21 -6.86 13.65
N PRO B 83 26.24 -6.86 13.62
CA PRO B 83 27.21 -5.83 13.38
CA PRO B 83 27.24 -5.82 13.36
C PRO B 83 26.58 -4.52 12.89
C PRO B 83 26.61 -4.53 12.85
N SER B 84 25.41 -4.63 12.28
CA SER B 84 24.68 -3.47 11.81
C SER B 84 23.98 -2.71 12.97
N TRP B 85 24.32 -3.11 14.20
CA TRP B 85 23.66 -2.64 15.44
C TRP B 85 22.19 -3.08 15.49
N LEU B 86 21.32 -2.40 14.73
CA LEU B 86 19.98 -2.94 14.54
C LEU B 86 20.10 -4.30 13.87
N PRO B 87 19.13 -5.20 14.10
CA PRO B 87 17.92 -5.01 14.95
C PRO B 87 18.11 -5.38 16.40
N VAL B 88 19.17 -6.10 16.72
CA VAL B 88 19.36 -6.56 18.08
C VAL B 88 19.73 -5.45 19.07
N LYS B 89 20.42 -4.41 18.58
CA LYS B 89 20.90 -3.27 19.38
C LYS B 89 21.71 -3.64 20.61
N ALA B 90 22.59 -4.62 20.47
CA ALA B 90 23.57 -4.89 21.50
C ALA B 90 24.68 -3.84 21.45
N ASP B 91 25.28 -3.58 22.61
CA ASP B 91 26.40 -2.63 22.75
C ASP B 91 27.62 -3.13 21.99
N LEU B 92 28.09 -2.34 21.04
CA LEU B 92 29.29 -2.71 20.29
C LEU B 92 30.48 -1.88 20.77
N ASP B 93 31.64 -2.52 20.75
CA ASP B 93 32.87 -1.85 21.10
C ASP B 93 33.37 -0.97 19.95
N HIS B 94 32.90 -1.26 18.74
CA HIS B 94 33.24 -0.45 17.60
C HIS B 94 32.16 -0.58 16.54
N PHE B 95 31.92 0.53 15.84
CA PHE B 95 30.98 0.60 14.70
C PHE B 95 31.46 1.65 13.71
N GLU B 96 31.33 1.32 12.43
CA GLU B 96 31.58 2.24 11.34
C GLU B 96 30.79 1.75 10.16
N ALA B 97 30.23 2.68 9.40
CA ALA B 97 29.65 2.40 8.11
C ALA B 97 30.28 3.37 7.14
N ARG B 98 30.62 2.88 5.95
CA ARG B 98 31.18 3.73 4.93
C ARG B 98 30.37 3.55 3.67
N HIS B 99 29.78 4.63 3.20
CA HIS B 99 29.05 4.60 1.92
C HIS B 99 29.98 5.09 0.82
N GLY B 100 30.25 4.25 -0.17
CA GLY B 100 31.11 4.63 -1.28
C GLY B 100 30.34 4.63 -2.56
N LEU B 101 31.02 4.70 -3.68
CA LEU B 101 30.27 4.79 -4.95
C LEU B 101 29.85 3.43 -5.49
N GLY B 102 28.62 3.04 -5.20
CA GLY B 102 28.09 1.74 -5.60
C GLY B 102 28.41 0.59 -4.69
N TYR B 103 28.96 0.91 -3.53
CA TYR B 103 29.22 -0.05 -2.48
C TYR B 103 29.16 0.62 -1.12
N SER B 104 29.00 -0.21 -0.09
CA SER B 104 29.18 0.26 1.27
C SER B 104 29.79 -0.85 2.10
N THR B 105 30.44 -0.48 3.21
CA THR B 105 30.87 -1.48 4.19
C THR B 105 30.31 -1.13 5.57
N ILE B 106 30.00 -2.16 6.34
CA ILE B 106 29.51 -1.94 7.69
C ILE B 106 30.26 -2.88 8.58
N THR B 107 30.76 -2.32 9.65
CA THR B 107 31.64 -3.07 10.54
C THR B 107 31.16 -2.89 11.96
N GLY B 108 31.13 -4.00 12.70
CA GLY B 108 30.68 -4.03 14.06
C GLY B 108 31.60 -4.96 14.83
N GLU B 109 31.88 -4.62 16.08
CA GLU B 109 32.70 -5.49 16.93
C GLU B 109 32.15 -5.54 18.32
N ARG B 110 32.19 -6.72 18.92
CA ARG B 110 31.65 -6.94 20.25
C ARG B 110 32.34 -8.12 20.89
N ASN B 111 32.89 -7.93 22.09
CA ASN B 111 33.45 -9.07 22.82
C ASN B 111 34.49 -9.86 22.04
N GLY B 112 35.32 -9.13 21.32
CA GLY B 112 36.47 -9.74 20.68
C GLY B 112 36.17 -10.36 19.33
N VAL B 113 35.00 -10.07 18.78
CA VAL B 113 34.67 -10.56 17.43
C VAL B 113 34.32 -9.36 16.58
N ARG B 114 35.03 -9.22 15.47
CA ARG B 114 34.76 -8.16 14.49
C ARG B 114 34.10 -8.76 13.26
N VAL B 115 33.06 -8.10 12.77
CA VAL B 115 32.50 -8.53 11.48
C VAL B 115 32.45 -7.34 10.55
N GLU B 116 33.08 -7.47 9.39
CA GLU B 116 32.96 -6.45 8.34
C GLU B 116 32.23 -7.04 7.15
N THR B 117 31.28 -6.29 6.60
CA THR B 117 30.58 -6.75 5.44
C THR B 117 30.71 -5.65 4.41
N LEU B 118 31.13 -6.02 3.19
CA LEU B 118 31.11 -5.18 2.01
C LEU B 118 29.92 -5.55 1.13
N PHE B 119 29.06 -4.57 0.81
CA PHE B 119 27.87 -4.81 0.01
C PHE B 119 28.06 -4.10 -1.31
N PHE B 120 27.89 -4.82 -2.42
CA PHE B 120 27.92 -4.17 -3.72
C PHE B 120 27.16 -4.98 -4.76
N VAL B 121 26.69 -4.29 -5.78
CA VAL B 121 26.17 -4.94 -6.98
C VAL B 121 27.26 -4.90 -8.04
N PRO B 122 27.75 -6.08 -8.44
CA PRO B 122 28.87 -6.13 -9.40
C PRO B 122 28.43 -5.71 -10.81
N VAL B 123 29.32 -5.10 -11.58
CA VAL B 123 28.98 -4.76 -12.96
C VAL B 123 28.72 -6.06 -13.72
N GLY B 124 27.75 -6.06 -14.63
CA GLY B 124 27.44 -7.25 -15.41
C GLY B 124 26.61 -8.34 -14.68
N GLU B 125 26.26 -8.12 -13.41
CA GLU B 125 25.48 -9.10 -12.63
C GLU B 125 24.19 -8.53 -12.04
N ASN B 126 23.15 -9.35 -12.04
CA ASN B 126 21.90 -8.96 -11.39
C ASN B 126 21.94 -9.62 -10.04
N ALA B 127 22.72 -9.05 -9.16
CA ALA B 127 22.90 -9.65 -7.86
C ALA B 127 23.56 -8.73 -6.86
N GLU B 128 23.22 -8.90 -5.59
CA GLU B 128 23.86 -8.17 -4.52
C GLU B 128 24.78 -9.10 -3.80
N VAL B 129 26.03 -8.70 -3.67
CA VAL B 129 27.03 -9.57 -3.07
C VAL B 129 27.45 -9.03 -1.73
N GLN B 130 27.72 -9.91 -0.78
CA GLN B 130 28.26 -9.45 0.51
C GLN B 130 29.51 -10.24 0.83
N LYS B 131 30.61 -9.52 0.97
CA LYS B 131 31.83 -10.14 1.39
C LYS B 131 31.96 -9.87 2.86
N VAL B 132 31.87 -10.92 3.64
CA VAL B 132 31.96 -10.83 5.09
C VAL B 132 33.30 -11.32 5.60
N THR B 133 33.93 -10.49 6.44
CA THR B 133 35.16 -10.83 7.08
C THR B 133 34.93 -10.85 8.60
N VAL B 134 35.23 -12.00 9.22
CA VAL B 134 35.08 -12.21 10.65
C VAL B 134 36.46 -12.37 11.25
N THR B 135 36.72 -11.66 12.34
CA THR B 135 38.06 -11.65 12.93
C THR B 135 38.04 -11.81 14.43
N ASN B 136 38.82 -12.73 14.94
CA ASN B 136 38.92 -12.95 16.35
C ASN B 136 39.93 -11.94 16.90
N THR B 137 39.45 -10.88 17.52
CA THR B 137 40.35 -9.83 17.98
C THR B 137 40.70 -10.02 19.47
N SER B 138 40.25 -11.14 20.05
CA SER B 138 40.52 -11.42 21.47
C SER B 138 41.77 -12.28 21.68
N ASP B 139 42.05 -12.58 22.94
CA ASP B 139 43.12 -13.52 23.24
C ASP B 139 42.68 -14.94 23.60
N SER B 140 41.46 -15.29 23.25
CA SER B 140 41.05 -16.68 23.37
C SER B 140 40.33 -17.19 22.14
N TYR B 141 40.12 -18.50 22.15
CA TYR B 141 39.47 -19.20 21.04
C TYR B 141 38.03 -18.79 20.93
N LYS B 142 37.52 -18.70 19.71
CA LYS B 142 36.10 -18.43 19.52
C LYS B 142 35.42 -19.48 18.68
N SER B 143 34.25 -19.88 19.15
CA SER B 143 33.38 -20.75 18.41
C SER B 143 32.14 -19.97 18.16
N LEU B 144 31.84 -19.74 16.89
CA LEU B 144 30.69 -18.92 16.55
C LEU B 144 29.74 -19.62 15.61
N THR B 145 28.52 -19.11 15.57
CA THR B 145 27.61 -19.51 14.53
C THR B 145 27.03 -18.21 13.97
N LEU B 146 26.99 -18.14 12.65
CA LEU B 146 26.51 -16.95 11.99
C LEU B 146 25.27 -17.30 11.24
N PHE B 147 24.21 -16.56 11.49
CA PHE B 147 22.94 -16.80 10.80
C PHE B 147 22.65 -15.62 9.87
N SER B 148 22.62 -15.88 8.58
CA SER B 148 22.30 -14.83 7.61
C SER B 148 20.81 -14.69 7.58
N PHE B 149 20.32 -13.56 7.09
CA PHE B 149 18.89 -13.34 7.06
C PHE B 149 18.48 -12.31 6.03
N VAL B 150 17.54 -12.70 5.18
CA VAL B 150 16.90 -11.75 4.28
C VAL B 150 15.41 -12.17 4.08
N GLU B 151 14.51 -11.18 4.15
CA GLU B 151 13.07 -11.44 4.01
C GLU B 151 12.65 -11.22 2.54
N PHE B 152 12.13 -12.27 1.91
CA PHE B 152 11.68 -12.07 0.53
C PHE B 152 10.37 -11.28 0.42
N CYS B 153 10.21 -10.66 -0.74
CA CYS B 153 8.99 -9.98 -1.15
C CYS B 153 8.42 -10.82 -2.25
N LEU B 154 7.11 -10.81 -2.39
CA LEU B 154 6.58 -11.69 -3.43
C LEU B 154 6.48 -10.98 -4.77
N TRP B 155 7.57 -10.29 -5.12
CA TRP B 155 7.81 -9.72 -6.47
C TRP B 155 7.04 -8.48 -6.80
N ASN B 156 5.71 -8.58 -6.77
CA ASN B 156 4.89 -7.38 -6.92
C ASN B 156 4.67 -6.79 -5.55
N ALA B 157 5.30 -5.66 -5.26
CA ALA B 157 5.26 -5.12 -3.91
C ALA B 157 3.89 -4.55 -3.50
N GLN B 158 3.10 -4.15 -4.47
CA GLN B 158 1.80 -3.66 -4.19
C GLN B 158 0.93 -4.80 -3.68
N ASP B 159 0.85 -5.86 -4.46
CA ASP B 159 0.13 -7.06 -4.06
C ASP B 159 0.67 -7.59 -2.75
N ASP B 160 1.98 -7.66 -2.63
CA ASP B 160 2.62 -8.14 -1.43
C ASP B 160 2.04 -7.50 -0.18
N GLN B 161 1.73 -6.22 -0.22
CA GLN B 161 1.34 -5.51 1.00
C GLN B 161 -0.17 -5.40 1.12
N THR B 162 -0.91 -5.84 0.12
CA THR B 162 -2.35 -5.64 0.17
C THR B 162 -3.22 -6.89 -0.06
N ASN B 163 -2.80 -7.76 -0.95
CA ASN B 163 -3.66 -8.86 -1.35
C ASN B 163 -3.46 -10.13 -0.55
N TYR B 164 -3.45 -10.04 0.78
CA TYR B 164 -3.08 -11.18 1.60
C TYR B 164 -4.08 -12.31 1.47
N GLN B 165 -5.30 -11.97 1.06
CA GLN B 165 -6.37 -12.96 0.88
C GLN B 165 -5.88 -14.06 -0.05
N ARG B 166 -5.09 -13.68 -1.05
CA ARG B 166 -4.42 -14.68 -1.88
C ARG B 166 -3.03 -15.02 -1.42
N ASN B 167 -2.22 -14.00 -1.22
CA ASN B 167 -0.78 -14.22 -1.21
C ASN B 167 -0.18 -14.84 0.04
N LEU B 168 -0.95 -15.03 1.10
CA LEU B 168 -0.40 -15.78 2.24
C LEU B 168 -0.37 -17.28 1.95
N SER B 169 -0.95 -17.68 0.81
CA SER B 169 -0.98 -19.08 0.42
C SER B 169 -0.11 -19.44 -0.77
N ILE B 170 0.68 -18.51 -1.31
CA ILE B 170 1.48 -18.81 -2.50
C ILE B 170 2.98 -18.87 -2.27
N GLY B 171 3.48 -18.44 -1.13
CA GLY B 171 4.92 -18.47 -0.89
C GLY B 171 5.55 -19.84 -1.08
N GLU B 172 6.53 -19.94 -1.99
CA GLU B 172 7.24 -21.20 -2.17
C GLU B 172 8.76 -21.06 -2.28
N VAL B 173 9.42 -22.12 -1.85
CA VAL B 173 10.88 -22.18 -1.89
C VAL B 173 11.40 -23.56 -2.28
N GLU B 174 12.67 -23.60 -2.65
CA GLU B 174 13.42 -24.88 -2.74
C GLU B 174 14.66 -24.63 -1.95
N VAL B 175 15.14 -25.70 -1.35
CA VAL B 175 16.35 -25.67 -0.56
C VAL B 175 17.41 -26.62 -1.13
N GLU B 176 18.66 -26.15 -1.16
CA GLU B 176 19.81 -26.86 -1.76
C GLU B 176 20.98 -26.77 -0.79
N GLN B 177 21.03 -27.66 0.20
CA GLN B 177 22.07 -27.53 1.24
C GLN B 177 23.42 -27.92 0.69
N GLU B 178 23.40 -28.75 -0.34
CA GLU B 178 24.65 -29.20 -0.98
C GLU B 178 24.73 -28.65 -2.37
N SER B 179 24.99 -27.35 -2.43
CA SER B 179 25.13 -26.64 -3.69
C SER B 179 26.59 -26.70 -4.15
N PRO B 180 26.83 -26.63 -5.46
CA PRO B 180 28.19 -26.80 -6.00
C PRO B 180 29.30 -26.04 -5.26
N HIS B 181 29.04 -24.84 -4.72
CA HIS B 181 30.08 -24.15 -3.95
C HIS B 181 29.70 -23.72 -2.55
N GLY B 182 28.65 -24.32 -1.99
CA GLY B 182 28.16 -23.95 -0.65
C GLY B 182 26.74 -24.39 -0.43
N SER B 183 25.89 -23.44 -0.05
CA SER B 183 24.49 -23.77 0.22
C SER B 183 23.61 -22.68 -0.33
N ALA B 184 22.44 -23.06 -0.84
CA ALA B 184 21.56 -22.09 -1.44
C ALA B 184 20.07 -22.33 -1.21
N ILE B 185 19.32 -21.24 -1.23
CA ILE B 185 17.88 -21.20 -1.09
C ILE B 185 17.32 -20.47 -2.31
N TYR B 186 16.27 -21.03 -2.88
CA TYR B 186 15.61 -20.44 -4.04
C TYR B 186 14.19 -19.97 -3.65
N HIS B 187 13.92 -18.71 -3.93
CA HIS B 187 12.59 -18.18 -3.77
C HIS B 187 11.91 -18.17 -5.12
N ARG B 188 10.84 -18.95 -5.25
CA ARG B 188 10.25 -19.18 -6.55
C ARG B 188 8.74 -19.01 -6.53
N THR B 189 8.26 -18.11 -5.69
CA THR B 189 6.85 -17.79 -5.66
C THR B 189 6.34 -17.45 -7.06
N GLU B 190 5.27 -18.14 -7.46
CA GLU B 190 4.61 -17.92 -8.75
C GLU B 190 5.43 -18.38 -9.95
N TYR B 191 6.53 -19.07 -9.67
CA TYR B 191 7.29 -19.66 -10.78
C TYR B 191 6.46 -20.76 -11.39
N ARG B 192 5.60 -21.39 -10.57
CA ARG B 192 4.77 -22.47 -11.12
C ARG B 192 3.80 -21.92 -12.14
N GLU B 193 3.51 -20.63 -12.06
CA GLU B 193 2.61 -20.05 -13.04
C GLU B 193 3.33 -19.16 -14.05
N ARG B 194 3.02 -17.88 -14.06
CA ARG B 194 3.48 -17.01 -15.15
C ARG B 194 4.89 -16.39 -14.97
N ARG B 195 5.55 -16.56 -13.83
CA ARG B 195 6.87 -15.96 -13.69
C ARG B 195 8.00 -16.83 -14.23
N ASP B 196 8.86 -16.24 -15.05
CA ASP B 196 9.98 -16.99 -15.59
C ASP B 196 11.25 -16.75 -14.79
N HIS B 197 11.08 -16.23 -13.59
CA HIS B 197 12.21 -15.82 -12.74
C HIS B 197 12.14 -16.30 -11.30
N TYR B 198 13.28 -16.36 -10.66
CA TYR B 198 13.34 -16.61 -9.23
C TYR B 198 14.53 -15.90 -8.60
N ALA B 199 14.62 -15.95 -7.27
CA ALA B 199 15.73 -15.34 -6.54
C ALA B 199 16.54 -16.43 -5.90
N VAL B 200 17.85 -16.22 -5.78
CA VAL B 200 18.68 -17.21 -5.09
C VAL B 200 19.44 -16.53 -3.95
N PHE B 201 19.55 -17.21 -2.83
CA PHE B 201 20.22 -16.62 -1.65
C PHE B 201 21.22 -17.65 -1.18
N ALA B 202 22.50 -17.34 -1.27
CA ALA B 202 23.47 -18.40 -1.10
C ALA B 202 24.71 -17.96 -0.36
N VAL B 203 25.45 -18.94 0.10
CA VAL B 203 26.75 -18.68 0.73
C VAL B 203 27.78 -19.68 0.15
N ASN B 204 29.04 -19.27 0.14
CA ASN B 204 30.08 -20.05 -0.55
C ASN B 204 30.77 -21.04 0.38
N THR B 205 30.01 -21.62 1.28
CA THR B 205 30.54 -22.69 2.11
C THR B 205 29.38 -23.58 2.51
N GLN B 206 29.71 -24.72 3.09
CA GLN B 206 28.65 -25.64 3.56
C GLN B 206 27.96 -25.01 4.76
N ALA B 207 26.66 -24.78 4.65
CA ALA B 207 25.87 -24.30 5.79
C ALA B 207 25.53 -25.48 6.69
N GLU B 208 25.64 -25.25 7.98
CA GLU B 208 25.32 -26.29 8.94
C GLU B 208 23.79 -26.49 9.03
N GLY B 209 23.02 -25.43 8.75
CA GLY B 209 21.55 -25.48 8.69
C GLY B 209 20.96 -24.33 7.89
N PHE B 210 19.63 -24.32 7.76
CA PHE B 210 18.94 -23.24 7.01
C PHE B 210 17.55 -22.96 7.59
N ASP B 211 16.93 -21.88 7.13
CA ASP B 211 15.52 -21.61 7.48
C ASP B 211 14.94 -20.82 6.36
N THR B 212 13.74 -21.18 5.95
CA THR B 212 13.06 -20.40 4.92
C THR B 212 11.72 -19.82 5.36
N ASP B 213 11.32 -20.10 6.60
CA ASP B 213 10.07 -19.60 7.16
C ASP B 213 10.29 -18.55 8.26
N ARG B 214 9.81 -17.32 8.03
CA ARG B 214 10.11 -16.23 8.94
C ARG B 214 9.63 -16.58 10.31
N ASP B 215 8.41 -17.09 10.37
CA ASP B 215 7.77 -17.23 11.65
C ASP B 215 8.51 -18.25 12.45
N THR B 216 9.14 -19.19 11.76
CA THR B 216 9.90 -20.18 12.49
C THR B 216 11.26 -19.61 12.94
N PHE B 217 11.93 -18.86 12.07
CA PHE B 217 13.22 -18.30 12.41
C PHE B 217 13.09 -17.28 13.54
N VAL B 218 12.13 -16.38 13.39
CA VAL B 218 12.02 -15.26 14.28
C VAL B 218 11.29 -15.60 15.55
N GLY B 219 10.24 -16.41 15.40
CA GLY B 219 9.44 -16.82 16.55
C GLY B 219 8.23 -15.92 16.76
N ALA B 220 7.17 -16.56 17.22
CA ALA B 220 5.92 -15.84 17.55
C ALA B 220 6.18 -14.76 18.61
N TYR B 221 5.52 -13.62 18.42
CA TYR B 221 5.53 -12.53 19.41
C TYR B 221 6.90 -11.82 19.45
N ASN B 222 7.83 -12.20 18.57
CA ASN B 222 9.12 -11.57 18.54
C ASN B 222 9.38 -10.59 17.41
N SER B 223 10.21 -9.62 17.71
CA SER B 223 10.77 -8.77 16.71
C SER B 223 12.05 -9.38 16.14
N LEU B 224 12.52 -8.80 15.04
CA LEU B 224 13.79 -9.27 14.43
C LEU B 224 14.93 -9.17 15.43
N GLY B 225 14.81 -8.24 16.37
CA GLY B 225 15.86 -8.06 17.37
C GLY B 225 15.85 -9.13 18.43
N GLU B 226 14.83 -9.98 18.39
CA GLU B 226 14.68 -11.06 19.40
C GLU B 226 14.49 -12.43 18.75
N ALA B 227 14.91 -12.55 17.50
CA ALA B 227 14.79 -13.76 16.71
C ALA B 227 15.23 -15.01 17.51
N ALA B 228 14.35 -16.01 17.52
CA ALA B 228 14.54 -17.21 18.34
C ALA B 228 15.62 -18.17 17.86
N VAL B 229 15.67 -18.41 16.54
CA VAL B 229 16.63 -19.34 16.02
C VAL B 229 18.06 -18.99 16.39
N PRO B 230 18.49 -17.77 16.09
CA PRO B 230 19.82 -17.35 16.52
C PRO B 230 20.01 -17.49 18.02
N LEU B 231 18.99 -17.17 18.83
CA LEU B 231 19.16 -17.26 20.26
C LEU B 231 19.28 -18.73 20.63
N LYS B 232 18.57 -19.61 19.94
CA LYS B 232 18.71 -21.05 20.20
C LYS B 232 20.11 -21.56 19.87
N GLY B 233 20.68 -21.02 18.81
CA GLY B 233 22.04 -21.38 18.45
C GLY B 233 22.11 -22.40 17.33
N GLU B 234 20.98 -22.70 16.72
CA GLU B 234 20.98 -23.57 15.57
C GLU B 234 19.71 -23.38 14.73
N SER B 235 19.87 -23.50 13.43
CA SER B 235 18.77 -23.40 12.48
C SER B 235 17.70 -24.48 12.71
N ALA B 236 16.47 -24.15 12.36
CA ALA B 236 15.34 -25.03 12.54
C ALA B 236 15.07 -25.80 11.26
N ASN B 237 15.77 -25.43 10.20
CA ASN B 237 15.69 -26.14 8.96
C ASN B 237 14.27 -26.12 8.35
N SER B 238 13.59 -24.99 8.52
CA SER B 238 12.20 -24.86 8.15
C SER B 238 11.99 -24.73 6.64
N VAL B 239 10.95 -25.36 6.11
CA VAL B 239 10.59 -25.19 4.70
C VAL B 239 9.25 -24.48 4.58
N ALA B 240 9.28 -23.30 3.98
CA ALA B 240 8.08 -22.49 3.85
C ALA B 240 7.00 -23.16 3.06
N SER B 241 5.77 -22.86 3.45
CA SER B 241 4.61 -23.21 2.66
C SER B 241 3.67 -22.06 2.93
N GLY B 242 3.63 -21.09 2.02
CA GLY B 242 2.85 -19.90 2.27
C GLY B 242 3.46 -19.01 3.35
N TRP B 243 2.67 -18.04 3.80
CA TRP B 243 3.11 -17.13 4.86
C TRP B 243 4.36 -16.41 4.37
N TYR B 244 5.42 -16.36 5.20
CA TYR B 244 6.50 -15.39 4.83
C TYR B 244 7.86 -16.05 4.60
N PRO B 245 8.22 -16.30 3.33
CA PRO B 245 9.52 -16.90 3.04
C PRO B 245 10.68 -15.99 3.39
N ILE B 246 11.78 -16.63 3.78
CA ILE B 246 13.02 -15.93 4.01
C ILE B 246 14.21 -16.80 3.52
N GLY B 247 15.39 -16.19 3.54
CA GLY B 247 16.60 -16.89 3.22
C GLY B 247 17.49 -16.74 4.42
N SER B 248 17.90 -17.86 4.99
CA SER B 248 18.81 -17.86 6.13
CA SER B 248 18.83 -17.84 6.11
C SER B 248 19.65 -19.13 6.13
N HIS B 249 20.94 -18.95 6.40
CA HIS B 249 21.86 -20.06 6.57
C HIS B 249 22.58 -19.91 7.87
N SER B 250 22.87 -21.01 8.54
CA SER B 250 23.81 -20.98 9.64
C SER B 250 25.16 -21.51 9.13
N VAL B 251 26.22 -20.82 9.53
CA VAL B 251 27.59 -21.24 9.21
C VAL B 251 28.39 -21.27 10.49
N ALA B 252 29.11 -22.35 10.69
CA ALA B 252 29.92 -22.53 11.90
C ALA B 252 31.30 -21.93 11.66
N VAL B 253 31.80 -21.22 12.65
CA VAL B 253 33.02 -20.46 12.46
C VAL B 253 33.84 -20.52 13.72
N SER B 254 34.94 -21.26 13.65
CA SER B 254 35.86 -21.36 14.76
C SER B 254 37.12 -20.60 14.48
N LEU B 255 37.62 -19.91 15.50
CA LEU B 255 38.79 -19.07 15.31
C LEU B 255 39.72 -19.00 16.51
N ALA B 256 40.99 -19.17 16.21
CA ALA B 256 42.07 -18.91 17.13
C ALA B 256 42.24 -17.43 17.27
N PRO B 257 42.94 -17.00 18.32
CA PRO B 257 43.26 -15.57 18.48
C PRO B 257 43.88 -14.95 17.23
N GLY B 258 43.33 -13.80 16.84
CA GLY B 258 43.81 -13.07 15.68
C GLY B 258 43.47 -13.69 14.35
N GLU B 259 42.76 -14.81 14.38
CA GLU B 259 42.39 -15.49 13.15
C GLU B 259 41.19 -14.79 12.51
N SER B 260 41.09 -14.85 11.20
CA SER B 260 39.87 -14.44 10.52
C SER B 260 39.35 -15.47 9.50
N ARG B 261 38.10 -15.29 9.11
CA ARG B 261 37.46 -16.12 8.09
C ARG B 261 36.67 -15.21 7.14
N GLU B 262 36.76 -15.46 5.82
CA GLU B 262 35.91 -14.77 4.84
C GLU B 262 34.82 -15.66 4.26
N LEU B 263 33.69 -15.03 4.00
CA LEU B 263 32.55 -15.70 3.43
C LEU B 263 31.94 -14.78 2.40
N VAL B 264 31.32 -15.36 1.39
CA VAL B 264 30.70 -14.58 0.35
C VAL B 264 29.26 -15.03 0.21
N TYR B 265 28.35 -14.09 0.44
CA TYR B 265 26.90 -14.32 0.26
C TYR B 265 26.43 -13.59 -0.96
N VAL B 266 25.48 -14.21 -1.64
CA VAL B 266 24.98 -13.68 -2.89
C VAL B 266 23.48 -13.72 -2.84
N LEU B 267 22.86 -12.62 -3.21
CA LEU B 267 21.40 -12.59 -3.41
C LEU B 267 21.24 -12.32 -4.89
N GLY B 268 20.76 -13.29 -5.65
CA GLY B 268 20.77 -13.18 -7.08
C GLY B 268 19.40 -13.27 -7.75
N TYR B 269 19.29 -12.62 -8.89
CA TYR B 269 18.06 -12.69 -9.66
C TYR B 269 18.28 -13.49 -10.94
N VAL B 270 17.39 -14.43 -11.21
CA VAL B 270 17.60 -15.36 -12.32
C VAL B 270 16.31 -15.49 -13.16
N GLU B 271 16.45 -15.44 -14.49
CA GLU B 271 15.37 -15.61 -15.44
C GLU B 271 15.74 -16.78 -16.40
N ASN B 272 14.79 -17.69 -16.65
CA ASN B 272 14.97 -18.77 -17.62
C ASN B 272 14.02 -18.61 -18.81
N PRO B 273 14.49 -18.91 -20.02
CA PRO B 273 13.57 -18.93 -21.16
C PRO B 273 12.43 -19.89 -20.88
N ASP B 274 11.28 -19.72 -21.52
CA ASP B 274 10.13 -20.56 -21.13
C ASP B 274 10.43 -22.04 -21.27
N GLU B 275 11.13 -22.39 -22.34
CA GLU B 275 11.42 -23.77 -22.56
C GLU B 275 12.62 -24.33 -21.77
N GLU B 276 13.17 -23.53 -20.86
CA GLU B 276 14.21 -24.01 -19.95
C GLU B 276 13.84 -23.82 -18.48
N LYS B 277 12.55 -23.61 -18.19
CA LYS B 277 12.11 -23.33 -16.82
C LYS B 277 12.42 -24.42 -15.82
N TRP B 278 12.24 -25.68 -16.24
CA TRP B 278 12.13 -26.83 -15.34
C TRP B 278 13.30 -27.82 -15.52
N ALA B 279 13.76 -28.39 -14.42
CA ALA B 279 14.85 -29.36 -14.45
C ALA B 279 14.31 -30.73 -14.76
N ASP B 280 13.02 -30.90 -14.48
CA ASP B 280 12.38 -32.21 -14.49
C ASP B 280 11.20 -32.30 -15.45
N ASP B 281 10.98 -33.52 -15.94
CA ASP B 281 9.88 -33.77 -16.85
C ASP B 281 8.50 -33.43 -16.26
N ALA B 282 8.38 -33.50 -14.94
CA ALA B 282 7.09 -33.26 -14.27
C ALA B 282 6.89 -31.79 -13.90
N LYS B 283 7.92 -30.97 -14.16
CA LYS B 283 7.80 -29.55 -14.01
C LYS B 283 7.55 -29.15 -12.56
N GLN B 284 8.27 -29.75 -11.63
CA GLN B 284 8.16 -29.36 -10.23
C GLN B 284 9.42 -28.76 -9.65
N VAL B 285 10.50 -28.82 -10.42
CA VAL B 285 11.82 -28.41 -9.88
C VAL B 285 12.42 -27.36 -10.80
N VAL B 286 12.80 -26.19 -10.24
N VAL B 286 12.80 -26.21 -10.23
CA VAL B 286 13.28 -25.13 -11.12
CA VAL B 286 13.33 -25.11 -11.00
C VAL B 286 14.64 -25.52 -11.68
C VAL B 286 14.66 -25.51 -11.65
N ASN B 287 14.90 -25.00 -12.86
CA ASN B 287 16.16 -25.20 -13.52
C ASN B 287 17.15 -24.19 -12.91
N LYS B 288 18.18 -24.68 -12.26
CA LYS B 288 19.08 -23.85 -11.50
C LYS B 288 20.41 -23.58 -12.19
N GLU B 289 20.50 -23.94 -13.46
CA GLU B 289 21.76 -23.81 -14.16
C GLU B 289 22.34 -22.44 -14.04
N ARG B 290 21.52 -21.42 -14.27
CA ARG B 290 21.98 -20.05 -14.30
C ARG B 290 22.34 -19.60 -12.90
N ALA B 291 21.61 -20.13 -11.92
CA ALA B 291 21.89 -19.83 -10.53
C ALA B 291 23.25 -20.43 -10.17
N HIS B 292 23.51 -21.66 -10.59
CA HIS B 292 24.82 -22.26 -10.25
C HIS B 292 25.96 -21.50 -10.95
N ALA B 293 25.72 -21.04 -12.16
CA ALA B 293 26.75 -20.25 -12.85
C ALA B 293 27.03 -18.96 -12.09
N LEU B 294 26.01 -18.20 -11.73
CA LEU B 294 26.26 -17.01 -10.96
C LEU B 294 27.09 -17.33 -9.73
N LEU B 295 26.62 -18.31 -8.96
CA LEU B 295 27.30 -18.68 -7.74
C LEU B 295 28.75 -19.13 -7.92
N SER B 296 29.08 -19.60 -9.11
CA SER B 296 30.43 -20.05 -9.43
C SER B 296 31.35 -18.86 -9.70
N ARG B 297 30.74 -17.73 -10.09
CA ARG B 297 31.52 -16.52 -10.35
C ARG B 297 31.79 -15.77 -9.03
N PHE B 298 31.18 -16.23 -7.96
CA PHE B 298 31.39 -15.60 -6.65
C PHE B 298 31.64 -16.63 -5.60
N ALA B 299 32.40 -17.67 -5.96
CA ALA B 299 32.66 -18.74 -5.02
C ALA B 299 33.86 -18.45 -4.14
N THR B 300 34.66 -17.44 -4.48
CA THR B 300 35.85 -17.15 -3.70
C THR B 300 36.02 -15.66 -3.42
N SER B 301 36.75 -15.36 -2.34
CA SER B 301 37.14 -13.99 -2.03
C SER B 301 37.96 -13.35 -3.16
N GLU B 302 38.83 -14.14 -3.78
CA GLU B 302 39.57 -13.67 -4.95
C GLU B 302 38.64 -13.15 -6.09
N GLN B 303 37.68 -13.95 -6.54
CA GLN B 303 36.74 -13.47 -7.57
C GLN B 303 35.94 -12.26 -7.15
N THR B 304 35.54 -12.29 -5.89
CA THR B 304 34.74 -11.22 -5.30
C THR B 304 35.59 -9.94 -5.29
N ASP B 305 36.86 -10.06 -4.87
CA ASP B 305 37.79 -8.90 -4.84
C ASP B 305 37.95 -8.26 -6.22
N ALA B 306 37.97 -9.08 -7.28
CA ALA B 306 38.20 -8.57 -8.61
C ALA B 306 36.96 -7.81 -9.07
N ALA B 307 35.79 -8.36 -8.74
CA ALA B 307 34.55 -7.69 -9.12
C ALA B 307 34.51 -6.32 -8.45
N PHE B 308 34.99 -6.26 -7.23
CA PHE B 308 34.94 -5.00 -6.52
C PHE B 308 35.85 -3.98 -7.23
N ALA B 309 37.04 -4.41 -7.62
CA ALA B 309 37.95 -3.53 -8.35
C ALA B 309 37.43 -3.14 -9.74
N ALA B 310 36.70 -4.00 -10.43
CA ALA B 310 36.07 -3.59 -11.69
C ALA B 310 34.95 -2.56 -11.47
N LEU B 311 34.28 -2.68 -10.32
CA LEU B 311 33.29 -1.70 -9.91
C LEU B 311 33.93 -0.33 -9.81
N LYS B 312 35.01 -0.32 -9.07
CA LYS B 312 35.71 0.89 -8.70
C LYS B 312 36.23 1.54 -9.98
N ASP B 313 36.70 0.73 -10.91
CA ASP B 313 37.20 1.27 -12.16
C ASP B 313 36.05 1.86 -12.97
N TYR B 314 34.88 1.22 -12.98
CA TYR B 314 33.69 1.82 -13.62
C TYR B 314 33.50 3.27 -13.18
N TRP B 315 33.50 3.51 -11.87
CA TRP B 315 33.18 4.84 -11.34
C TRP B 315 34.30 5.81 -11.50
N THR B 316 35.53 5.32 -11.34
CA THR B 316 36.71 6.18 -11.55
C THR B 316 36.78 6.67 -12.98
N ASP B 317 36.45 5.81 -13.92
CA ASP B 317 36.50 6.24 -15.29
C ASP B 317 35.27 7.05 -15.65
N LEU B 318 34.19 6.79 -14.94
CA LEU B 318 32.96 7.47 -15.23
C LEU B 318 33.11 8.95 -14.87
N LEU B 319 33.60 9.22 -13.66
CA LEU B 319 33.70 10.56 -13.17
C LEU B 319 35.08 11.12 -13.49
N SER B 320 35.39 11.26 -14.76
CA SER B 320 36.70 11.76 -15.12
C SER B 320 36.55 12.82 -16.20
N THR B 321 35.36 13.44 -16.27
CA THR B 321 35.09 14.43 -17.29
C THR B 321 35.14 15.87 -16.79
N TYR B 322 34.78 16.08 -15.52
CA TYR B 322 34.89 17.40 -14.90
C TYR B 322 35.45 17.30 -13.49
N SER B 323 36.52 18.03 -13.22
CA SER B 323 37.08 18.02 -11.90
CA SER B 323 37.16 17.99 -11.93
C SER B 323 37.60 19.42 -11.61
N VAL B 324 37.70 19.72 -10.32
CA VAL B 324 38.22 20.98 -9.88
C VAL B 324 39.17 20.80 -8.68
N SER B 325 40.14 21.69 -8.60
CA SER B 325 41.12 21.70 -7.49
CA SER B 325 40.99 21.69 -7.42
C SER B 325 41.25 23.11 -6.89
N SER B 326 40.99 23.23 -5.60
CA SER B 326 41.06 24.53 -5.01
C SER B 326 41.41 24.53 -3.54
N ASN B 327 41.27 25.70 -2.94
CA ASN B 327 41.50 25.90 -1.53
C ASN B 327 40.34 25.37 -0.76
N ASP B 328 39.24 25.13 -1.47
CA ASP B 328 38.00 24.76 -0.80
C ASP B 328 37.67 23.30 -1.00
N GLU B 329 37.99 22.53 0.02
CA GLU B 329 37.87 21.10 -0.09
C GLU B 329 36.43 20.66 0.06
N LYS B 330 35.57 21.54 0.56
CA LYS B 330 34.17 21.25 0.54
C LYS B 330 33.63 21.37 -0.86
N LEU B 331 33.97 22.47 -1.52
CA LEU B 331 33.56 22.69 -2.92
C LEU B 331 34.03 21.51 -3.75
N ASP B 332 35.28 21.14 -3.55
CA ASP B 332 35.91 20.17 -4.45
C ASP B 332 35.25 18.80 -4.33
N ARG B 333 35.00 18.37 -3.10
CA ARG B 333 34.40 17.06 -2.92
C ARG B 333 33.01 16.97 -3.58
N MET B 334 32.25 18.07 -3.53
CA MET B 334 30.89 18.08 -4.08
C MET B 334 30.96 18.04 -5.56
N VAL B 335 31.81 18.89 -6.10
CA VAL B 335 31.98 18.93 -7.53
C VAL B 335 32.59 17.66 -8.10
N ASN B 336 33.65 17.18 -7.50
CA ASN B 336 34.39 16.05 -8.09
C ASN B 336 33.72 14.70 -7.93
N ILE B 337 33.05 14.52 -6.79
CA ILE B 337 32.54 13.20 -6.38
C ILE B 337 31.02 13.17 -6.17
N TRP B 338 30.57 13.81 -5.09
CA TRP B 338 29.21 13.55 -4.58
C TRP B 338 28.07 14.10 -5.43
N ASN B 339 28.28 15.26 -6.07
CA ASN B 339 27.22 15.82 -6.95
C ASN B 339 27.08 15.02 -8.23
N GLN B 340 28.19 14.52 -8.76
CA GLN B 340 28.13 13.73 -10.02
C GLN B 340 27.58 12.33 -9.74
N TYR B 341 27.98 11.76 -8.62
CA TYR B 341 27.41 10.48 -8.17
C TYR B 341 25.89 10.60 -8.02
N GLN B 342 25.46 11.66 -7.34
CA GLN B 342 24.04 11.85 -7.15
C GLN B 342 23.29 12.00 -8.47
N CYS B 343 23.79 12.81 -9.40
CA CYS B 343 23.18 12.92 -10.71
C CYS B 343 23.14 11.59 -11.47
N MET B 344 24.13 10.71 -11.29
CA MET B 344 24.06 9.41 -11.99
C MET B 344 22.97 8.52 -11.41
N VAL B 345 22.89 8.55 -10.10
CA VAL B 345 21.86 7.81 -9.40
C VAL B 345 20.45 8.28 -9.79
N THR B 346 20.25 9.58 -9.97
CA THR B 346 18.94 10.03 -10.40
C THR B 346 18.64 9.46 -11.78
N PHE B 347 19.64 9.37 -12.64
CA PHE B 347 19.45 8.75 -13.97
C PHE B 347 18.97 7.31 -13.86
N ASN B 348 19.73 6.53 -13.09
CA ASN B 348 19.46 5.12 -12.87
C ASN B 348 18.11 4.83 -12.22
N MET B 349 17.73 5.68 -11.26
CA MET B 349 16.63 5.38 -10.35
C MET B 349 15.39 6.20 -10.63
N SER B 350 15.53 7.25 -11.45
CA SER B 350 14.42 8.15 -11.74
C SER B 350 13.87 8.72 -10.42
N ARG B 351 12.59 8.48 -10.14
CA ARG B 351 12.00 8.96 -8.88
C ARG B 351 11.34 7.78 -8.18
N SER B 352 11.96 6.59 -8.33
CA SER B 352 11.29 5.31 -8.00
C SER B 352 11.24 5.05 -6.52
N ALA B 353 12.43 4.92 -5.95
CA ALA B 353 12.54 4.34 -4.64
C ALA B 353 13.64 5.00 -3.88
N SER B 354 13.28 5.50 -2.72
CA SER B 354 14.23 6.00 -1.77
C SER B 354 13.66 5.65 -0.38
N PHE B 355 14.10 6.31 0.68
CA PHE B 355 13.43 6.08 1.96
C PHE B 355 12.25 7.01 2.16
N PHE B 356 11.90 7.74 1.10
CA PHE B 356 10.68 8.61 1.10
C PHE B 356 9.75 8.27 -0.04
N GLU B 357 10.33 7.85 -1.17
CA GLU B 357 9.57 7.33 -2.30
C GLU B 357 9.48 5.81 -2.14
N THR B 358 8.26 5.25 -2.16
CA THR B 358 8.08 3.84 -1.77
C THR B 358 8.20 2.75 -2.84
N GLY B 359 8.47 3.13 -4.09
CA GLY B 359 8.77 2.12 -5.10
C GLY B 359 7.57 1.50 -5.79
N ILE B 360 6.41 2.08 -5.59
CA ILE B 360 5.18 1.54 -6.18
C ILE B 360 4.94 2.33 -7.46
N GLY B 361 5.12 3.65 -7.38
CA GLY B 361 5.09 4.50 -8.55
C GLY B 361 6.36 4.33 -9.37
N ARG B 362 6.19 4.24 -10.70
CA ARG B 362 7.28 3.95 -11.61
C ARG B 362 7.51 5.05 -12.65
N GLY B 363 6.71 6.11 -12.60
CA GLY B 363 6.92 7.20 -13.51
C GLY B 363 7.81 8.28 -12.94
N MET B 364 8.10 9.23 -13.81
CA MET B 364 8.70 10.50 -13.46
C MET B 364 8.14 11.58 -14.42
N GLY B 365 8.31 12.83 -14.05
CA GLY B 365 7.86 13.92 -14.92
C GLY B 365 8.65 14.00 -16.21
N PHE B 366 7.92 14.27 -17.29
CA PHE B 366 8.55 14.65 -18.56
C PHE B 366 9.60 15.74 -18.31
N ARG B 367 9.23 16.72 -17.51
CA ARG B 367 10.11 17.85 -17.22
C ARG B 367 11.33 17.41 -16.42
N ASP B 368 11.16 16.42 -15.54
CA ASP B 368 12.25 15.83 -14.76
C ASP B 368 13.25 15.03 -15.66
N SER B 369 12.74 14.32 -16.67
CA SER B 369 13.62 13.61 -17.57
C SER B 369 14.58 14.57 -18.29
N ASN B 370 14.04 15.67 -18.78
CA ASN B 370 14.88 16.66 -19.49
C ASN B 370 15.83 17.35 -18.53
N GLN B 371 15.30 17.79 -17.41
CA GLN B 371 16.14 18.50 -16.45
C GLN B 371 17.23 17.62 -15.88
N ASP B 372 16.89 16.38 -15.53
CA ASP B 372 17.91 15.48 -15.00
C ASP B 372 19.05 15.36 -16.02
N LEU B 373 18.70 15.44 -17.30
CA LEU B 373 19.69 15.30 -18.40
C LEU B 373 20.81 16.35 -18.34
N LEU B 374 20.45 17.55 -17.87
CA LEU B 374 21.38 18.67 -17.81
C LEU B 374 22.56 18.35 -16.91
N GLY B 375 22.34 17.49 -15.93
CA GLY B 375 23.34 17.14 -14.93
C GLY B 375 24.20 15.95 -15.27
N PHE B 376 23.69 15.07 -16.12
CA PHE B 376 24.45 13.87 -16.46
C PHE B 376 24.91 13.75 -17.90
N VAL B 377 24.58 14.70 -18.77
CA VAL B 377 24.86 14.55 -20.18
C VAL B 377 26.37 14.52 -20.43
N HIS B 378 27.15 15.05 -19.48
CA HIS B 378 28.62 15.09 -19.61
C HIS B 378 29.28 13.76 -19.25
N LEU B 379 28.51 12.89 -18.58
CA LEU B 379 29.01 11.60 -18.16
C LEU B 379 28.57 10.50 -19.11
N ILE B 380 27.33 10.57 -19.59
CA ILE B 380 26.80 9.46 -20.40
C ILE B 380 26.03 9.98 -21.61
N PRO B 381 26.75 10.62 -22.54
CA PRO B 381 26.08 11.33 -23.63
C PRO B 381 25.27 10.40 -24.54
N GLU B 382 25.72 9.14 -24.71
CA GLU B 382 24.98 8.21 -25.57
C GLU B 382 23.67 7.76 -24.92
N ARG B 383 23.71 7.49 -23.60
CA ARG B 383 22.48 7.24 -22.89
C ARG B 383 21.58 8.48 -22.97
N ALA B 384 22.15 9.68 -22.89
CA ALA B 384 21.31 10.91 -22.96
C ALA B 384 20.55 11.08 -24.28
N ARG B 385 21.23 10.76 -25.39
CA ARG B 385 20.66 10.91 -26.74
C ARG B 385 19.49 9.97 -26.87
N GLU B 386 19.68 8.81 -26.29
CA GLU B 386 18.66 7.77 -26.34
C GLU B 386 17.43 8.24 -25.57
N ARG B 387 17.70 8.80 -24.38
CA ARG B 387 16.63 9.31 -23.55
C ARG B 387 15.83 10.35 -24.28
N ILE B 388 16.51 11.35 -24.85
CA ILE B 388 15.81 12.38 -25.57
C ILE B 388 14.87 11.87 -26.66
N ILE B 389 15.36 10.94 -27.45
CA ILE B 389 14.54 10.35 -28.51
C ILE B 389 13.33 9.60 -27.90
N ASP B 390 13.60 8.89 -26.81
CA ASP B 390 12.58 8.12 -26.13
C ASP B 390 11.45 9.03 -25.67
N ILE B 391 11.77 10.10 -24.95
CA ILE B 391 10.69 10.93 -24.45
C ILE B 391 10.03 11.75 -25.56
N ALA B 392 10.78 12.20 -26.56
CA ALA B 392 10.17 12.98 -27.66
C ALA B 392 9.20 12.10 -28.45
N SER B 393 9.38 10.79 -28.40
CA SER B 393 8.53 9.91 -29.19
C SER B 393 7.12 9.80 -28.58
N THR B 394 6.99 10.20 -27.32
CA THR B 394 5.69 10.14 -26.62
C THR B 394 4.88 11.44 -26.84
N GLN B 395 5.57 12.50 -27.21
CA GLN B 395 4.95 13.78 -27.44
C GLN B 395 3.78 13.76 -28.41
N PHE B 396 2.76 14.55 -28.13
CA PHE B 396 1.59 14.61 -28.99
C PHE B 396 1.89 15.49 -30.21
N ALA B 397 1.17 15.25 -31.30
CA ALA B 397 1.35 15.98 -32.55
C ALA B 397 1.05 17.47 -32.45
N ASP B 398 0.11 17.86 -31.57
CA ASP B 398 -0.06 19.28 -31.30
C ASP B 398 1.05 19.88 -30.42
N GLY B 399 2.00 19.08 -29.99
CA GLY B 399 3.16 19.62 -29.30
C GLY B 399 3.08 19.49 -27.80
N SER B 400 1.88 19.17 -27.32
CA SER B 400 1.67 18.90 -25.89
C SER B 400 2.39 17.61 -25.46
N ALA B 401 2.69 17.46 -24.19
CA ALA B 401 3.49 16.36 -23.72
C ALA B 401 2.73 15.53 -22.66
N TYR B 402 3.07 14.26 -22.57
CA TYR B 402 2.63 13.50 -21.43
C TYR B 402 3.33 14.11 -20.22
N HIS B 403 2.56 14.43 -19.19
CA HIS B 403 3.13 14.96 -17.99
C HIS B 403 3.99 13.97 -17.24
N GLN B 404 3.63 12.69 -17.29
CA GLN B 404 4.42 11.67 -16.63
C GLN B 404 4.95 10.66 -17.63
N TYR B 405 6.27 10.45 -17.59
CA TYR B 405 6.99 9.45 -18.39
C TYR B 405 7.34 8.19 -17.61
N GLN B 406 7.17 7.05 -18.27
CA GLN B 406 7.47 5.72 -17.67
C GLN B 406 8.73 5.13 -18.32
N PRO B 407 9.88 5.35 -17.71
CA PRO B 407 11.16 4.93 -18.30
C PRO B 407 11.24 3.45 -18.69
N LEU B 408 10.57 2.59 -17.91
CA LEU B 408 10.65 1.17 -18.15
C LEU B 408 9.97 0.76 -19.46
N THR B 409 8.86 1.41 -19.77
CA THR B 409 8.10 1.12 -20.97
C THR B 409 8.27 2.15 -22.09
N LYS B 410 8.94 3.27 -21.80
CA LYS B 410 9.18 4.31 -22.80
C LYS B 410 7.85 4.79 -23.36
N ARG B 411 6.90 4.94 -22.44
CA ARG B 411 5.60 5.46 -22.78
C ARG B 411 5.15 6.49 -21.75
N GLY B 412 4.24 7.33 -22.18
CA GLY B 412 3.58 8.30 -21.30
C GLY B 412 2.43 7.69 -20.55
N ASN B 413 2.17 8.21 -19.36
CA ASN B 413 1.10 7.69 -18.54
C ASN B 413 -0.21 8.23 -19.07
N ASN B 414 -1.07 7.36 -19.58
CA ASN B 414 -2.36 7.77 -20.11
C ASN B 414 -3.37 8.24 -19.07
N ASP B 415 -3.27 7.80 -17.81
CA ASP B 415 -4.27 8.15 -16.78
C ASP B 415 -4.13 9.63 -16.41
N ILE B 416 -2.90 10.01 -16.10
CA ILE B 416 -2.58 11.40 -15.83
C ILE B 416 -2.81 12.33 -17.02
N GLY B 417 -2.35 11.95 -18.22
CA GLY B 417 -2.56 12.80 -19.39
C GLY B 417 -1.58 13.97 -19.55
N SER B 418 -2.08 15.00 -20.21
CA SER B 418 -1.31 16.18 -20.56
C SER B 418 -1.81 17.41 -19.77
N GLY B 419 -1.59 18.59 -20.35
CA GLY B 419 -2.18 19.81 -19.81
C GLY B 419 -1.32 20.66 -18.90
N PHE B 420 -0.09 20.23 -18.60
CA PHE B 420 0.77 21.01 -17.71
C PHE B 420 1.66 21.86 -18.62
N ASN B 421 1.30 23.12 -18.85
CA ASN B 421 1.81 23.80 -20.05
C ASN B 421 3.27 24.21 -20.05
N ASP B 422 4.00 23.86 -19.01
CA ASP B 422 5.44 24.05 -19.05
C ASP B 422 6.18 22.84 -19.63
N ASP B 423 5.47 21.72 -19.80
CA ASP B 423 6.16 20.48 -20.18
C ASP B 423 6.83 20.54 -21.56
N PRO B 424 6.10 21.02 -22.55
CA PRO B 424 6.64 21.03 -23.91
C PRO B 424 7.99 21.72 -24.08
N LEU B 425 8.23 22.84 -23.38
CA LEU B 425 9.50 23.57 -23.64
C LEU B 425 10.70 22.85 -23.04
N TRP B 426 10.51 22.02 -22.03
CA TRP B 426 11.66 21.35 -21.45
C TRP B 426 12.37 20.44 -22.45
N LEU B 427 11.68 20.05 -23.54
CA LEU B 427 12.30 19.18 -24.54
C LEU B 427 13.43 19.97 -25.30
N ILE B 428 13.13 21.21 -25.65
CA ILE B 428 14.19 22.11 -26.19
C ILE B 428 15.36 22.20 -25.24
N ALA B 429 15.06 22.37 -23.94
CA ALA B 429 16.11 22.49 -22.95
C ALA B 429 17.01 21.28 -23.00
N GLY B 430 16.41 20.09 -22.99
CA GLY B 430 17.25 18.87 -23.01
C GLY B 430 18.07 18.75 -24.29
N THR B 431 17.38 18.85 -25.41
CA THR B 431 17.99 18.67 -26.70
C THR B 431 19.22 19.61 -26.87
N ALA B 432 19.02 20.89 -26.62
CA ALA B 432 20.09 21.89 -26.72
C ALA B 432 21.26 21.60 -25.81
N ALA B 433 20.97 21.18 -24.60
CA ALA B 433 22.05 20.80 -23.68
C ALA B 433 22.89 19.66 -24.26
N TYR B 434 22.20 18.70 -24.84
CA TYR B 434 22.86 17.52 -25.41
C TYR B 434 23.78 17.97 -26.55
N ILE B 435 23.23 18.83 -27.40
CA ILE B 435 23.97 19.23 -28.59
C ILE B 435 25.17 20.08 -28.19
N LYS B 436 25.03 20.90 -27.17
CA LYS B 436 26.17 21.74 -26.78
C LYS B 436 27.27 20.90 -26.16
N GLU B 437 26.88 19.83 -25.48
CA GLU B 437 27.87 19.01 -24.81
C GLU B 437 28.68 18.19 -25.80
N THR B 438 27.95 17.65 -26.76
CA THR B 438 28.51 16.67 -27.69
C THR B 438 28.81 17.16 -29.10
N GLY B 439 28.07 18.15 -29.57
CA GLY B 439 28.18 18.61 -30.94
C GLY B 439 27.42 17.76 -31.94
N ASP B 440 26.59 16.87 -31.43
CA ASP B 440 25.88 15.91 -32.29
C ASP B 440 24.56 16.49 -32.82
N PHE B 441 24.68 17.42 -33.74
CA PHE B 441 23.52 18.01 -34.40
C PHE B 441 22.69 16.98 -35.17
N SER B 442 23.24 15.78 -35.39
CA SER B 442 22.54 14.78 -36.19
CA SER B 442 22.55 14.74 -36.18
C SER B 442 21.31 14.20 -35.45
N ILE B 443 21.24 14.43 -34.14
CA ILE B 443 20.10 13.99 -33.38
C ILE B 443 18.85 14.69 -33.88
N LEU B 444 19.01 15.91 -34.38
CA LEU B 444 17.87 16.70 -34.87
C LEU B 444 17.22 16.15 -36.15
N ASP B 445 17.91 15.23 -36.83
CA ASP B 445 17.42 14.61 -38.09
C ASP B 445 16.80 13.24 -37.81
N GLU B 446 16.95 12.79 -36.58
CA GLU B 446 16.47 11.49 -36.19
C GLU B 446 14.97 11.43 -36.32
N PRO B 447 14.47 10.36 -36.95
CA PRO B 447 13.02 10.26 -37.15
C PRO B 447 12.35 9.87 -35.84
N VAL B 448 11.38 10.67 -35.39
CA VAL B 448 10.72 10.43 -34.10
C VAL B 448 9.21 10.55 -34.24
N PRO B 449 8.44 9.53 -33.80
CA PRO B 449 6.98 9.57 -33.90
C PRO B 449 6.34 10.42 -32.83
N PHE B 450 5.03 10.69 -32.97
CA PHE B 450 4.26 11.41 -31.93
C PHE B 450 3.33 10.41 -31.27
N ASP B 451 3.27 10.46 -29.94
CA ASP B 451 2.40 9.55 -29.20
C ASP B 451 2.70 8.12 -29.65
N ASN B 452 3.98 7.88 -29.97
CA ASN B 452 4.49 6.55 -30.29
C ASN B 452 3.67 5.87 -31.39
N GLU B 453 3.18 6.66 -32.32
CA GLU B 453 2.33 6.09 -33.33
C GLU B 453 3.17 5.71 -34.56
N PRO B 454 3.17 4.42 -34.93
CA PRO B 454 3.89 4.06 -36.16
C PRO B 454 3.34 4.84 -37.34
N GLY B 455 4.23 5.22 -38.26
CA GLY B 455 3.87 6.07 -39.40
C GLY B 455 3.86 7.59 -39.23
N SER B 456 4.06 8.07 -38.02
CA SER B 456 3.90 9.49 -37.72
C SER B 456 5.24 10.23 -37.67
N GLU B 457 6.32 9.54 -38.00
CA GLU B 457 7.67 10.06 -37.75
C GLU B 457 7.96 11.32 -38.52
N VAL B 458 8.60 12.26 -37.83
CA VAL B 458 9.12 13.49 -38.40
C VAL B 458 10.47 13.68 -37.72
N PRO B 459 11.31 14.59 -38.24
CA PRO B 459 12.60 14.76 -37.57
C PRO B 459 12.47 15.32 -36.17
N LEU B 460 13.42 15.02 -35.30
CA LEU B 460 13.33 15.57 -33.95
C LEU B 460 13.20 17.06 -33.94
N PHE B 461 13.91 17.73 -34.84
CA PHE B 461 13.78 19.18 -34.89
C PHE B 461 12.32 19.63 -34.98
N GLU B 462 11.55 18.97 -35.82
CA GLU B 462 10.16 19.36 -35.95
C GLU B 462 9.42 19.27 -34.61
N HIS B 463 9.77 18.29 -33.77
CA HIS B 463 9.18 18.23 -32.41
C HIS B 463 9.54 19.45 -31.62
N LEU B 464 10.75 19.91 -31.81
CA LEU B 464 11.11 21.17 -31.18
C LEU B 464 10.20 22.28 -31.67
N THR B 465 9.84 22.24 -32.95
CA THR B 465 8.99 23.31 -33.48
C THR B 465 7.64 23.25 -32.83
N ARG B 466 7.13 22.02 -32.64
CA ARG B 466 5.76 21.86 -32.10
C ARG B 466 5.75 22.33 -30.64
N SER B 467 6.81 22.03 -29.89
CA SER B 467 6.94 22.55 -28.54
C SER B 467 6.89 24.07 -28.49
N PHE B 468 7.69 24.72 -29.34
CA PHE B 468 7.73 26.18 -29.40
C PHE B 468 6.36 26.74 -29.75
N GLU B 469 5.77 26.18 -30.82
CA GLU B 469 4.54 26.74 -31.33
C GLU B 469 3.39 26.50 -30.36
N PHE B 470 3.47 25.42 -29.59
CA PHE B 470 2.45 25.19 -28.57
C PHE B 470 2.31 26.41 -27.67
N THR B 471 3.44 26.95 -27.21
CA THR B 471 3.37 28.11 -26.32
C THR B 471 2.78 29.28 -27.12
N VAL B 472 3.24 29.51 -28.34
CA VAL B 472 2.79 30.68 -29.06
C VAL B 472 1.28 30.66 -29.22
N THR B 473 0.73 29.45 -29.41
CA THR B 473 -0.71 29.35 -29.66
C THR B 473 -1.51 29.12 -28.37
N HIS B 474 -0.85 29.14 -27.23
CA HIS B 474 -1.58 28.99 -25.97
C HIS B 474 -1.25 30.10 -25.00
N ARG B 475 -1.58 31.32 -25.41
CA ARG B 475 -1.29 32.44 -24.55
C ARG B 475 -2.55 33.09 -24.07
N GLY B 476 -2.46 33.76 -22.92
CA GLY B 476 -3.59 34.41 -22.32
C GLY B 476 -3.74 35.86 -22.77
N PRO B 477 -4.65 36.59 -22.11
CA PRO B 477 -5.02 37.96 -22.40
C PRO B 477 -3.87 38.99 -22.29
N HIS B 478 -2.85 38.71 -21.48
CA HIS B 478 -1.69 39.59 -21.39
C HIS B 478 -0.49 39.12 -22.23
N GLY B 479 -0.68 38.08 -23.06
CA GLY B 479 0.36 37.57 -23.93
C GLY B 479 1.31 36.62 -23.21
N LEU B 480 0.95 36.29 -21.96
CA LEU B 480 1.76 35.34 -21.20
C LEU B 480 1.15 33.97 -21.37
N PRO B 481 1.99 32.91 -21.30
CA PRO B 481 1.46 31.59 -21.59
C PRO B 481 0.40 31.13 -20.59
N LEU B 482 -0.65 30.47 -21.11
CA LEU B 482 -1.69 29.92 -20.22
C LEU B 482 -1.06 28.81 -19.39
N ILE B 483 -1.41 28.74 -18.13
CA ILE B 483 -0.70 27.81 -17.26
C ILE B 483 -1.22 26.38 -17.33
N GLY B 484 -2.50 26.19 -17.66
CA GLY B 484 -3.05 24.83 -17.65
C GLY B 484 -3.13 24.26 -16.23
N ARG B 485 -2.89 22.97 -16.08
CA ARG B 485 -3.10 22.36 -14.77
C ARG B 485 -2.11 22.85 -13.76
N ALA B 486 -0.91 23.14 -14.24
CA ALA B 486 0.16 23.67 -13.43
C ALA B 486 1.39 23.86 -14.29
N ASP B 487 2.33 24.68 -13.81
CA ASP B 487 3.63 24.80 -14.46
C ASP B 487 4.64 24.05 -13.58
N TRP B 488 5.90 24.45 -13.56
CA TRP B 488 6.90 23.71 -12.76
C TRP B 488 6.40 23.45 -11.36
N ASN B 489 5.58 24.35 -10.88
CA ASN B 489 5.10 24.23 -9.52
C ASN B 489 3.84 23.35 -9.56
N ASP B 490 3.96 22.10 -9.11
CA ASP B 490 2.85 21.15 -9.22
C ASP B 490 1.69 21.53 -8.34
N CYS B 491 1.91 22.47 -7.44
CA CYS B 491 0.89 22.81 -6.48
C CYS B 491 0.18 24.12 -6.83
N LEU B 492 0.53 24.73 -7.97
CA LEU B 492 -0.14 25.96 -8.38
C LEU B 492 -1.17 25.56 -9.41
N ASN B 493 -2.36 25.18 -8.91
CA ASN B 493 -3.47 24.67 -9.72
C ASN B 493 -4.63 25.70 -9.67
N LEU B 494 -4.67 26.53 -10.71
CA LEU B 494 -5.55 27.66 -10.79
C LEU B 494 -6.83 27.32 -11.52
N ASN B 495 -6.92 26.10 -12.00
CA ASN B 495 -8.14 25.63 -12.65
C ASN B 495 -8.74 24.42 -11.93
N CYS B 496 -8.48 24.29 -10.63
CA CYS B 496 -8.85 23.09 -9.88
C CYS B 496 -10.14 23.23 -9.08
N PHE B 497 -10.16 24.22 -8.20
CA PHE B 497 -11.33 24.55 -7.42
C PHE B 497 -11.94 23.35 -6.72
N SER B 498 -11.14 22.69 -5.91
CA SER B 498 -11.56 21.45 -5.24
C SER B 498 -11.93 21.66 -3.76
N THR B 499 -13.06 21.11 -3.37
CA THR B 499 -13.45 21.15 -1.96
C THR B 499 -13.67 19.75 -1.42
N THR B 500 -13.33 18.75 -2.23
CA THR B 500 -13.53 17.36 -1.85
C THR B 500 -12.22 16.65 -1.61
N PRO B 501 -12.04 16.13 -0.36
N PRO B 501 -12.00 16.13 -0.38
CA PRO B 501 -10.82 15.37 -0.03
CA PRO B 501 -10.77 15.40 -0.07
C PRO B 501 -10.65 14.19 -0.95
C PRO B 501 -10.63 14.19 -0.97
N GLY B 502 -9.39 13.86 -1.31
CA GLY B 502 -9.16 12.72 -2.16
C GLY B 502 -8.96 13.08 -3.61
N GLU B 503 -9.69 14.08 -4.10
CA GLU B 503 -9.52 14.55 -5.48
C GLU B 503 -8.10 15.06 -5.67
N SER B 504 -7.49 14.64 -6.76
CA SER B 504 -6.12 15.04 -7.04
C SER B 504 -6.05 16.48 -7.51
N PHE B 505 -5.21 17.28 -6.88
CA PHE B 505 -5.14 18.70 -7.22
C PHE B 505 -4.61 18.91 -8.63
N GLN B 506 -3.78 17.98 -9.09
CA GLN B 506 -3.12 18.13 -10.38
C GLN B 506 -3.96 17.83 -11.61
N THR B 507 -4.90 16.89 -11.49
CA THR B 507 -5.66 16.43 -12.64
C THR B 507 -7.13 16.80 -12.55
N THR B 508 -7.58 17.25 -11.39
CA THR B 508 -8.96 17.70 -11.29
C THR B 508 -9.10 19.11 -11.76
N GLU B 509 -10.03 19.35 -12.66
CA GLU B 509 -10.35 20.74 -12.95
C GLU B 509 -11.85 20.91 -12.91
N ASN B 510 -12.33 21.40 -11.78
CA ASN B 510 -13.76 21.52 -11.57
C ASN B 510 -14.40 22.67 -12.36
N GLN B 511 -13.61 23.64 -12.75
CA GLN B 511 -14.07 24.66 -13.70
C GLN B 511 -13.17 24.64 -14.93
N ALA B 512 -13.77 24.92 -16.07
CA ALA B 512 -13.11 24.87 -17.35
C ALA B 512 -12.83 26.27 -17.92
N GLY B 513 -12.09 26.32 -19.01
CA GLY B 513 -11.73 27.59 -19.61
C GLY B 513 -10.86 28.40 -18.66
N GLY B 514 -11.22 29.67 -18.45
CA GLY B 514 -10.43 30.53 -17.58
C GLY B 514 -9.33 31.23 -18.37
N VAL B 515 -8.64 32.17 -17.74
CA VAL B 515 -7.54 32.90 -18.40
C VAL B 515 -6.25 32.85 -17.61
N ALA B 516 -6.02 31.74 -16.92
CA ALA B 516 -4.90 31.69 -16.01
C ALA B 516 -3.57 31.66 -16.80
N GLU B 517 -2.62 32.49 -16.39
CA GLU B 517 -1.34 32.67 -17.05
C GLU B 517 -0.19 32.47 -16.09
N SER B 518 0.95 32.01 -16.59
CA SER B 518 2.15 31.83 -15.76
C SER B 518 3.29 32.70 -16.26
N THR B 519 3.96 33.40 -15.35
CA THR B 519 5.20 34.11 -15.65
C THR B 519 6.40 33.20 -15.65
N PHE B 520 6.28 32.04 -15.01
CA PHE B 520 7.37 31.12 -15.11
C PHE B 520 7.48 30.59 -16.54
N ILE B 521 6.36 30.20 -17.13
CA ILE B 521 6.42 29.69 -18.47
C ILE B 521 6.95 30.80 -19.41
N ALA B 522 6.58 32.03 -19.09
CA ALA B 522 6.99 33.18 -19.89
C ALA B 522 8.52 33.24 -19.92
N ALA B 523 9.14 33.11 -18.75
CA ALA B 523 10.60 33.16 -18.64
C ALA B 523 11.23 31.98 -19.34
N GLN B 524 10.61 30.81 -19.16
CA GLN B 524 11.01 29.58 -19.81
C GLN B 524 10.93 29.71 -21.34
N PHE B 525 9.94 30.45 -21.82
CA PHE B 525 9.78 30.63 -23.25
C PHE B 525 10.87 31.56 -23.83
N VAL B 526 11.21 32.57 -23.04
CA VAL B 526 12.23 33.53 -23.43
C VAL B 526 13.55 32.76 -23.50
N LEU B 527 13.85 31.98 -22.46
CA LEU B 527 15.12 31.24 -22.39
C LEU B 527 15.24 30.17 -23.46
N TYR B 528 14.35 29.19 -23.42
CA TYR B 528 14.42 28.09 -24.37
C TYR B 528 13.92 28.38 -25.80
N GLY B 529 13.05 29.38 -26.00
CA GLY B 529 12.67 29.80 -27.34
C GLY B 529 13.83 30.46 -28.09
N GLU B 530 14.66 31.15 -27.34
CA GLU B 530 15.94 31.63 -27.87
C GLU B 530 16.92 30.51 -28.26
N GLN B 531 16.86 29.38 -27.57
CA GLN B 531 17.65 28.20 -27.93
C GLN B 531 17.13 27.49 -29.14
N TYR B 532 15.82 27.46 -29.28
CA TYR B 532 15.20 26.85 -30.46
C TYR B 532 15.56 27.68 -31.67
N ALA B 533 15.46 28.99 -31.49
CA ALA B 533 15.80 29.95 -32.57
C ALA B 533 17.22 29.79 -33.07
N GLU B 534 18.14 29.64 -32.12
CA GLU B 534 19.52 29.37 -32.44
C GLU B 534 19.65 28.06 -33.24
N LEU B 535 18.98 26.99 -32.82
CA LEU B 535 19.04 25.72 -33.55
C LEU B 535 18.46 25.80 -34.97
N ALA B 536 17.40 26.59 -35.10
CA ALA B 536 16.72 26.79 -36.35
C ALA B 536 17.60 27.56 -37.35
N ALA B 537 18.24 28.61 -36.86
CA ALA B 537 19.14 29.41 -37.70
C ALA B 537 20.36 28.57 -38.15
N ARG B 538 20.96 27.85 -37.21
CA ARG B 538 22.07 26.99 -37.52
C ARG B 538 21.68 25.93 -38.50
N ARG B 539 20.46 25.44 -38.34
CA ARG B 539 19.87 24.49 -39.26
C ARG B 539 19.60 25.08 -40.64
N GLY B 540 19.74 26.38 -40.76
CA GLY B 540 19.56 27.02 -42.04
C GLY B 540 18.16 27.55 -42.29
N LEU B 541 17.35 27.63 -41.23
CA LEU B 541 15.97 28.10 -41.38
C LEU B 541 15.82 29.54 -40.96
N ALA B 542 16.28 30.42 -41.83
CA ALA B 542 16.53 31.78 -41.44
C ALA B 542 15.28 32.48 -40.95
N ASP B 543 14.20 32.29 -41.71
CA ASP B 543 12.91 32.87 -41.39
C ASP B 543 12.30 32.36 -40.11
N VAL B 544 12.45 31.06 -39.95
CA VAL B 544 11.88 30.36 -38.79
C VAL B 544 12.48 30.97 -37.55
N ALA B 545 13.80 31.13 -37.59
CA ALA B 545 14.55 31.65 -36.47
C ALA B 545 14.20 33.09 -36.17
N ASP B 546 14.00 33.84 -37.22
CA ASP B 546 13.67 35.22 -37.03
C ASP B 546 12.26 35.46 -36.47
N ARG B 547 11.26 34.75 -36.98
CA ARG B 547 9.94 34.80 -36.35
C ARG B 547 10.03 34.38 -34.87
N ALA B 548 10.83 33.37 -34.57
CA ALA B 548 11.01 32.91 -33.18
C ALA B 548 11.58 33.96 -32.26
N ARG B 549 12.57 34.68 -32.74
CA ARG B 549 13.14 35.77 -31.95
C ARG B 549 12.08 36.86 -31.75
N GLY B 550 11.17 36.97 -32.71
CA GLY B 550 10.08 37.91 -32.62
C GLY B 550 9.12 37.60 -31.47
N HIS B 551 8.65 36.35 -31.38
CA HIS B 551 7.75 36.00 -30.30
C HIS B 551 8.45 36.10 -28.96
N VAL B 552 9.75 35.77 -28.94
CA VAL B 552 10.54 35.82 -27.73
C VAL B 552 10.63 37.26 -27.22
N ALA B 553 10.92 38.17 -28.14
CA ALA B 553 10.93 39.62 -27.88
C ALA B 553 9.60 40.09 -27.31
N GLU B 554 8.51 39.67 -27.94
CA GLU B 554 7.19 40.00 -27.42
C GLU B 554 7.06 39.46 -26.00
N MET B 555 7.62 38.30 -25.74
CA MET B 555 7.40 37.73 -24.44
C MET B 555 8.24 38.48 -23.43
N ARG B 556 9.42 38.99 -23.80
CA ARG B 556 10.16 39.73 -22.76
C ARG B 556 9.47 41.05 -22.44
N ASP B 557 8.82 41.69 -23.42
CA ASP B 557 8.05 42.88 -23.14
C ASP B 557 6.89 42.58 -22.19
N ALA B 558 6.04 41.63 -22.57
CA ALA B 558 4.99 41.16 -21.70
C ALA B 558 5.48 40.93 -20.23
N LEU B 559 6.62 40.28 -20.03
CA LEU B 559 7.14 40.07 -18.66
C LEU B 559 7.50 41.32 -17.88
N LEU B 560 8.05 42.32 -18.59
CA LEU B 560 8.50 43.54 -17.92
C LEU B 560 7.36 44.53 -17.75
N THR B 561 6.23 44.23 -18.34
CA THR B 561 5.08 45.07 -18.11
C THR B 561 4.03 44.29 -17.33
N ASP B 562 3.20 43.55 -18.03
CA ASP B 562 2.11 42.83 -17.39
C ASP B 562 2.62 41.80 -16.39
N GLY B 563 3.86 41.33 -16.57
CA GLY B 563 4.46 40.37 -15.63
C GLY B 563 5.20 40.96 -14.45
N TRP B 564 5.16 42.28 -14.35
CA TRP B 564 5.99 43.00 -13.38
C TRP B 564 5.17 43.76 -12.31
N ASP B 565 5.52 43.54 -11.04
CA ASP B 565 4.76 44.09 -9.89
C ASP B 565 5.27 45.41 -9.33
N GLY B 566 6.47 45.83 -9.74
CA GLY B 566 7.06 47.05 -9.22
C GLY B 566 8.47 46.83 -8.75
N SER B 567 8.65 45.79 -7.96
CA SER B 567 9.95 45.43 -7.39
C SER B 567 10.28 43.94 -7.58
N TRP B 568 9.43 43.26 -8.35
CA TRP B 568 9.63 41.86 -8.65
C TRP B 568 8.56 41.37 -9.64
N PHE B 569 8.80 40.20 -10.24
CA PHE B 569 7.88 39.66 -11.22
C PHE B 569 6.72 39.01 -10.53
N LEU B 570 5.51 39.30 -11.01
CA LEU B 570 4.33 38.53 -10.66
C LEU B 570 4.59 37.05 -10.80
N ARG B 571 3.76 36.22 -10.17
CA ARG B 571 3.83 34.77 -10.36
C ARG B 571 2.89 34.27 -11.43
N ALA B 572 1.72 34.92 -11.54
CA ALA B 572 0.67 34.41 -12.42
C ALA B 572 -0.52 35.34 -12.39
N TYR B 573 -1.42 35.11 -13.35
CA TYR B 573 -2.79 35.62 -13.23
C TYR B 573 -3.69 34.42 -13.10
N ASP B 574 -4.70 34.53 -12.27
CA ASP B 574 -5.51 33.37 -11.94
C ASP B 574 -6.64 33.19 -12.94
N TYR B 575 -7.57 32.29 -12.60
CA TYR B 575 -8.65 31.93 -13.51
C TYR B 575 -9.44 33.16 -14.00
N TYR B 576 -9.69 34.14 -13.11
CA TYR B 576 -10.45 35.34 -13.45
C TYR B 576 -9.60 36.52 -13.77
N GLY B 577 -8.30 36.29 -13.87
CA GLY B 577 -7.40 37.32 -14.37
C GLY B 577 -6.94 38.25 -13.29
N ASN B 578 -7.08 37.84 -12.04
CA ASN B 578 -6.51 38.59 -10.93
C ASN B 578 -5.08 38.12 -10.63
N PRO B 579 -4.19 39.06 -10.31
CA PRO B 579 -2.79 38.69 -10.13
C PRO B 579 -2.47 37.86 -8.88
N ILE B 580 -1.40 37.09 -9.04
CA ILE B 580 -0.83 36.30 -7.97
C ILE B 580 0.66 36.59 -7.89
N GLY B 581 1.13 36.90 -6.68
CA GLY B 581 2.52 37.28 -6.45
C GLY B 581 2.69 38.78 -6.45
N THR B 582 1.74 39.48 -5.84
CA THR B 582 1.75 40.94 -5.80
C THR B 582 1.83 41.42 -4.35
N ASP B 583 2.53 42.54 -4.15
CA ASP B 583 2.64 43.17 -2.84
C ASP B 583 1.30 43.77 -2.41
N ALA B 584 0.33 43.79 -3.31
CA ALA B 584 -1.03 44.20 -2.97
C ALA B 584 -1.69 43.27 -1.98
N HIS B 585 -1.13 42.06 -1.82
CA HIS B 585 -1.76 41.05 -0.95
C HIS B 585 -1.02 40.90 0.34
N ASP B 586 -1.72 40.40 1.36
CA ASP B 586 -1.12 40.11 2.66
C ASP B 586 -0.18 38.88 2.63
N GLU B 587 -0.51 37.94 1.75
CA GLU B 587 0.18 36.63 1.71
C GLU B 587 0.57 36.27 0.27
N GLY B 588 1.67 35.53 0.11
CA GLY B 588 2.09 35.12 -1.23
C GLY B 588 2.51 36.35 -2.05
N LYS B 589 3.19 37.30 -1.39
CA LYS B 589 3.59 38.55 -2.04
C LYS B 589 4.61 38.31 -3.14
N ILE B 590 5.65 37.55 -2.79
CA ILE B 590 6.72 37.28 -3.75
C ILE B 590 7.02 35.78 -3.84
N TRP B 591 7.17 35.33 -5.06
CA TRP B 591 7.43 33.94 -5.35
C TRP B 591 8.77 33.84 -6.07
N ILE B 592 9.59 32.87 -5.69
CA ILE B 592 10.99 32.78 -6.17
C ILE B 592 11.12 32.35 -7.65
N GLU B 593 10.21 31.52 -8.14
CA GLU B 593 10.51 30.86 -9.42
C GLU B 593 10.73 31.86 -10.56
N PRO B 594 9.81 32.81 -10.74
CA PRO B 594 9.95 33.76 -11.85
C PRO B 594 11.16 34.68 -11.68
N GLN B 595 11.54 34.97 -10.43
CA GLN B 595 12.64 35.90 -10.22
C GLN B 595 13.89 35.25 -10.79
N GLY B 596 14.12 34.01 -10.42
CA GLY B 596 15.29 33.30 -10.85
C GLY B 596 15.34 33.03 -12.33
N PHE B 597 14.27 32.44 -12.86
CA PHE B 597 14.28 32.01 -14.24
C PHE B 597 14.25 33.13 -15.27
N ALA B 598 13.45 34.15 -15.02
CA ALA B 598 13.44 35.34 -15.88
C ALA B 598 14.80 36.02 -15.98
N VAL B 599 15.50 36.14 -14.86
CA VAL B 599 16.81 36.76 -14.93
C VAL B 599 17.78 35.81 -15.62
N MET B 600 17.61 34.51 -15.38
CA MET B 600 18.42 33.54 -16.10
C MET B 600 18.31 33.70 -17.58
N ALA B 601 17.11 34.04 -18.02
CA ALA B 601 16.80 34.34 -19.40
C ALA B 601 17.25 35.74 -19.84
N GLY B 602 17.86 36.50 -18.94
CA GLY B 602 18.39 37.84 -19.24
C GLY B 602 17.38 38.99 -19.19
N VAL B 603 16.16 38.69 -18.78
CA VAL B 603 15.08 39.67 -18.76
C VAL B 603 15.28 40.68 -17.63
N GLY B 604 15.33 41.96 -17.99
CA GLY B 604 15.50 43.02 -16.99
C GLY B 604 16.97 43.26 -16.58
N VAL B 605 17.92 42.61 -17.24
CA VAL B 605 19.29 42.78 -16.81
C VAL B 605 19.80 44.11 -17.40
N GLY B 606 20.56 44.88 -16.63
CA GLY B 606 21.02 46.17 -17.11
C GLY B 606 22.51 46.22 -17.43
N GLU B 607 23.21 47.17 -16.80
CA GLU B 607 24.60 47.45 -17.17
C GLU B 607 25.60 46.80 -16.24
N GLY B 608 25.13 46.30 -15.11
CA GLY B 608 26.08 45.68 -14.20
C GLY B 608 25.53 45.65 -12.82
N PRO B 609 26.25 44.99 -11.93
CA PRO B 609 25.72 44.75 -10.60
C PRO B 609 25.34 46.04 -9.85
N GLN B 610 25.90 47.18 -10.26
CA GLN B 610 25.58 48.46 -9.59
C GLN B 610 24.41 49.21 -10.22
N ASP B 611 23.85 48.65 -11.29
CA ASP B 611 22.68 49.25 -11.89
C ASP B 611 21.46 48.80 -11.11
N THR B 612 21.17 49.50 -10.02
CA THR B 612 20.16 49.00 -9.11
C THR B 612 18.77 49.26 -9.58
N ASP B 613 18.64 50.03 -10.65
CA ASP B 613 17.34 50.37 -11.19
C ASP B 613 16.89 49.38 -12.22
N ALA B 614 17.77 48.44 -12.53
CA ALA B 614 17.45 47.36 -13.45
C ALA B 614 16.45 46.43 -12.79
N PRO B 615 15.38 46.07 -13.50
CA PRO B 615 14.41 45.17 -12.89
C PRO B 615 15.06 43.90 -12.32
N ALA B 616 16.02 43.31 -13.03
CA ALA B 616 16.69 42.11 -12.54
C ALA B 616 17.29 42.29 -11.15
N ILE B 617 17.95 43.43 -10.93
CA ILE B 617 18.55 43.70 -9.62
C ILE B 617 17.50 44.02 -8.55
N LYS B 618 16.42 44.70 -8.93
CA LYS B 618 15.36 44.95 -7.97
C LYS B 618 14.79 43.63 -7.48
N ALA B 619 14.54 42.74 -8.45
CA ALA B 619 13.94 41.42 -8.15
C ALA B 619 14.84 40.56 -7.29
N LEU B 620 16.12 40.47 -7.66
CA LEU B 620 17.05 39.68 -6.87
C LEU B 620 17.24 40.25 -5.49
N ASP B 621 17.24 41.59 -5.41
CA ASP B 621 17.29 42.24 -4.08
C ASP B 621 16.01 41.93 -3.25
N SER B 622 14.87 41.92 -3.90
CA SER B 622 13.63 41.56 -3.17
C SER B 622 13.67 40.10 -2.70
N VAL B 623 14.35 39.24 -3.45
CA VAL B 623 14.46 37.83 -3.12
C VAL B 623 15.35 37.70 -1.88
N ASN B 624 16.42 38.49 -1.87
CA ASN B 624 17.32 38.53 -0.74
C ASN B 624 16.65 38.96 0.53
N GLU B 625 15.83 40.00 0.44
CA GLU B 625 15.19 40.54 1.64
C GLU B 625 14.07 39.63 2.16
N MET B 626 13.28 39.05 1.27
CA MET B 626 12.02 38.46 1.64
C MET B 626 12.01 36.94 1.67
N LEU B 627 12.89 36.31 0.88
CA LEU B 627 12.90 34.87 0.74
C LEU B 627 14.18 34.20 1.31
N ALA B 628 15.29 34.91 1.33
CA ALA B 628 16.53 34.26 1.74
C ALA B 628 16.49 33.95 3.21
N THR B 629 17.11 32.83 3.58
CA THR B 629 17.22 32.44 5.00
C THR B 629 18.57 31.78 5.21
N ASP B 630 18.93 31.49 6.46
CA ASP B 630 20.20 30.77 6.71
C ASP B 630 20.25 29.41 6.03
N HIS B 631 19.08 28.84 5.67
CA HIS B 631 19.05 27.50 5.08
C HIS B 631 18.65 27.47 3.62
N GLY B 632 18.56 28.63 3.00
CA GLY B 632 18.17 28.67 1.61
C GLY B 632 17.06 29.68 1.41
N MET B 633 16.60 29.77 0.18
CA MET B 633 15.51 30.70 -0.13
C MET B 633 14.16 30.00 -0.16
N VAL B 634 13.19 30.49 0.59
CA VAL B 634 11.89 29.85 0.57
C VAL B 634 11.12 30.15 -0.71
N LEU B 635 10.10 29.33 -0.99
CA LEU B 635 9.41 29.43 -2.26
C LEU B 635 8.58 30.67 -2.45
N GLN B 636 7.80 31.06 -1.42
CA GLN B 636 7.11 32.32 -1.48
C GLN B 636 6.93 32.86 -0.09
N TYR B 637 6.49 34.10 -0.01
CA TYR B 637 6.38 34.76 1.26
C TYR B 637 5.44 35.95 1.20
N PRO B 638 4.66 36.17 2.27
CA PRO B 638 4.47 35.22 3.36
C PRO B 638 3.73 33.95 2.83
N ALA B 639 3.81 32.90 3.60
CA ALA B 639 3.10 31.69 3.30
C ALA B 639 1.65 31.86 3.62
N TYR B 640 0.80 31.08 2.95
CA TYR B 640 -0.64 31.17 3.16
C TYR B 640 -1.09 30.50 4.45
N THR B 641 -1.89 31.20 5.25
CA THR B 641 -2.36 30.62 6.53
C THR B 641 -3.79 30.08 6.46
N THR B 642 -4.47 30.23 5.32
CA THR B 642 -5.76 29.58 5.11
C THR B 642 -5.85 29.08 3.68
N TYR B 643 -6.74 28.12 3.48
CA TYR B 643 -6.93 27.49 2.19
C TYR B 643 -7.37 28.50 1.18
N GLN B 644 -6.72 28.44 0.01
CA GLN B 644 -7.05 29.28 -1.14
C GLN B 644 -7.60 28.36 -2.19
N VAL B 645 -8.90 28.23 -2.19
CA VAL B 645 -9.53 27.26 -3.03
C VAL B 645 -9.27 27.51 -4.51
N HIS B 646 -8.95 28.74 -4.85
CA HIS B 646 -8.68 29.09 -6.24
C HIS B 646 -7.25 28.74 -6.64
N MET B 647 -6.48 28.10 -5.75
CA MET B 647 -5.06 27.92 -6.02
C MET B 647 -4.54 26.48 -5.91
N GLY B 648 -5.41 25.53 -5.58
CA GLY B 648 -5.02 24.12 -5.53
C GLY B 648 -4.19 23.71 -4.35
N GLU B 649 -3.14 22.93 -4.61
CA GLU B 649 -2.44 22.28 -3.53
C GLU B 649 -1.60 23.19 -2.65
N VAL B 650 -1.15 24.33 -3.19
CA VAL B 650 -0.14 25.15 -2.54
C VAL B 650 -0.44 25.55 -1.10
N SER B 651 -1.67 25.99 -0.83
CA SER B 651 -1.96 26.43 0.52
C SER B 651 -2.43 25.33 1.45
N THR B 652 -2.45 24.08 0.98
CA THR B 652 -2.83 22.98 1.85
C THR B 652 -1.68 22.59 2.79
N TYR B 653 -0.45 23.02 2.50
CA TYR B 653 0.62 22.67 3.41
C TYR B 653 0.64 23.68 4.61
N PRO B 654 1.01 23.22 5.82
CA PRO B 654 1.24 24.20 6.88
C PRO B 654 2.35 25.17 6.47
N PRO B 655 2.25 26.46 6.88
CA PRO B 655 3.32 27.39 6.52
C PRO B 655 4.72 26.84 6.79
N GLY B 656 5.58 26.94 5.79
CA GLY B 656 6.99 26.63 5.96
C GLY B 656 7.38 25.26 5.42
N TYR B 657 6.42 24.52 4.92
CA TYR B 657 6.68 23.20 4.39
C TYR B 657 6.29 23.07 2.92
N LYS B 658 7.14 22.34 2.19
CA LYS B 658 6.97 22.08 0.75
C LYS B 658 6.61 23.37 0.03
N GLU B 659 5.54 23.31 -0.75
CA GLU B 659 5.24 24.45 -1.58
C GLU B 659 4.60 25.67 -0.89
N ASN B 660 4.29 25.54 0.38
CA ASN B 660 3.84 26.71 1.12
C ASN B 660 4.89 27.21 2.08
N GLY B 661 5.98 27.74 1.52
CA GLY B 661 6.99 28.39 2.34
C GLY B 661 8.20 27.51 2.58
N GLY B 662 8.22 26.39 1.86
CA GLY B 662 9.37 25.54 1.89
C GLY B 662 10.50 26.09 1.07
N ILE B 663 11.68 25.60 1.42
CA ILE B 663 12.88 25.78 0.63
C ILE B 663 13.05 24.62 -0.33
N PHE B 664 12.84 24.90 -1.60
CA PHE B 664 13.09 23.90 -2.63
C PHE B 664 14.47 24.10 -3.16
N CYS B 665 15.33 23.17 -2.84
CA CYS B 665 16.71 23.26 -3.28
C CYS B 665 16.84 23.19 -4.82
N HIS B 666 15.76 22.78 -5.49
CA HIS B 666 15.73 22.63 -6.94
C HIS B 666 15.63 24.00 -7.63
N ASN B 667 14.92 24.93 -7.00
CA ASN B 667 14.78 26.24 -7.63
C ASN B 667 15.71 27.33 -7.09
N ASN B 668 16.46 27.04 -6.02
CA ASN B 668 17.44 28.04 -5.56
C ASN B 668 18.51 28.27 -6.64
N PRO B 669 19.03 27.19 -7.21
CA PRO B 669 19.98 27.29 -8.33
C PRO B 669 19.54 28.32 -9.42
N TRP B 670 18.25 28.50 -9.66
CA TRP B 670 17.84 29.45 -10.67
C TRP B 670 18.23 30.86 -10.26
N VAL B 671 18.18 31.14 -8.96
CA VAL B 671 18.62 32.43 -8.47
C VAL B 671 20.14 32.51 -8.32
N ILE B 672 20.77 31.42 -7.91
CA ILE B 672 22.22 31.40 -7.90
C ILE B 672 22.74 31.71 -9.29
N ILE B 673 22.18 31.07 -10.31
CA ILE B 673 22.66 31.35 -11.67
C ILE B 673 22.33 32.78 -12.03
N ALA B 674 21.13 33.24 -11.69
CA ALA B 674 20.78 34.65 -12.02
C ALA B 674 21.78 35.63 -11.39
N GLU B 675 22.24 35.35 -10.18
CA GLU B 675 23.19 36.22 -9.52
C GLU B 675 24.52 36.27 -10.31
N THR B 676 24.90 35.15 -10.93
CA THR B 676 26.17 35.18 -11.68
C THR B 676 25.94 35.99 -12.96
N VAL B 677 24.70 35.92 -13.48
CA VAL B 677 24.31 36.65 -14.68
C VAL B 677 24.42 38.18 -14.54
N VAL B 678 23.88 38.74 -13.45
CA VAL B 678 24.03 40.17 -13.19
C VAL B 678 25.38 40.57 -12.57
N GLY B 679 26.23 39.61 -12.24
CA GLY B 679 27.56 39.94 -11.78
C GLY B 679 27.86 39.95 -10.28
N ARG B 680 27.13 39.18 -9.48
CA ARG B 680 27.40 39.19 -8.04
C ARG B 680 27.80 37.80 -7.60
N GLY B 681 29.02 37.41 -7.99
CA GLY B 681 29.57 36.12 -7.65
C GLY B 681 29.55 35.71 -6.18
N GLY B 682 29.88 36.63 -5.28
CA GLY B 682 29.94 36.34 -3.87
C GLY B 682 28.56 35.91 -3.37
N ARG B 683 27.56 36.66 -3.79
CA ARG B 683 26.22 36.37 -3.36
C ARG B 683 25.78 35.02 -3.89
N ALA B 684 26.09 34.76 -5.15
CA ALA B 684 25.71 33.49 -5.75
C ALA B 684 26.31 32.29 -4.98
N PHE B 685 27.58 32.38 -4.63
CA PHE B 685 28.29 31.28 -3.95
C PHE B 685 27.81 31.16 -2.51
N ASP B 686 27.43 32.29 -1.94
CA ASP B 686 26.81 32.29 -0.61
C ASP B 686 25.56 31.41 -0.67
N TYR B 687 24.70 31.73 -1.59
CA TYR B 687 23.45 31.01 -1.72
C TYR B 687 23.72 29.51 -1.95
N TYR B 688 24.73 29.20 -2.77
CA TYR B 688 25.06 27.80 -3.05
C TYR B 688 25.47 27.06 -1.79
N LYS B 689 26.34 27.65 -0.97
CA LYS B 689 26.74 26.97 0.26
C LYS B 689 25.60 26.72 1.23
N ARG B 690 24.56 27.57 1.19
CA ARG B 690 23.54 27.45 2.26
C ARG B 690 22.72 26.16 2.10
N ILE B 691 22.67 25.63 0.88
CA ILE B 691 21.88 24.44 0.57
C ILE B 691 22.68 23.21 0.23
N THR B 692 24.02 23.30 0.21
CA THR B 692 24.87 22.23 -0.34
C THR B 692 25.41 21.30 0.76
N PRO B 693 25.39 19.99 0.49
CA PRO B 693 25.61 19.00 1.54
C PRO B 693 26.92 19.13 2.34
N ALA B 694 28.06 19.31 1.66
CA ALA B 694 29.34 19.40 2.36
C ALA B 694 29.44 20.59 3.29
N TYR B 695 28.78 21.68 2.91
CA TYR B 695 28.71 22.82 3.80
C TYR B 695 27.68 22.66 4.90
N ARG B 696 26.70 21.78 4.74
CA ARG B 696 25.70 21.57 5.80
C ARG B 696 26.05 20.40 6.71
N GLU B 697 27.16 19.75 6.44
CA GLU B 697 27.56 18.60 7.21
C GLU B 697 27.73 18.97 8.69
N ASP B 698 28.21 20.18 8.96
CA ASP B 698 28.46 20.56 10.34
C ASP B 698 27.15 20.79 11.14
N ILE B 699 26.03 20.84 10.45
CA ILE B 699 24.73 20.95 11.11
C ILE B 699 23.86 19.75 10.81
N SER B 700 24.46 18.56 10.86
CA SER B 700 23.76 17.35 10.54
C SER B 700 22.57 17.09 11.45
N ASP B 701 22.68 17.53 12.71
CA ASP B 701 21.61 17.38 13.66
C ASP B 701 20.41 18.27 13.30
N VAL B 702 20.65 19.26 12.47
CA VAL B 702 19.55 20.10 11.97
C VAL B 702 19.02 19.61 10.62
N HIS B 703 19.92 19.33 9.68
CA HIS B 703 19.49 18.81 8.36
C HIS B 703 18.72 17.50 8.47
N ARG B 704 19.17 16.67 9.41
CA ARG B 704 18.62 15.33 9.66
C ARG B 704 18.99 14.32 8.59
N LEU B 705 18.92 14.67 7.33
CA LEU B 705 19.15 13.64 6.34
C LEU B 705 20.59 13.53 5.96
N GLU B 706 20.83 12.84 4.86
CA GLU B 706 22.19 12.48 4.48
C GLU B 706 23.04 13.74 4.23
N PRO B 707 24.25 13.76 4.78
CA PRO B 707 25.12 14.95 4.63
C PRO B 707 25.94 14.91 3.34
N TYR B 708 25.64 13.98 2.44
CA TYR B 708 26.44 13.83 1.24
C TYR B 708 25.64 13.92 -0.04
N VAL B 709 24.32 14.15 0.06
CA VAL B 709 23.47 14.36 -1.12
C VAL B 709 22.39 15.41 -0.88
N TYR B 710 21.95 16.06 -1.97
CA TYR B 710 20.90 17.04 -1.88
C TYR B 710 19.54 16.38 -1.55
N ALA B 711 18.69 17.17 -0.90
CA ALA B 711 17.32 16.78 -0.68
C ALA B 711 16.47 17.78 -1.42
N GLN B 712 15.22 17.42 -1.58
CA GLN B 712 14.30 18.27 -2.29
C GLN B 712 13.91 19.55 -1.57
N MET B 713 13.73 19.46 -0.27
CA MET B 713 13.13 20.57 0.47
C MET B 713 13.57 20.63 1.90
N ILE B 714 13.92 21.83 2.31
CA ILE B 714 14.33 22.15 3.67
C ILE B 714 13.26 23.05 4.23
N ALA B 715 12.82 22.75 5.44
CA ALA B 715 11.76 23.49 6.08
C ALA B 715 12.08 24.98 6.14
N GLY B 716 11.08 25.78 5.79
CA GLY B 716 11.25 27.21 5.71
C GLY B 716 11.18 27.94 7.02
N LYS B 717 11.20 29.25 6.90
CA LYS B 717 11.39 30.08 8.08
C LYS B 717 10.13 30.12 8.93
N GLU B 718 8.99 29.91 8.28
CA GLU B 718 7.71 29.97 8.97
C GLU B 718 7.37 28.61 9.61
N ALA B 719 8.30 27.65 9.50
CA ALA B 719 8.12 26.30 10.10
C ALA B 719 8.88 26.17 11.40
N VAL B 720 8.29 25.45 12.33
CA VAL B 720 8.95 25.23 13.59
C VAL B 720 10.23 24.43 13.36
N ARG B 721 10.18 23.60 12.33
CA ARG B 721 11.28 22.70 11.99
C ARG B 721 12.24 23.32 10.94
N HIS B 722 12.28 24.65 10.89
CA HIS B 722 13.10 25.39 9.91
C HIS B 722 14.50 24.78 9.85
N GLY B 723 14.90 24.39 8.64
CA GLY B 723 16.20 23.77 8.47
C GLY B 723 16.23 22.25 8.33
N GLU B 724 15.16 21.56 8.73
CA GLU B 724 15.12 20.11 8.60
C GLU B 724 14.73 19.72 7.21
N ALA B 725 15.45 18.75 6.65
CA ALA B 725 15.22 18.32 5.28
C ALA B 725 14.33 17.07 5.18
N LYS B 726 13.57 17.02 4.06
CA LYS B 726 12.84 15.81 3.65
C LYS B 726 13.12 15.53 2.17
N ASN B 727 12.80 14.31 1.73
CA ASN B 727 12.90 13.88 0.30
C ASN B 727 14.34 13.96 -0.30
N SER B 728 15.24 13.30 0.42
CA SER B 728 16.62 13.14 0.01
C SER B 728 16.82 12.24 -1.21
N TRP B 729 17.98 12.44 -1.85
CA TRP B 729 18.53 11.68 -2.99
C TRP B 729 17.84 11.86 -4.35
N LEU B 730 16.58 11.46 -4.50
CA LEU B 730 15.98 11.44 -5.81
C LEU B 730 15.34 12.80 -6.06
N THR B 731 16.05 13.67 -6.75
CA THR B 731 15.59 15.02 -6.94
C THR B 731 16.36 15.76 -8.02
N GLY B 732 15.67 16.65 -8.73
CA GLY B 732 16.28 17.46 -9.76
C GLY B 732 17.30 18.43 -9.18
N THR B 733 17.21 18.63 -7.87
CA THR B 733 18.17 19.48 -7.18
C THR B 733 19.61 19.11 -7.56
N ALA B 734 19.89 17.82 -7.65
CA ALA B 734 21.25 17.38 -8.01
C ALA B 734 21.71 17.96 -9.34
N ALA B 735 20.91 17.75 -10.35
CA ALA B 735 21.26 18.23 -11.68
C ALA B 735 21.43 19.72 -11.70
N TRP B 736 20.42 20.47 -11.28
CA TRP B 736 20.53 21.93 -11.31
C TRP B 736 21.69 22.49 -10.46
N ASN B 737 22.01 21.85 -9.36
CA ASN B 737 23.12 22.33 -8.57
C ASN B 737 24.44 22.00 -9.28
N PHE B 738 24.49 20.89 -10.02
CA PHE B 738 25.74 20.60 -10.73
C PHE B 738 25.93 21.57 -11.86
N VAL B 739 24.85 21.87 -12.55
CA VAL B 739 24.93 22.84 -13.62
C VAL B 739 25.40 24.20 -13.09
N THR B 740 24.86 24.58 -11.94
CA THR B 740 25.16 25.84 -11.34
C THR B 740 26.64 25.95 -10.99
N VAL B 741 27.16 24.97 -10.25
CA VAL B 741 28.53 25.15 -9.72
C VAL B 741 29.60 24.89 -10.80
N SER B 742 29.30 23.95 -11.71
CA SER B 742 30.28 23.59 -12.75
C SER B 742 30.25 24.56 -13.95
N GLN B 743 29.06 25.05 -14.30
CA GLN B 743 28.89 25.92 -15.46
C GLN B 743 28.80 27.43 -15.22
N TYR B 744 28.43 27.89 -14.01
CA TYR B 744 28.20 29.33 -13.79
C TYR B 744 29.07 29.92 -12.67
N LEU B 745 29.19 29.23 -11.53
CA LEU B 745 30.12 29.62 -10.46
C LEU B 745 31.57 29.39 -10.91
N LEU B 746 31.93 28.14 -11.13
CA LEU B 746 33.22 27.83 -11.76
C LEU B 746 33.26 28.31 -13.22
N GLY B 747 32.12 28.38 -13.90
CA GLY B 747 32.02 29.10 -15.16
C GLY B 747 32.48 28.38 -16.42
N VAL B 748 32.64 27.07 -16.34
CA VAL B 748 33.07 26.31 -17.50
C VAL B 748 31.88 25.58 -18.14
N ARG B 749 31.47 26.03 -19.32
CA ARG B 749 30.30 25.49 -19.92
C ARG B 749 30.33 25.42 -21.43
N PRO B 750 29.96 24.24 -21.97
N PRO B 750 29.99 24.24 -21.99
CA PRO B 750 30.05 23.98 -23.40
CA PRO B 750 30.12 23.99 -23.43
C PRO B 750 29.06 24.78 -24.23
C PRO B 750 29.10 24.78 -24.23
N GLU B 751 29.46 25.27 -25.38
CA GLU B 751 28.68 25.93 -26.39
C GLU B 751 28.81 25.23 -27.73
N TYR B 752 28.01 25.68 -28.66
CA TYR B 752 28.05 25.05 -29.97
C TYR B 752 29.39 25.24 -30.64
N ASP B 753 30.04 26.35 -30.33
CA ASP B 753 31.23 26.73 -31.10
C ASP B 753 32.50 26.73 -30.30
N GLY B 754 32.43 26.31 -29.04
CA GLY B 754 33.54 26.45 -28.12
C GLY B 754 33.12 26.23 -26.68
N LEU B 755 34.12 26.22 -25.79
CA LEU B 755 33.90 26.08 -24.36
C LEU B 755 33.92 27.51 -23.81
N VAL B 756 32.87 27.91 -23.09
CA VAL B 756 32.84 29.24 -22.51
C VAL B 756 33.49 29.20 -21.16
N VAL B 757 34.37 30.14 -20.88
CA VAL B 757 35.01 30.16 -19.58
C VAL B 757 34.75 31.48 -18.89
N ASP B 758 33.87 31.44 -17.89
CA ASP B 758 33.27 32.67 -17.36
C ASP B 758 32.98 32.58 -15.88
N PRO B 759 34.02 32.43 -15.07
CA PRO B 759 33.87 32.22 -13.63
C PRO B 759 33.22 33.39 -12.92
N GLN B 760 32.34 33.09 -11.95
CA GLN B 760 31.74 34.13 -11.10
C GLN B 760 31.39 33.53 -9.79
N ILE B 761 32.38 33.49 -8.92
CA ILE B 761 32.22 32.79 -7.67
C ILE B 761 32.54 33.67 -6.44
N GLY B 762 33.05 34.87 -6.67
CA GLY B 762 33.38 35.77 -5.57
C GLY B 762 34.67 35.44 -4.86
N PRO B 763 34.98 36.18 -3.78
CA PRO B 763 36.31 36.19 -3.14
C PRO B 763 36.74 34.96 -2.35
N ASP B 764 35.80 34.09 -2.05
CA ASP B 764 36.06 32.98 -1.17
C ASP B 764 36.88 31.87 -1.86
N VAL B 765 36.95 31.94 -3.17
CA VAL B 765 37.72 30.95 -3.94
C VAL B 765 38.66 31.68 -4.87
N PRO B 766 39.73 32.21 -4.31
CA PRO B 766 40.75 33.03 -4.95
C PRO B 766 41.50 32.33 -6.07
N SER B 767 41.79 31.03 -5.92
CA SER B 767 42.52 30.30 -6.95
C SER B 767 41.93 28.91 -7.12
N PHE B 768 41.85 28.47 -8.35
CA PHE B 768 41.33 27.13 -8.67
C PHE B 768 41.63 26.70 -10.11
N THR B 769 41.61 25.38 -10.32
CA THR B 769 41.87 24.79 -11.63
C THR B 769 40.80 23.81 -12.00
N VAL B 770 40.17 23.99 -13.16
CA VAL B 770 39.19 23.06 -13.66
C VAL B 770 39.80 22.24 -14.81
N THR B 771 39.63 20.94 -14.73
CA THR B 771 40.05 20.05 -15.73
C THR B 771 38.80 19.50 -16.37
N ARG B 772 38.57 19.84 -17.62
CA ARG B 772 37.35 19.47 -18.29
C ARG B 772 37.71 18.74 -19.54
N VAL B 773 37.02 17.64 -19.80
CA VAL B 773 37.20 16.91 -21.04
C VAL B 773 35.98 17.21 -21.88
N ALA B 774 36.22 17.73 -23.08
CA ALA B 774 35.15 18.16 -23.98
C ALA B 774 35.53 17.94 -25.45
N ARG B 775 34.58 17.40 -26.20
CA ARG B 775 34.74 16.98 -27.58
C ARG B 775 36.08 16.32 -27.81
N GLY B 776 36.45 15.44 -26.89
CA GLY B 776 37.60 14.59 -27.10
C GLY B 776 38.90 15.21 -26.69
N ALA B 777 38.84 16.43 -26.19
CA ALA B 777 40.06 17.05 -25.64
C ALA B 777 40.00 17.44 -24.18
N THR B 778 41.17 17.63 -23.61
CA THR B 778 41.30 18.07 -22.23
C THR B 778 41.61 19.55 -22.13
N TYR B 779 40.86 20.24 -21.26
CA TYR B 779 41.08 21.66 -21.04
C TYR B 779 41.49 21.86 -19.61
N GLU B 780 42.68 22.42 -19.41
CA GLU B 780 43.17 22.76 -18.07
C GLU B 780 42.96 24.23 -17.89
N ILE B 781 42.00 24.60 -17.06
CA ILE B 781 41.66 25.98 -16.88
C ILE B 781 42.13 26.43 -15.51
N THR B 782 43.16 27.29 -15.47
CA THR B 782 43.65 27.79 -14.19
C THR B 782 43.19 29.21 -13.96
N VAL B 783 42.56 29.45 -12.83
CA VAL B 783 41.92 30.72 -12.59
C VAL B 783 42.44 31.44 -11.36
N THR B 784 42.77 32.70 -11.55
CA THR B 784 43.16 33.59 -10.47
C THR B 784 42.05 34.61 -10.31
N ASN B 785 41.48 34.69 -9.11
CA ASN B 785 40.14 35.28 -8.93
C ASN B 785 40.08 36.30 -7.81
N SER B 786 39.80 37.55 -8.17
CA SER B 786 39.72 38.61 -7.16
C SER B 786 38.33 38.63 -6.51
N GLY B 787 37.30 38.15 -7.22
CA GLY B 787 35.97 38.03 -6.63
C GLY B 787 35.13 39.30 -6.65
N THR B 788 35.65 40.33 -7.31
CA THR B 788 34.94 41.59 -7.40
C THR B 788 33.64 41.52 -8.19
N ASP B 789 32.54 42.06 -7.64
CA ASP B 789 31.29 42.07 -8.45
C ASP B 789 31.59 42.73 -9.78
N GLY B 790 31.03 42.14 -10.83
CA GLY B 790 31.15 42.72 -12.16
C GLY B 790 32.47 42.42 -12.86
N SER B 791 33.35 41.70 -12.20
CA SER B 791 34.64 41.44 -12.86
C SER B 791 34.51 40.17 -13.63
N ARG B 792 34.80 40.24 -14.92
CA ARG B 792 34.72 39.03 -15.75
C ARG B 792 36.13 38.55 -16.21
N GLY B 793 36.22 37.24 -16.43
CA GLY B 793 37.46 36.59 -16.83
C GLY B 793 38.06 37.02 -18.17
N ARG B 794 39.36 37.29 -18.15
CA ARG B 794 40.15 37.47 -19.37
C ARG B 794 41.02 36.25 -19.61
N LEU B 795 41.00 35.78 -20.85
CA LEU B 795 41.59 34.47 -21.15
C LEU B 795 42.89 34.57 -21.91
N VAL B 796 43.74 33.62 -21.57
CA VAL B 796 44.99 33.40 -22.27
C VAL B 796 45.00 31.93 -22.68
N VAL B 797 44.95 31.68 -23.97
CA VAL B 797 44.94 30.33 -24.45
C VAL B 797 46.33 29.83 -24.92
N ASP B 798 46.79 28.73 -24.32
CA ASP B 798 48.14 28.22 -24.61
C ASP B 798 49.17 29.32 -24.75
N GLY B 799 49.27 30.21 -23.77
CA GLY B 799 50.33 31.21 -23.77
C GLY B 799 49.97 32.55 -24.43
N THR B 800 48.94 32.58 -25.28
CA THR B 800 48.57 33.82 -25.96
C THR B 800 47.16 34.34 -25.62
N PRO B 801 47.08 35.64 -25.35
CA PRO B 801 45.85 36.31 -24.93
C PRO B 801 44.81 36.25 -26.02
N VAL B 802 43.56 36.15 -25.61
CA VAL B 802 42.47 36.06 -26.55
C VAL B 802 41.38 37.01 -26.08
N GLU B 803 40.49 37.42 -26.99
CA GLU B 803 39.37 38.26 -26.61
C GLU B 803 38.13 37.42 -26.37
N GLY B 804 37.24 37.94 -25.51
CA GLY B 804 36.02 37.23 -25.22
C GLY B 804 36.23 36.09 -24.25
N ASN B 805 35.19 35.29 -24.05
CA ASN B 805 35.21 34.17 -23.09
C ASN B 805 35.06 32.81 -23.76
N LEU B 806 35.14 32.77 -25.08
CA LEU B 806 34.97 31.53 -25.80
C LEU B 806 36.30 30.91 -26.25
N VAL B 807 36.51 29.66 -25.87
CA VAL B 807 37.70 28.91 -26.25
C VAL B 807 37.32 27.88 -27.30
N PRO B 808 37.78 28.07 -28.55
CA PRO B 808 37.36 27.21 -29.66
C PRO B 808 37.76 25.74 -29.44
N TYR B 809 36.94 24.81 -29.92
CA TYR B 809 37.16 23.40 -29.60
C TYR B 809 38.40 22.89 -30.33
N ALA B 810 39.32 22.33 -29.55
CA ALA B 810 40.55 21.73 -30.07
C ALA B 810 40.32 20.32 -30.61
N PRO B 811 41.16 19.88 -31.54
N PRO B 811 41.22 19.87 -31.51
CA PRO B 811 41.07 18.50 -32.00
CA PRO B 811 41.14 18.51 -32.03
C PRO B 811 41.19 17.50 -30.87
C PRO B 811 41.22 17.49 -30.90
N ALA B 812 40.41 16.44 -30.98
CA ALA B 812 40.42 15.37 -30.00
C ALA B 812 41.82 14.88 -29.79
N GLY B 813 42.14 14.56 -28.56
CA GLY B 813 43.48 14.12 -28.27
C GLY B 813 44.30 15.25 -27.71
N SER B 814 43.97 16.49 -28.06
CA SER B 814 44.86 17.57 -27.58
C SER B 814 44.59 18.04 -26.14
N THR B 815 45.52 18.87 -25.66
CA THR B 815 45.50 19.40 -24.30
C THR B 815 45.68 20.92 -24.43
N VAL B 816 44.70 21.67 -23.94
CA VAL B 816 44.65 23.13 -24.13
C VAL B 816 44.73 23.77 -22.77
N ARG B 817 45.68 24.67 -22.57
CA ARG B 817 45.85 25.26 -21.25
C ARG B 817 45.37 26.70 -21.29
N VAL B 818 44.42 26.99 -20.41
CA VAL B 818 43.75 28.28 -20.41
C VAL B 818 43.99 28.96 -19.09
N ASP B 819 44.49 30.19 -19.12
CA ASP B 819 44.69 30.94 -17.90
C ASP B 819 43.64 32.06 -17.85
N VAL B 820 43.05 32.27 -16.67
CA VAL B 820 41.97 33.19 -16.53
C VAL B 820 42.27 34.09 -15.33
N THR B 821 42.00 35.37 -15.52
CA THR B 821 42.22 36.36 -14.49
C THR B 821 41.00 37.25 -14.40
N LEU B 822 40.53 37.44 -13.18
CA LEU B 822 39.38 38.33 -12.98
C LEU B 822 39.38 38.87 -11.57
S SO4 C . -12.36 0.34 -4.68
O1 SO4 C . -12.19 -0.43 -5.89
O2 SO4 C . -13.59 -0.08 -4.01
O3 SO4 C . -11.27 0.04 -3.76
O4 SO4 C . -12.38 1.77 -4.95
S SO4 D . -16.37 -15.80 0.50
O1 SO4 D . -15.92 -16.29 -0.81
O2 SO4 D . -17.55 -14.95 0.35
O3 SO4 D . -16.66 -17.01 1.26
O4 SO4 D . -15.29 -15.01 1.13
C1 GOL E . -9.87 -13.40 -6.51
O1 GOL E . -9.40 -12.32 -5.73
C2 GOL E . -8.88 -14.56 -6.33
O2 GOL E . -7.61 -14.04 -5.90
C3 GOL E . -9.41 -15.54 -5.32
O3 GOL E . -8.59 -16.69 -5.29
H11 GOL E . -9.92 -13.11 -7.56
H12 GOL E . -10.86 -13.70 -6.18
HO1 GOL E . -9.98 -11.54 -5.87
H2 GOL E . -8.76 -15.06 -7.29
HO2 GOL E . -7.71 -13.60 -5.03
H31 GOL E . -10.43 -15.83 -5.59
H32 GOL E . -9.44 -15.08 -4.33
HO3 GOL E . -8.35 -16.95 -6.21
C1 GOL F . -16.44 -16.68 -5.36
O1 GOL F . -17.47 -16.46 -4.45
C2 GOL F . -15.18 -16.98 -4.58
O2 GOL F . -14.79 -15.76 -3.99
C3 GOL F . -14.12 -17.58 -5.49
O3 GOL F . -13.81 -18.81 -4.96
H11 GOL F . -16.30 -15.80 -5.99
H12 GOL F . -16.70 -17.53 -6.01
HO1 GOL F . -18.28 -16.19 -4.94
H2 GOL F . -15.42 -17.71 -3.80
HO2 GOL F . -13.98 -15.90 -3.45
H31 GOL F . -13.23 -16.93 -5.52
H32 GOL F . -14.50 -17.68 -6.51
HO3 GOL F . -12.84 -18.87 -4.82
S SO4 G . 2.73 3.87 -12.43
O1 SO4 G . 3.99 4.50 -12.73
O2 SO4 G . 2.02 3.55 -13.65
O3 SO4 G . 3.01 2.62 -11.71
O4 SO4 G . 1.96 4.78 -11.61
S SO4 H . 12.23 17.63 -7.37
O1 SO4 H . 12.69 17.09 -8.68
O2 SO4 H . 10.96 18.33 -7.50
O3 SO4 H . 12.00 16.50 -6.47
O4 SO4 H . 13.16 18.61 -6.82
C1 GOL I . 4.01 18.29 -4.21
O1 GOL I . 3.31 18.88 -3.13
C2 GOL I . 3.30 17.01 -4.57
O2 GOL I . 2.11 16.80 -3.80
C3 GOL I . 2.99 16.97 -6.06
O3 GOL I . 2.96 15.59 -6.32
H11 GOL I . 5.04 18.08 -3.91
H12 GOL I . 4.02 18.97 -5.07
HO1 GOL I . 3.78 19.68 -2.83
H2 GOL I . 3.99 16.20 -4.36
HO2 GOL I . 1.46 17.49 -4.01
H31 GOL I . 3.77 17.46 -6.63
H32 GOL I . 2.04 17.44 -6.27
HO3 GOL I . 2.18 15.38 -6.88
C1 GOL J . 7.36 21.40 -7.78
O1 GOL J . 6.11 21.29 -7.18
C2 GOL J . 7.75 19.99 -8.25
O2 GOL J . 9.06 19.76 -7.78
C3 GOL J . 7.67 19.92 -9.78
O3 GOL J . 8.74 20.64 -10.40
H11 GOL J . 8.09 21.78 -7.07
H12 GOL J . 7.32 22.08 -8.63
HO1 GOL J . 5.85 22.15 -6.80
H2 GOL J . 7.05 19.27 -7.82
HO2 GOL J . 9.35 18.88 -8.08
H31 GOL J . 6.72 20.35 -10.10
H32 GOL J . 7.70 18.89 -10.10
HO3 GOL J . 8.42 21.51 -10.70
#